data_2QDG
#
_entry.id   2QDG
#
_cell.length_a   85.109
_cell.length_b   117.090
_cell.length_c   161.798
_cell.angle_alpha   90.00
_cell.angle_beta   90.00
_cell.angle_gamma   90.00
#
_symmetry.space_group_name_H-M   'P 21 21 21'
#
loop_
_entity.id
_entity.type
_entity.pdbx_description
1 polymer 'Fructose-1,6-bisphosphate aldolase'
2 non-polymer 'PHOSPHATE ION'
3 non-polymer '1,6-FRUCTOSE DIPHOSPHATE (LINEAR FORM)'
4 water water
#
_entity_poly.entity_id   1
_entity_poly.type   'polypeptide(L)'
_entity_poly.pdbx_seq_one_letter_code
;MGSSHHHHHHSSGLVPRGSHMSRVTVLQSQLPAYNRLKTPYESELIATVKKLTTPGKGLLAADESIGSCTKRFQPIGLSN
TEEHRRQYRALMLEAEGFEQYISGVILHDETVGQKASNGQTFPEYLTARGVVPGIKTDMGLCPLLEGAEGEQMTEGLDGY
VKRASAYYKKGCRFCKWRNVYKIQNGTVSESAVRFNAETLARYAILSQMSGLVPIVEPEVMIDGKHDIDTCQRVSEHVWR
EVVAALQRHGVIWEGCLLKPNMVVPGAESGKTAAPEQVAHYTVMTLARTMPAMLPGVMFLSGGLSEVQASEYLNAINNSP
LPRPYFLSFSYARALQSSALKAWGGKESGLAAGRRAFLHRARMNSMAQLGKYKRSDDDASSSSLYVKGNTY
;
_entity_poly.pdbx_strand_id   A,B,C,D
#
# COMPACT_ATOMS: atom_id res chain seq x y z
N MET A 21 -16.89 -13.47 16.13
CA MET A 21 -17.79 -13.71 17.29
C MET A 21 -19.15 -13.04 17.05
N SER A 22 -19.17 -11.71 17.03
CA SER A 22 -20.40 -10.95 16.80
C SER A 22 -20.64 -10.81 15.29
N ARG A 23 -21.90 -10.88 14.88
CA ARG A 23 -22.24 -10.77 13.47
C ARG A 23 -22.92 -9.45 13.13
N VAL A 24 -22.88 -9.10 11.85
CA VAL A 24 -23.49 -7.87 11.38
C VAL A 24 -23.80 -7.95 9.91
N THR A 25 -24.94 -7.38 9.51
CA THR A 25 -25.36 -7.38 8.12
C THR A 25 -24.88 -6.10 7.45
N VAL A 26 -24.09 -6.25 6.39
CA VAL A 26 -23.58 -5.09 5.69
C VAL A 26 -23.97 -5.14 4.22
N LEU A 27 -23.86 -4.02 3.52
CA LEU A 27 -24.16 -4.00 2.10
C LEU A 27 -23.01 -4.74 1.44
N GLN A 28 -23.33 -5.61 0.49
CA GLN A 28 -22.30 -6.36 -0.20
C GLN A 28 -21.25 -5.43 -0.80
N SER A 29 -21.69 -4.26 -1.24
CA SER A 29 -20.80 -3.29 -1.86
C SER A 29 -19.81 -2.66 -0.88
N GLN A 30 -20.00 -2.91 0.40
CA GLN A 30 -19.10 -2.40 1.42
C GLN A 30 -17.97 -3.39 1.67
N LEU A 31 -18.07 -4.57 1.07
CA LEU A 31 -17.02 -5.57 1.24
C LEU A 31 -15.94 -5.36 0.15
N PRO A 32 -14.66 -5.41 0.53
CA PRO A 32 -13.56 -5.23 -0.42
C PRO A 32 -13.61 -6.08 -1.69
N ALA A 33 -13.91 -7.37 -1.55
CA ALA A 33 -13.96 -8.27 -2.69
C ALA A 33 -15.04 -7.97 -3.72
N TYR A 34 -15.97 -7.09 -3.38
CA TYR A 34 -17.07 -6.75 -4.29
C TYR A 34 -16.95 -5.32 -4.76
N ASN A 35 -15.73 -4.90 -5.10
CA ASN A 35 -15.50 -3.54 -5.54
C ASN A 35 -15.53 -3.30 -7.04
N ARG A 36 -15.85 -4.32 -7.84
CA ARG A 36 -15.89 -4.12 -9.29
C ARG A 36 -16.93 -3.05 -9.62
N LEU A 37 -16.56 -2.12 -10.50
CA LEU A 37 -17.47 -1.04 -10.86
C LEU A 37 -18.78 -1.56 -11.47
N LYS A 38 -19.88 -0.94 -11.09
CA LYS A 38 -21.20 -1.32 -11.61
C LYS A 38 -21.77 -0.23 -12.50
N THR A 39 -21.89 -0.54 -13.79
CA THR A 39 -22.43 0.43 -14.73
C THR A 39 -23.37 -0.25 -15.70
N PRO A 40 -24.46 0.45 -16.08
CA PRO A 40 -25.45 -0.11 -17.02
C PRO A 40 -24.87 -0.12 -18.43
N TYR A 41 -23.78 0.63 -18.59
CA TYR A 41 -23.09 0.75 -19.87
C TYR A 41 -22.11 -0.38 -20.16
N GLU A 42 -21.97 -1.34 -19.25
CA GLU A 42 -21.02 -2.42 -19.45
C GLU A 42 -21.05 -3.06 -20.86
N SER A 43 -22.22 -3.55 -21.26
CA SER A 43 -22.37 -4.20 -22.57
C SER A 43 -21.85 -3.33 -23.70
N GLU A 44 -22.29 -2.07 -23.71
CA GLU A 44 -21.89 -1.14 -24.73
C GLU A 44 -20.39 -0.90 -24.69
N LEU A 45 -19.83 -0.84 -23.49
CA LEU A 45 -18.40 -0.61 -23.35
C LEU A 45 -17.64 -1.75 -24.02
N ILE A 46 -18.04 -2.98 -23.70
CA ILE A 46 -17.42 -4.16 -24.27
C ILE A 46 -17.55 -4.21 -25.78
N ALA A 47 -18.72 -3.82 -26.31
CA ALA A 47 -18.93 -3.82 -27.75
C ALA A 47 -17.97 -2.82 -28.41
N THR A 48 -17.87 -1.64 -27.81
CA THR A 48 -16.99 -0.61 -28.33
C THR A 48 -15.57 -1.15 -28.38
N VAL A 49 -15.12 -1.76 -27.28
CA VAL A 49 -13.78 -2.34 -27.23
C VAL A 49 -13.61 -3.30 -28.39
N LYS A 50 -14.61 -4.15 -28.61
CA LYS A 50 -14.53 -5.09 -29.72
C LYS A 50 -14.36 -4.34 -31.05
N LYS A 51 -15.11 -3.26 -31.25
CA LYS A 51 -14.98 -2.48 -32.48
C LYS A 51 -13.60 -1.86 -32.59
N LEU A 52 -13.06 -1.40 -31.46
CA LEU A 52 -11.76 -0.76 -31.45
C LEU A 52 -10.59 -1.72 -31.53
N THR A 53 -10.88 -3.02 -31.48
CA THR A 53 -9.80 -4.01 -31.58
C THR A 53 -10.04 -4.93 -32.75
N THR A 54 -10.40 -4.34 -33.89
CA THR A 54 -10.65 -5.10 -35.12
C THR A 54 -9.33 -5.34 -35.85
N PRO A 55 -9.06 -6.60 -36.24
CA PRO A 55 -7.83 -6.95 -36.95
C PRO A 55 -7.51 -6.00 -38.10
N GLY A 56 -6.25 -5.57 -38.18
CA GLY A 56 -5.84 -4.67 -39.24
C GLY A 56 -6.16 -3.20 -39.03
N LYS A 57 -6.91 -2.87 -37.99
CA LYS A 57 -7.28 -1.49 -37.75
C LYS A 57 -6.68 -0.86 -36.48
N GLY A 58 -6.52 0.45 -36.51
CA GLY A 58 -5.97 1.17 -35.38
C GLY A 58 -6.71 2.47 -35.15
N LEU A 59 -6.29 3.22 -34.15
CA LEU A 59 -6.95 4.48 -33.85
C LEU A 59 -6.15 5.66 -34.36
N LEU A 60 -6.86 6.66 -34.86
CA LEU A 60 -6.22 7.88 -35.32
C LEU A 60 -6.38 8.87 -34.18
N ALA A 61 -5.28 9.47 -33.75
CA ALA A 61 -5.30 10.44 -32.67
C ALA A 61 -5.17 11.84 -33.24
N ALA A 62 -6.28 12.57 -33.31
CA ALA A 62 -6.29 13.92 -33.84
C ALA A 62 -6.78 14.89 -32.79
N ASP A 63 -6.39 14.63 -31.54
CA ASP A 63 -6.80 15.44 -30.40
C ASP A 63 -5.81 16.51 -29.90
N GLU A 64 -4.92 16.96 -30.77
CA GLU A 64 -3.95 17.98 -30.35
C GLU A 64 -4.62 19.25 -29.85
N SER A 65 -3.94 19.93 -28.92
CA SER A 65 -4.42 21.17 -28.34
C SER A 65 -4.20 22.29 -29.34
N ILE A 66 -4.92 23.39 -29.17
CA ILE A 66 -4.77 24.53 -30.05
C ILE A 66 -3.29 24.91 -30.06
N GLY A 67 -2.68 24.82 -28.88
CA GLY A 67 -1.27 25.15 -28.77
C GLY A 67 -0.38 24.17 -29.52
N SER A 68 -0.82 22.93 -29.58
CA SER A 68 -0.07 21.88 -30.27
C SER A 68 -0.23 21.99 -31.78
N CYS A 69 -1.35 22.55 -32.21
CA CYS A 69 -1.64 22.74 -33.63
C CYS A 69 -0.69 23.76 -34.24
N THR A 70 -0.36 24.78 -33.47
CA THR A 70 0.54 25.83 -33.95
C THR A 70 1.90 25.26 -34.33
N LYS A 71 2.37 24.28 -33.54
CA LYS A 71 3.67 23.66 -33.79
C LYS A 71 3.64 22.81 -35.05
N ARG A 72 2.48 22.28 -35.38
CA ARG A 72 2.31 21.45 -36.57
C ARG A 72 2.07 22.31 -37.81
N PHE A 73 1.46 23.47 -37.62
CA PHE A 73 1.19 24.38 -38.73
C PHE A 73 2.45 25.14 -39.13
N GLN A 74 3.48 25.05 -38.30
CA GLN A 74 4.74 25.72 -38.57
C GLN A 74 5.36 25.23 -39.88
N PRO A 75 5.65 23.91 -39.98
CA PRO A 75 6.25 23.41 -41.22
C PRO A 75 5.52 23.86 -42.49
N ILE A 76 4.19 23.94 -42.42
CA ILE A 76 3.38 24.32 -43.58
C ILE A 76 3.03 25.80 -43.63
N GLY A 77 3.49 26.56 -42.64
CA GLY A 77 3.20 27.98 -42.62
C GLY A 77 1.72 28.29 -42.71
N LEU A 78 0.95 27.71 -41.79
CA LEU A 78 -0.50 27.91 -41.77
C LEU A 78 -0.89 28.66 -40.50
N SER A 79 -1.94 29.48 -40.59
CA SER A 79 -2.39 30.24 -39.43
C SER A 79 -3.28 29.38 -38.56
N ASN A 80 -2.97 29.33 -37.27
CA ASN A 80 -3.75 28.54 -36.33
C ASN A 80 -5.08 29.22 -36.02
N THR A 81 -6.07 28.96 -36.86
CA THR A 81 -7.39 29.52 -36.68
C THR A 81 -8.36 28.35 -36.48
N GLU A 82 -9.53 28.64 -35.93
CA GLU A 82 -10.50 27.60 -35.70
C GLU A 82 -10.86 26.89 -36.99
N GLU A 83 -11.12 27.67 -38.04
CA GLU A 83 -11.48 27.12 -39.33
C GLU A 83 -10.38 26.24 -39.94
N HIS A 84 -9.13 26.68 -39.80
CA HIS A 84 -8.00 25.91 -40.32
C HIS A 84 -7.83 24.60 -39.57
N ARG A 85 -8.09 24.63 -38.27
CA ARG A 85 -7.98 23.42 -37.46
C ARG A 85 -9.08 22.44 -37.87
N ARG A 86 -10.20 22.96 -38.37
CA ARG A 86 -11.29 22.11 -38.80
C ARG A 86 -10.86 21.39 -40.06
N GLN A 87 -10.26 22.14 -40.98
CA GLN A 87 -9.79 21.59 -42.24
C GLN A 87 -8.68 20.58 -41.99
N TYR A 88 -7.85 20.89 -41.01
CA TYR A 88 -6.75 20.03 -40.61
C TYR A 88 -7.30 18.63 -40.28
N ARG A 89 -8.43 18.57 -39.57
CA ARG A 89 -9.02 17.29 -39.21
C ARG A 89 -9.79 16.70 -40.40
N ALA A 90 -10.63 17.52 -41.02
CA ALA A 90 -11.41 17.09 -42.18
C ALA A 90 -10.49 16.46 -43.21
N LEU A 91 -9.28 17.01 -43.32
CA LEU A 91 -8.29 16.50 -44.26
C LEU A 91 -8.21 14.99 -44.09
N MET A 92 -8.10 14.56 -42.84
CA MET A 92 -8.01 13.15 -42.52
C MET A 92 -9.38 12.49 -42.33
N LEU A 93 -10.26 13.11 -41.56
CA LEU A 93 -11.57 12.52 -41.31
C LEU A 93 -12.41 12.26 -42.56
N GLU A 94 -12.33 13.14 -43.55
CA GLU A 94 -13.10 12.97 -44.77
C GLU A 94 -12.31 12.32 -45.91
N ALA A 95 -11.24 11.63 -45.55
CA ALA A 95 -10.42 10.93 -46.54
C ALA A 95 -11.15 9.64 -46.89
N GLU A 96 -11.61 9.54 -48.13
CA GLU A 96 -12.35 8.36 -48.57
C GLU A 96 -11.62 7.06 -48.31
N GLY A 97 -12.35 6.11 -47.72
CA GLY A 97 -11.81 4.80 -47.42
C GLY A 97 -10.77 4.67 -46.32
N PHE A 98 -10.80 5.52 -45.31
CA PHE A 98 -9.80 5.40 -44.26
C PHE A 98 -10.27 4.38 -43.21
N GLU A 99 -11.57 4.14 -43.16
CA GLU A 99 -12.15 3.20 -42.21
C GLU A 99 -11.59 1.80 -42.37
N GLN A 100 -10.95 1.53 -43.49
CA GLN A 100 -10.38 0.19 -43.72
C GLN A 100 -9.19 -0.01 -42.80
N TYR A 101 -8.64 1.09 -42.29
CA TYR A 101 -7.47 1.04 -41.42
C TYR A 101 -7.72 1.68 -40.05
N ILE A 102 -8.70 2.57 -39.98
CA ILE A 102 -9.02 3.27 -38.75
C ILE A 102 -10.35 2.81 -38.15
N SER A 103 -10.31 2.37 -36.89
CA SER A 103 -11.51 1.89 -36.22
C SER A 103 -12.09 2.96 -35.29
N GLY A 104 -11.25 3.91 -34.89
CA GLY A 104 -11.71 4.96 -34.00
C GLY A 104 -10.84 6.20 -34.10
N VAL A 105 -11.41 7.36 -33.75
CA VAL A 105 -10.67 8.62 -33.82
C VAL A 105 -10.76 9.40 -32.53
N ILE A 106 -9.62 9.80 -31.98
CA ILE A 106 -9.64 10.57 -30.74
C ILE A 106 -9.77 12.03 -31.17
N LEU A 107 -10.90 12.65 -30.84
CA LEU A 107 -11.11 14.04 -31.21
C LEU A 107 -10.79 14.99 -30.08
N HIS A 108 -10.52 16.24 -30.45
CA HIS A 108 -10.23 17.28 -29.47
C HIS A 108 -11.58 17.90 -29.16
N ASP A 109 -11.73 18.46 -27.97
CA ASP A 109 -12.99 19.07 -27.53
C ASP A 109 -13.63 19.89 -28.64
N GLU A 110 -12.84 20.73 -29.28
CA GLU A 110 -13.34 21.60 -30.34
C GLU A 110 -13.94 20.86 -31.53
N THR A 111 -13.16 19.96 -32.10
CA THR A 111 -13.58 19.18 -33.25
C THR A 111 -14.88 18.41 -33.02
N VAL A 112 -15.18 18.12 -31.76
CA VAL A 112 -16.40 17.39 -31.40
C VAL A 112 -17.65 18.14 -31.86
N GLY A 113 -17.60 19.47 -31.77
CA GLY A 113 -18.76 20.27 -32.15
C GLY A 113 -18.69 20.88 -33.54
N GLN A 114 -17.69 20.51 -34.33
CA GLN A 114 -17.58 21.06 -35.67
C GLN A 114 -18.25 20.13 -36.68
N LYS A 115 -18.77 20.71 -37.75
CA LYS A 115 -19.47 19.96 -38.78
C LYS A 115 -18.58 19.59 -39.96
N ALA A 116 -18.95 18.52 -40.65
CA ALA A 116 -18.21 18.08 -41.83
C ALA A 116 -18.84 18.83 -43.02
N SER A 117 -18.27 18.66 -44.20
CA SER A 117 -18.80 19.34 -45.39
C SER A 117 -20.24 18.98 -45.76
N ASN A 118 -20.75 17.88 -45.21
CA ASN A 118 -22.12 17.48 -45.52
C ASN A 118 -23.10 18.00 -44.47
N GLY A 119 -22.60 18.78 -43.52
CA GLY A 119 -23.46 19.33 -42.49
C GLY A 119 -23.49 18.67 -41.12
N GLN A 120 -23.32 17.35 -41.08
CA GLN A 120 -23.34 16.67 -39.79
C GLN A 120 -22.04 16.83 -39.01
N THR A 121 -22.13 16.68 -37.69
CA THR A 121 -20.96 16.81 -36.82
C THR A 121 -20.02 15.64 -37.09
N PHE A 122 -18.73 15.83 -36.87
CA PHE A 122 -17.77 14.76 -37.09
C PHE A 122 -18.18 13.45 -36.40
N PRO A 123 -18.70 13.53 -35.16
CA PRO A 123 -19.11 12.29 -34.50
C PRO A 123 -20.21 11.59 -35.31
N GLU A 124 -21.13 12.37 -35.87
CA GLU A 124 -22.22 11.81 -36.67
C GLU A 124 -21.63 11.26 -37.96
N TYR A 125 -20.68 12.02 -38.53
CA TYR A 125 -20.01 11.63 -39.76
C TYR A 125 -19.28 10.30 -39.57
N LEU A 126 -18.40 10.26 -38.58
CA LEU A 126 -17.62 9.07 -38.28
C LEU A 126 -18.52 7.87 -37.97
N THR A 127 -19.51 8.08 -37.11
CA THR A 127 -20.42 7.02 -36.72
C THR A 127 -21.09 6.36 -37.93
N ALA A 128 -21.42 7.16 -38.94
CA ALA A 128 -22.05 6.64 -40.16
C ALA A 128 -21.04 5.86 -41.00
N ARG A 129 -19.77 6.23 -40.89
CA ARG A 129 -18.69 5.55 -41.63
C ARG A 129 -18.22 4.35 -40.83
N GLY A 130 -18.98 3.98 -39.80
CA GLY A 130 -18.61 2.86 -38.97
C GLY A 130 -17.36 3.09 -38.15
N VAL A 131 -16.99 4.35 -37.95
CA VAL A 131 -15.80 4.67 -37.17
C VAL A 131 -16.25 5.27 -35.83
N VAL A 132 -15.72 4.74 -34.74
CA VAL A 132 -16.07 5.18 -33.40
C VAL A 132 -15.40 6.50 -33.02
N PRO A 133 -16.20 7.49 -32.60
CA PRO A 133 -15.75 8.83 -32.18
C PRO A 133 -15.25 8.79 -30.73
N GLY A 134 -14.09 9.42 -30.47
CA GLY A 134 -13.53 9.44 -29.15
C GLY A 134 -13.20 10.87 -28.76
N ILE A 135 -12.87 11.08 -27.49
CA ILE A 135 -12.56 12.42 -27.01
C ILE A 135 -11.47 12.43 -25.95
N LYS A 136 -10.56 13.39 -26.06
CA LYS A 136 -9.47 13.55 -25.10
C LYS A 136 -10.14 14.29 -23.97
N THR A 137 -10.29 13.65 -22.81
CA THR A 137 -10.97 14.31 -21.71
C THR A 137 -10.10 14.92 -20.60
N ASP A 138 -8.81 14.59 -20.57
CA ASP A 138 -7.95 15.17 -19.53
C ASP A 138 -7.83 16.67 -19.75
N MET A 139 -7.46 17.39 -18.70
CA MET A 139 -7.34 18.83 -18.78
C MET A 139 -5.91 19.34 -18.77
N GLY A 140 -4.96 18.53 -19.23
CA GLY A 140 -3.59 19.00 -19.30
C GLY A 140 -2.65 18.73 -18.13
N LEU A 141 -1.37 18.89 -18.42
CA LEU A 141 -0.30 18.67 -17.46
C LEU A 141 -0.06 19.88 -16.56
N CYS A 142 0.37 19.61 -15.34
CA CYS A 142 0.68 20.64 -14.35
C CYS A 142 1.85 20.12 -13.52
N PRO A 143 2.52 21.02 -12.80
CA PRO A 143 3.64 20.59 -11.96
C PRO A 143 3.12 19.64 -10.90
N LEU A 144 3.86 18.58 -10.62
CA LEU A 144 3.44 17.60 -9.62
C LEU A 144 3.35 18.20 -8.22
N LEU A 145 4.29 19.08 -7.88
CA LEU A 145 4.37 19.73 -6.57
C LEU A 145 4.75 18.77 -5.44
N GLU A 146 5.33 17.65 -5.83
CA GLU A 146 5.83 16.64 -4.92
C GLU A 146 6.86 15.96 -5.80
N GLY A 147 7.68 15.11 -5.22
CA GLY A 147 8.67 14.42 -6.02
C GLY A 147 9.77 15.31 -6.56
N ALA A 148 10.28 14.96 -7.73
CA ALA A 148 11.37 15.70 -8.35
C ALA A 148 10.96 16.73 -9.39
N GLU A 149 11.75 17.79 -9.47
CA GLU A 149 11.52 18.88 -10.41
C GLU A 149 11.36 18.31 -11.80
N GLY A 150 10.43 18.87 -12.57
CA GLY A 150 10.19 18.41 -13.93
C GLY A 150 9.05 17.41 -14.05
N GLU A 151 8.70 16.76 -12.95
CA GLU A 151 7.61 15.79 -12.99
C GLU A 151 6.27 16.54 -13.02
N GLN A 152 5.30 15.95 -13.71
CA GLN A 152 4.00 16.59 -13.84
C GLN A 152 2.82 15.65 -13.60
N MET A 153 1.69 16.23 -13.20
CA MET A 153 0.48 15.47 -12.99
C MET A 153 -0.53 15.92 -14.05
N THR A 154 -1.72 15.33 -14.05
CA THR A 154 -2.73 15.71 -15.02
C THR A 154 -4.04 16.05 -14.31
N GLU A 155 -4.62 17.21 -14.65
CA GLU A 155 -5.88 17.66 -14.07
C GLU A 155 -7.08 17.27 -14.95
N GLY A 156 -8.29 17.35 -14.40
CA GLY A 156 -9.47 17.02 -15.18
C GLY A 156 -10.52 16.18 -14.51
N LEU A 157 -10.22 15.67 -13.33
CA LEU A 157 -11.18 14.83 -12.62
C LEU A 157 -12.42 15.60 -12.13
N ASP A 158 -12.25 16.84 -11.67
CA ASP A 158 -13.39 17.63 -11.18
C ASP A 158 -14.42 17.89 -12.28
N GLY A 159 -15.69 17.61 -11.96
CA GLY A 159 -16.76 17.80 -12.93
C GLY A 159 -16.61 16.87 -14.13
N TYR A 160 -15.83 15.81 -13.96
CA TYR A 160 -15.58 14.86 -15.05
C TYR A 160 -16.82 14.17 -15.63
N VAL A 161 -17.66 13.61 -14.76
CA VAL A 161 -18.84 12.89 -15.23
C VAL A 161 -19.73 13.80 -16.07
N LYS A 162 -19.84 15.07 -15.69
CA LYS A 162 -20.68 15.99 -16.44
C LYS A 162 -20.17 16.15 -17.88
N ARG A 163 -18.89 16.48 -18.02
CA ARG A 163 -18.31 16.66 -19.35
C ARG A 163 -18.41 15.39 -20.19
N ALA A 164 -18.20 14.24 -19.55
CA ALA A 164 -18.24 12.95 -20.24
C ALA A 164 -19.62 12.56 -20.72
N SER A 165 -20.65 12.88 -19.94
CA SER A 165 -22.03 12.58 -20.31
C SER A 165 -22.42 13.42 -21.52
N ALA A 166 -21.94 14.65 -21.56
CA ALA A 166 -22.25 15.55 -22.68
C ALA A 166 -21.59 14.99 -23.95
N TYR A 167 -20.35 14.51 -23.84
CA TYR A 167 -19.67 13.94 -25.00
C TYR A 167 -20.43 12.70 -25.46
N TYR A 168 -20.80 11.85 -24.51
CA TYR A 168 -21.53 10.65 -24.82
C TYR A 168 -22.79 11.03 -25.62
N LYS A 169 -23.46 12.08 -25.19
CA LYS A 169 -24.66 12.54 -25.86
C LYS A 169 -24.40 12.99 -27.30
N LYS A 170 -23.22 13.55 -27.54
CA LYS A 170 -22.87 14.02 -28.87
C LYS A 170 -22.43 12.88 -29.80
N GLY A 171 -22.18 11.71 -29.24
CA GLY A 171 -21.77 10.58 -30.07
C GLY A 171 -20.53 9.82 -29.66
N CYS A 172 -19.66 10.45 -28.87
CA CYS A 172 -18.43 9.80 -28.43
C CYS A 172 -18.74 8.55 -27.61
N ARG A 173 -17.96 7.50 -27.81
CA ARG A 173 -18.17 6.24 -27.11
C ARG A 173 -16.90 5.72 -26.40
N PHE A 174 -15.85 6.53 -26.42
CA PHE A 174 -14.60 6.20 -25.77
C PHE A 174 -13.82 7.49 -25.56
N CYS A 175 -12.81 7.46 -24.69
CA CYS A 175 -12.04 8.66 -24.40
C CYS A 175 -10.56 8.39 -24.14
N LYS A 176 -9.78 9.45 -23.98
CA LYS A 176 -8.35 9.28 -23.77
C LYS A 176 -7.82 10.30 -22.76
N TRP A 177 -7.01 9.82 -21.82
CA TRP A 177 -6.44 10.66 -20.78
C TRP A 177 -4.97 10.32 -20.71
N ARG A 178 -4.12 11.33 -20.63
CA ARG A 178 -2.70 11.05 -20.58
C ARG A 178 -1.91 11.58 -19.39
N ASN A 179 -1.11 10.70 -18.79
CA ASN A 179 -0.22 11.08 -17.71
C ASN A 179 1.16 10.78 -18.27
N VAL A 180 2.15 11.59 -17.89
CA VAL A 180 3.50 11.37 -18.38
C VAL A 180 4.49 11.20 -17.24
N TYR A 181 5.57 10.47 -17.55
CA TYR A 181 6.62 10.21 -16.60
C TYR A 181 7.93 10.54 -17.27
N LYS A 182 8.72 11.37 -16.61
CA LYS A 182 10.00 11.81 -17.13
C LYS A 182 11.18 11.09 -16.48
N ILE A 183 11.90 10.29 -17.27
CA ILE A 183 13.06 9.59 -16.74
C ILE A 183 14.18 10.60 -16.52
N GLN A 184 14.67 10.66 -15.29
CA GLN A 184 15.74 11.58 -14.92
C GLN A 184 16.76 10.83 -14.08
N ASN A 185 18.01 10.85 -14.51
CA ASN A 185 19.07 10.17 -13.78
C ASN A 185 18.75 8.69 -13.66
N GLY A 186 17.99 8.19 -14.64
CA GLY A 186 17.62 6.78 -14.66
C GLY A 186 16.49 6.35 -13.75
N THR A 187 15.66 7.28 -13.31
CA THR A 187 14.55 6.92 -12.44
C THR A 187 13.47 8.01 -12.38
N VAL A 188 12.42 7.75 -11.61
CA VAL A 188 11.31 8.69 -11.45
C VAL A 188 10.95 8.61 -9.99
N SER A 189 10.37 9.67 -9.43
CA SER A 189 10.02 9.64 -8.02
C SER A 189 8.81 8.76 -7.77
N GLU A 190 8.73 8.23 -6.56
CA GLU A 190 7.61 7.39 -6.16
C GLU A 190 6.36 8.27 -6.05
N SER A 191 6.55 9.53 -5.68
CA SER A 191 5.43 10.46 -5.59
C SER A 191 4.71 10.51 -6.93
N ALA A 192 5.48 10.45 -8.00
CA ALA A 192 4.96 10.48 -9.36
C ALA A 192 4.40 9.14 -9.78
N VAL A 193 5.08 8.06 -9.40
CA VAL A 193 4.61 6.73 -9.76
C VAL A 193 3.24 6.45 -9.12
N ARG A 194 3.09 6.78 -7.85
CA ARG A 194 1.81 6.55 -7.17
C ARG A 194 0.70 7.51 -7.57
N PHE A 195 0.95 8.81 -7.51
CA PHE A 195 -0.08 9.80 -7.83
C PHE A 195 -0.66 9.72 -9.23
N ASN A 196 0.18 9.67 -10.26
CA ASN A 196 -0.34 9.60 -11.64
C ASN A 196 -1.08 8.30 -11.92
N ALA A 197 -0.67 7.21 -11.28
CA ALA A 197 -1.34 5.93 -11.46
C ALA A 197 -2.75 6.04 -10.88
N GLU A 198 -2.82 6.70 -9.73
CA GLU A 198 -4.07 6.93 -9.02
C GLU A 198 -5.01 7.81 -9.85
N THR A 199 -4.46 8.83 -10.50
CA THR A 199 -5.25 9.73 -11.33
C THR A 199 -5.83 8.97 -12.53
N LEU A 200 -4.99 8.13 -13.14
CA LEU A 200 -5.42 7.34 -14.29
C LEU A 200 -6.53 6.37 -13.93
N ALA A 201 -6.40 5.72 -12.77
CA ALA A 201 -7.39 4.76 -12.32
C ALA A 201 -8.73 5.42 -12.03
N ARG A 202 -8.69 6.55 -11.32
CA ARG A 202 -9.92 7.27 -11.01
C ARG A 202 -10.58 7.68 -12.32
N TYR A 203 -9.79 8.20 -13.25
CA TYR A 203 -10.29 8.59 -14.57
C TYR A 203 -10.97 7.40 -15.28
N ALA A 204 -10.36 6.22 -15.22
CA ALA A 204 -10.94 5.06 -15.90
C ALA A 204 -12.34 4.72 -15.36
N ILE A 205 -12.50 4.87 -14.06
CA ILE A 205 -13.78 4.60 -13.40
C ILE A 205 -14.85 5.62 -13.76
N LEU A 206 -14.50 6.89 -13.74
CA LEU A 206 -15.47 7.92 -14.08
C LEU A 206 -15.92 7.82 -15.54
N SER A 207 -14.98 7.43 -16.42
CA SER A 207 -15.28 7.28 -17.84
C SER A 207 -16.28 6.13 -18.04
N GLN A 208 -15.98 4.97 -17.47
CA GLN A 208 -16.87 3.81 -17.60
C GLN A 208 -18.25 4.10 -17.00
N MET A 209 -18.31 4.91 -15.93
CA MET A 209 -19.59 5.27 -15.34
C MET A 209 -20.34 6.19 -16.30
N SER A 210 -19.60 6.92 -17.12
CA SER A 210 -20.20 7.86 -18.06
C SER A 210 -20.51 7.22 -19.41
N GLY A 211 -20.20 5.93 -19.53
CA GLY A 211 -20.47 5.23 -20.77
C GLY A 211 -19.37 5.36 -21.81
N LEU A 212 -18.21 5.85 -21.41
CA LEU A 212 -17.10 5.99 -22.34
C LEU A 212 -16.00 4.97 -22.05
N VAL A 213 -15.53 4.25 -23.07
CA VAL A 213 -14.46 3.28 -22.89
C VAL A 213 -13.18 4.10 -22.71
N PRO A 214 -12.52 3.97 -21.55
CA PRO A 214 -11.28 4.69 -21.24
C PRO A 214 -9.99 4.14 -21.82
N ILE A 215 -9.23 5.01 -22.46
CA ILE A 215 -7.94 4.63 -23.00
C ILE A 215 -6.95 5.24 -22.01
N VAL A 216 -6.33 4.38 -21.20
CA VAL A 216 -5.39 4.82 -20.20
C VAL A 216 -4.00 4.99 -20.77
N GLU A 217 -3.49 6.22 -20.73
CA GLU A 217 -2.18 6.50 -21.27
C GLU A 217 -1.11 6.85 -20.25
N PRO A 218 -0.34 5.84 -19.82
CA PRO A 218 0.75 6.04 -18.86
C PRO A 218 2.03 6.12 -19.71
N GLU A 219 2.41 7.35 -20.06
CA GLU A 219 3.55 7.58 -20.92
C GLU A 219 4.91 7.84 -20.30
N VAL A 220 5.82 6.88 -20.46
CA VAL A 220 7.18 7.06 -20.00
C VAL A 220 7.78 7.72 -21.23
N MET A 221 8.07 9.01 -21.13
CA MET A 221 8.58 9.77 -22.26
C MET A 221 9.94 9.31 -22.74
N ILE A 222 10.17 9.52 -24.03
CA ILE A 222 11.42 9.16 -24.69
C ILE A 222 12.50 10.22 -24.47
N ASP A 223 12.16 11.27 -23.75
CA ASP A 223 13.09 12.36 -23.44
C ASP A 223 14.22 11.94 -22.53
N GLY A 224 15.46 12.19 -22.96
CA GLY A 224 16.60 11.85 -22.12
C GLY A 224 17.74 11.12 -22.80
N LYS A 225 18.75 10.80 -22.00
CA LYS A 225 19.94 10.11 -22.46
C LYS A 225 19.86 8.63 -22.10
N HIS A 226 18.87 8.28 -21.27
CA HIS A 226 18.69 6.89 -20.85
C HIS A 226 18.69 5.92 -22.02
N ASP A 227 19.04 4.67 -21.73
CA ASP A 227 19.06 3.63 -22.76
C ASP A 227 17.80 2.80 -22.68
N ILE A 228 17.65 1.85 -23.60
CA ILE A 228 16.48 0.99 -23.66
C ILE A 228 16.29 0.16 -22.39
N ASP A 229 17.39 -0.12 -21.69
CA ASP A 229 17.31 -0.91 -20.46
C ASP A 229 16.67 -0.10 -19.34
N THR A 230 17.03 1.17 -19.26
CA THR A 230 16.46 2.05 -18.24
C THR A 230 14.99 2.31 -18.56
N CYS A 231 14.67 2.48 -19.84
CA CYS A 231 13.28 2.70 -20.23
C CYS A 231 12.47 1.46 -19.90
N GLN A 232 13.10 0.31 -20.00
CA GLN A 232 12.45 -0.96 -19.70
C GLN A 232 12.10 -1.05 -18.22
N ARG A 233 13.05 -0.72 -17.35
CA ARG A 233 12.85 -0.77 -15.90
C ARG A 233 11.78 0.20 -15.44
N VAL A 234 11.94 1.46 -15.84
CA VAL A 234 10.98 2.48 -15.45
C VAL A 234 9.59 2.14 -15.95
N SER A 235 9.49 1.68 -17.19
CA SER A 235 8.21 1.32 -17.78
C SER A 235 7.53 0.21 -16.98
N GLU A 236 8.29 -0.82 -16.63
CA GLU A 236 7.72 -1.93 -15.87
C GLU A 236 7.24 -1.40 -14.52
N HIS A 237 8.07 -0.57 -13.89
CA HIS A 237 7.76 0.02 -12.59
C HIS A 237 6.56 0.97 -12.65
N VAL A 238 6.53 1.82 -13.66
CA VAL A 238 5.43 2.78 -13.79
C VAL A 238 4.13 2.07 -14.13
N TRP A 239 4.20 1.09 -15.03
CA TRP A 239 2.98 0.41 -15.43
C TRP A 239 2.38 -0.53 -14.40
N ARG A 240 3.19 -1.25 -13.64
CA ARG A 240 2.61 -2.16 -12.66
C ARG A 240 1.83 -1.40 -11.60
N GLU A 241 2.25 -0.19 -11.29
CA GLU A 241 1.54 0.62 -10.30
C GLU A 241 0.23 1.11 -10.88
N VAL A 242 0.20 1.37 -12.19
CA VAL A 242 -1.03 1.81 -12.85
C VAL A 242 -2.03 0.67 -12.73
N VAL A 243 -1.54 -0.56 -12.91
CA VAL A 243 -2.39 -1.73 -12.81
C VAL A 243 -2.89 -1.87 -11.36
N ALA A 244 -2.02 -1.61 -10.39
CA ALA A 244 -2.42 -1.72 -8.98
C ALA A 244 -3.56 -0.77 -8.66
N ALA A 245 -3.44 0.47 -9.10
CA ALA A 245 -4.46 1.47 -8.85
C ALA A 245 -5.78 1.09 -9.51
N LEU A 246 -5.70 0.53 -10.72
CA LEU A 246 -6.90 0.11 -11.45
C LEU A 246 -7.64 -0.99 -10.68
N GLN A 247 -6.91 -1.96 -10.12
CA GLN A 247 -7.54 -3.01 -9.34
C GLN A 247 -8.19 -2.44 -8.07
N ARG A 248 -7.53 -1.47 -7.44
CA ARG A 248 -8.07 -0.84 -6.23
C ARG A 248 -9.37 -0.09 -6.52
N HIS A 249 -9.46 0.51 -7.71
CA HIS A 249 -10.64 1.25 -8.09
C HIS A 249 -11.66 0.36 -8.77
N GLY A 250 -11.33 -0.92 -8.90
CA GLY A 250 -12.23 -1.89 -9.51
C GLY A 250 -12.64 -1.65 -10.96
N VAL A 251 -11.66 -1.30 -11.80
CA VAL A 251 -11.92 -1.04 -13.22
C VAL A 251 -12.52 -2.26 -13.89
N ILE A 252 -13.35 -2.03 -14.89
CA ILE A 252 -13.91 -3.14 -15.65
C ILE A 252 -12.85 -3.40 -16.72
N TRP A 253 -12.02 -4.43 -16.49
CA TRP A 253 -10.95 -4.76 -17.42
C TRP A 253 -11.44 -5.02 -18.84
N GLU A 254 -12.58 -5.67 -18.97
CA GLU A 254 -13.16 -5.96 -20.28
C GLU A 254 -13.58 -4.71 -21.03
N GLY A 255 -13.61 -3.57 -20.35
CA GLY A 255 -14.04 -2.35 -21.00
C GLY A 255 -13.08 -1.18 -21.03
N CYS A 256 -11.78 -1.46 -21.16
CA CYS A 256 -10.80 -0.38 -21.24
C CYS A 256 -9.64 -0.77 -22.14
N LEU A 257 -8.81 0.21 -22.45
CA LEU A 257 -7.65 0.01 -23.33
C LEU A 257 -6.45 0.75 -22.78
N LEU A 258 -5.28 0.38 -23.25
CA LEU A 258 -4.03 0.99 -22.82
C LEU A 258 -3.34 1.69 -24.00
N LYS A 259 -2.75 2.85 -23.75
CA LYS A 259 -2.02 3.58 -24.78
C LYS A 259 -0.69 3.91 -24.13
N PRO A 260 0.25 2.95 -24.19
CA PRO A 260 1.57 3.14 -23.59
C PRO A 260 2.65 3.47 -24.61
N ASN A 261 3.77 3.94 -24.09
CA ASN A 261 4.93 4.24 -24.90
C ASN A 261 5.56 2.90 -25.24
N MET A 262 6.29 2.82 -26.35
CA MET A 262 6.99 1.60 -26.68
C MET A 262 8.26 1.75 -25.86
N VAL A 263 8.93 0.64 -25.56
CA VAL A 263 10.18 0.73 -24.80
C VAL A 263 11.29 0.87 -25.83
N VAL A 264 11.93 2.04 -25.82
CA VAL A 264 13.01 2.34 -26.76
C VAL A 264 14.02 3.22 -26.05
N PRO A 265 15.18 3.47 -26.70
CA PRO A 265 16.26 4.31 -26.15
C PRO A 265 15.84 5.78 -26.10
N GLY A 266 16.44 6.53 -25.18
CA GLY A 266 16.11 7.94 -25.05
C GLY A 266 16.45 8.70 -26.32
N ALA A 267 15.65 9.72 -26.64
CA ALA A 267 15.87 10.52 -27.84
C ALA A 267 17.29 11.07 -27.92
N GLU A 268 17.93 11.29 -26.77
CA GLU A 268 19.30 11.81 -26.74
C GLU A 268 20.32 10.78 -26.29
N SER A 269 19.92 9.50 -26.25
CA SER A 269 20.82 8.44 -25.84
C SER A 269 21.90 8.24 -26.89
N GLY A 270 21.60 8.68 -28.11
CA GLY A 270 22.54 8.55 -29.20
C GLY A 270 22.46 7.18 -29.84
N LYS A 271 21.60 6.32 -29.32
CA LYS A 271 21.46 4.97 -29.87
C LYS A 271 20.09 4.78 -30.49
N THR A 272 19.95 3.73 -31.29
CA THR A 272 18.68 3.41 -31.94
C THR A 272 18.53 1.89 -31.90
N ALA A 273 17.34 1.44 -31.53
CA ALA A 273 17.08 0.00 -31.43
C ALA A 273 16.53 -0.58 -32.71
N ALA A 274 16.71 -1.89 -32.85
CA ALA A 274 16.22 -2.60 -34.02
C ALA A 274 14.80 -3.06 -33.71
N PRO A 275 13.96 -3.21 -34.75
CA PRO A 275 12.59 -3.65 -34.53
C PRO A 275 12.50 -4.85 -33.58
N GLU A 276 13.33 -5.86 -33.83
CA GLU A 276 13.34 -7.06 -32.98
C GLU A 276 13.58 -6.70 -31.52
N GLN A 277 14.55 -5.83 -31.26
CA GLN A 277 14.85 -5.46 -29.89
C GLN A 277 13.68 -4.71 -29.25
N VAL A 278 13.20 -3.68 -29.93
CA VAL A 278 12.07 -2.90 -29.42
C VAL A 278 10.91 -3.84 -29.14
N ALA A 279 10.67 -4.77 -30.06
CA ALA A 279 9.58 -5.71 -29.88
C ALA A 279 9.80 -6.50 -28.60
N HIS A 280 10.97 -7.10 -28.45
CA HIS A 280 11.28 -7.91 -27.27
C HIS A 280 10.97 -7.14 -25.98
N TYR A 281 11.66 -6.02 -25.80
CA TYR A 281 11.50 -5.20 -24.61
C TYR A 281 10.07 -4.73 -24.33
N THR A 282 9.44 -4.14 -25.34
CA THR A 282 8.07 -3.66 -25.19
C THR A 282 7.10 -4.75 -24.77
N VAL A 283 7.04 -5.81 -25.55
CA VAL A 283 6.12 -6.91 -25.27
C VAL A 283 6.47 -7.62 -23.95
N MET A 284 7.75 -7.64 -23.60
CA MET A 284 8.18 -8.28 -22.36
C MET A 284 7.67 -7.47 -21.17
N THR A 285 7.78 -6.16 -21.28
CA THR A 285 7.35 -5.26 -20.21
C THR A 285 5.84 -5.23 -20.02
N LEU A 286 5.09 -5.42 -21.09
CA LEU A 286 3.63 -5.42 -21.01
C LEU A 286 3.19 -6.69 -20.29
N ALA A 287 3.69 -7.82 -20.77
CA ALA A 287 3.36 -9.13 -20.21
C ALA A 287 3.68 -9.25 -18.73
N ARG A 288 4.74 -8.59 -18.29
CA ARG A 288 5.14 -8.67 -16.88
C ARG A 288 4.29 -7.79 -15.96
N THR A 289 3.54 -6.87 -16.55
CA THR A 289 2.74 -5.95 -15.74
C THR A 289 1.24 -6.01 -15.96
N MET A 290 0.80 -6.18 -17.21
CA MET A 290 -0.62 -6.20 -17.54
C MET A 290 -1.36 -7.53 -17.39
N PRO A 291 -2.61 -7.47 -16.89
CA PRO A 291 -3.48 -8.65 -16.69
C PRO A 291 -3.82 -9.18 -18.08
N ALA A 292 -3.80 -10.49 -18.26
CA ALA A 292 -4.09 -11.07 -19.57
C ALA A 292 -5.47 -10.69 -20.13
N MET A 293 -6.33 -10.11 -19.29
CA MET A 293 -7.67 -9.72 -19.72
C MET A 293 -7.70 -8.40 -20.49
N LEU A 294 -6.71 -7.53 -20.25
CA LEU A 294 -6.63 -6.24 -20.93
C LEU A 294 -6.89 -6.44 -22.43
N PRO A 295 -7.99 -5.87 -22.95
CA PRO A 295 -8.40 -5.96 -24.36
C PRO A 295 -7.36 -5.57 -25.41
N GLY A 296 -6.72 -4.43 -25.21
CA GLY A 296 -5.74 -4.00 -26.18
C GLY A 296 -4.80 -2.89 -25.74
N VAL A 297 -3.67 -2.81 -26.45
CA VAL A 297 -2.63 -1.82 -26.22
C VAL A 297 -2.49 -1.05 -27.54
N MET A 298 -2.87 0.22 -27.51
CA MET A 298 -2.79 1.06 -28.70
C MET A 298 -1.63 2.03 -28.50
N PHE A 299 -0.47 1.63 -29.00
CA PHE A 299 0.75 2.41 -28.86
C PHE A 299 0.72 3.83 -29.35
N LEU A 300 1.59 4.65 -28.76
CA LEU A 300 1.75 6.05 -29.10
C LEU A 300 3.07 6.17 -29.88
N SER A 301 3.13 7.09 -30.85
CA SER A 301 4.35 7.26 -31.65
C SER A 301 5.39 8.05 -30.87
N GLY A 302 4.89 8.89 -29.97
CA GLY A 302 5.72 9.71 -29.09
C GLY A 302 7.07 10.25 -29.50
N GLY A 303 7.29 10.53 -30.78
CA GLY A 303 8.57 11.05 -31.21
C GLY A 303 9.30 10.22 -32.24
N LEU A 304 8.85 8.98 -32.40
CA LEU A 304 9.46 8.09 -33.37
C LEU A 304 9.07 8.58 -34.76
N SER A 305 9.84 8.19 -35.77
CA SER A 305 9.55 8.58 -37.14
C SER A 305 8.36 7.76 -37.60
N GLU A 306 7.75 8.15 -38.72
CA GLU A 306 6.60 7.43 -39.25
C GLU A 306 6.94 5.98 -39.56
N VAL A 307 8.12 5.78 -40.15
CA VAL A 307 8.57 4.45 -40.51
C VAL A 307 8.91 3.61 -39.27
N GLN A 308 9.60 4.23 -38.32
CA GLN A 308 9.96 3.53 -37.09
C GLN A 308 8.71 2.96 -36.43
N ALA A 309 7.71 3.82 -36.26
CA ALA A 309 6.45 3.43 -35.63
C ALA A 309 5.84 2.21 -36.31
N SER A 310 5.94 2.15 -37.63
CA SER A 310 5.37 1.02 -38.36
C SER A 310 6.27 -0.20 -38.26
N GLU A 311 7.58 0.05 -38.29
CA GLU A 311 8.55 -1.04 -38.19
C GLU A 311 8.40 -1.74 -36.83
N TYR A 312 8.50 -0.94 -35.78
CA TYR A 312 8.40 -1.43 -34.41
C TYR A 312 7.08 -2.15 -34.16
N LEU A 313 5.98 -1.58 -34.62
CA LEU A 313 4.69 -2.21 -34.42
C LEU A 313 4.65 -3.57 -35.09
N ASN A 314 5.26 -3.66 -36.27
CA ASN A 314 5.27 -4.90 -37.02
C ASN A 314 6.03 -5.97 -36.24
N ALA A 315 7.20 -5.59 -35.72
CA ALA A 315 8.02 -6.52 -34.95
C ALA A 315 7.24 -6.97 -33.71
N ILE A 316 6.54 -6.03 -33.08
CA ILE A 316 5.75 -6.36 -31.90
C ILE A 316 4.77 -7.44 -32.26
N ASN A 317 4.07 -7.26 -33.37
CA ASN A 317 3.08 -8.23 -33.79
C ASN A 317 3.64 -9.53 -34.34
N ASN A 318 4.96 -9.66 -34.26
CA ASN A 318 5.65 -10.86 -34.71
C ASN A 318 6.45 -11.47 -33.55
N SER A 319 6.21 -10.97 -32.34
CA SER A 319 6.92 -11.45 -31.15
C SER A 319 6.47 -12.82 -30.67
N PRO A 320 7.44 -13.67 -30.29
CA PRO A 320 7.15 -15.02 -29.80
C PRO A 320 6.80 -15.01 -28.31
N LEU A 321 6.81 -13.82 -27.71
CA LEU A 321 6.47 -13.67 -26.29
C LEU A 321 4.97 -13.59 -26.05
N PRO A 322 4.54 -13.81 -24.79
CA PRO A 322 3.13 -13.77 -24.37
C PRO A 322 2.52 -12.41 -24.67
N ARG A 323 1.35 -12.42 -25.30
CA ARG A 323 0.67 -11.17 -25.65
C ARG A 323 -0.76 -11.47 -26.11
N PRO A 324 -1.67 -11.73 -25.15
CA PRO A 324 -3.08 -12.05 -25.42
C PRO A 324 -3.92 -10.88 -25.91
N TYR A 325 -3.47 -9.66 -25.66
CA TYR A 325 -4.22 -8.48 -26.06
C TYR A 325 -3.96 -8.01 -27.49
N PHE A 326 -4.96 -7.34 -28.07
CA PHE A 326 -4.84 -6.79 -29.42
C PHE A 326 -3.74 -5.73 -29.31
N LEU A 327 -2.71 -5.85 -30.14
CA LEU A 327 -1.61 -4.88 -30.14
C LEU A 327 -1.67 -4.09 -31.44
N SER A 328 -1.99 -2.80 -31.32
CA SER A 328 -2.11 -1.95 -32.49
C SER A 328 -1.56 -0.56 -32.22
N PHE A 329 -2.12 0.44 -32.87
CA PHE A 329 -1.65 1.81 -32.73
C PHE A 329 -2.72 2.86 -32.43
N SER A 330 -2.24 4.01 -31.98
CA SER A 330 -3.07 5.18 -31.69
C SER A 330 -2.09 6.33 -31.89
N TYR A 331 -1.67 6.50 -33.14
CA TYR A 331 -0.71 7.51 -33.53
C TYR A 331 -1.32 8.85 -33.95
N ALA A 332 -0.56 9.91 -33.70
CA ALA A 332 -0.95 11.26 -34.09
C ALA A 332 0.10 11.73 -35.10
N ARG A 333 1.29 12.05 -34.59
CA ARG A 333 2.38 12.50 -35.45
C ARG A 333 2.74 11.46 -36.51
N ALA A 334 3.08 10.24 -36.07
CA ALA A 334 3.46 9.17 -36.98
C ALA A 334 2.43 8.86 -38.06
N LEU A 335 1.32 9.58 -38.06
CA LEU A 335 0.29 9.35 -39.06
C LEU A 335 -0.08 10.62 -39.81
N GLN A 336 0.42 11.75 -39.33
CA GLN A 336 0.08 13.03 -39.94
C GLN A 336 1.21 13.86 -40.55
N SER A 337 2.40 13.84 -39.95
CA SER A 337 3.50 14.65 -40.45
C SER A 337 3.62 14.66 -41.97
N SER A 338 3.65 13.49 -42.60
CA SER A 338 3.77 13.42 -44.05
C SER A 338 2.53 13.97 -44.76
N ALA A 339 1.36 13.48 -44.38
CA ALA A 339 0.10 13.91 -44.98
C ALA A 339 -0.09 15.40 -44.81
N LEU A 340 0.53 15.94 -43.76
CA LEU A 340 0.44 17.36 -43.44
C LEU A 340 1.26 18.18 -44.42
N LYS A 341 2.47 17.74 -44.70
CA LYS A 341 3.33 18.44 -45.64
C LYS A 341 2.71 18.43 -47.02
N ALA A 342 2.35 17.23 -47.50
CA ALA A 342 1.73 17.09 -48.80
C ALA A 342 0.56 18.06 -48.95
N TRP A 343 -0.26 18.12 -47.90
CA TRP A 343 -1.42 18.99 -47.87
C TRP A 343 -1.02 20.46 -48.02
N GLY A 344 -0.05 20.90 -47.23
CA GLY A 344 0.40 22.27 -47.30
C GLY A 344 -0.60 23.31 -46.83
N GLY A 345 -1.63 22.86 -46.12
CA GLY A 345 -2.65 23.78 -45.63
C GLY A 345 -3.40 24.46 -46.75
N LYS A 346 -3.28 23.90 -47.95
CA LYS A 346 -3.96 24.44 -49.12
C LYS A 346 -5.04 23.46 -49.57
N GLU A 347 -5.98 23.96 -50.37
CA GLU A 347 -7.08 23.14 -50.87
C GLU A 347 -6.55 22.20 -51.95
N SER A 348 -5.58 22.68 -52.71
CA SER A 348 -4.98 21.90 -53.79
C SER A 348 -4.23 20.69 -53.25
N GLY A 349 -3.76 20.79 -52.01
CA GLY A 349 -3.01 19.70 -51.42
C GLY A 349 -3.79 18.55 -50.80
N LEU A 350 -5.11 18.65 -50.76
CA LEU A 350 -5.92 17.58 -50.16
C LEU A 350 -5.70 16.21 -50.77
N ALA A 351 -5.71 16.14 -52.10
CA ALA A 351 -5.50 14.87 -52.79
C ALA A 351 -4.16 14.26 -52.42
N ALA A 352 -3.11 15.08 -52.43
CA ALA A 352 -1.78 14.62 -52.08
C ALA A 352 -1.72 14.34 -50.58
N GLY A 353 -2.32 15.22 -49.79
CA GLY A 353 -2.32 15.04 -48.35
C GLY A 353 -2.98 13.74 -47.93
N ARG A 354 -4.15 13.47 -48.51
CA ARG A 354 -4.90 12.27 -48.18
C ARG A 354 -4.26 10.99 -48.66
N ARG A 355 -3.47 11.07 -49.73
CA ARG A 355 -2.79 9.89 -50.25
C ARG A 355 -1.67 9.50 -49.29
N ALA A 356 -0.96 10.51 -48.77
CA ALA A 356 0.11 10.26 -47.83
C ALA A 356 -0.50 9.66 -46.57
N PHE A 357 -1.52 10.34 -46.06
CA PHE A 357 -2.22 9.89 -44.87
C PHE A 357 -2.66 8.45 -45.04
N LEU A 358 -3.52 8.20 -46.02
CA LEU A 358 -4.01 6.85 -46.27
C LEU A 358 -2.90 5.83 -46.47
N HIS A 359 -1.70 6.29 -46.83
CA HIS A 359 -0.58 5.40 -47.03
C HIS A 359 -0.04 4.93 -45.68
N ARG A 360 0.22 5.88 -44.79
CA ARG A 360 0.71 5.55 -43.46
C ARG A 360 -0.34 4.71 -42.74
N ALA A 361 -1.61 5.00 -43.02
CA ALA A 361 -2.70 4.27 -42.41
C ALA A 361 -2.64 2.81 -42.88
N ARG A 362 -2.40 2.63 -44.17
CA ARG A 362 -2.29 1.29 -44.73
C ARG A 362 -1.07 0.57 -44.16
N MET A 363 0.05 1.30 -44.05
CA MET A 363 1.28 0.72 -43.52
C MET A 363 1.08 0.20 -42.10
N ASN A 364 0.53 1.04 -41.23
CA ASN A 364 0.29 0.63 -39.86
C ASN A 364 -0.76 -0.48 -39.79
N SER A 365 -1.72 -0.45 -40.71
CA SER A 365 -2.72 -1.50 -40.74
C SER A 365 -1.99 -2.82 -40.97
N MET A 366 -1.00 -2.81 -41.87
CA MET A 366 -0.21 -3.99 -42.18
C MET A 366 0.64 -4.42 -40.98
N ALA A 367 1.32 -3.45 -40.37
CA ALA A 367 2.16 -3.72 -39.21
C ALA A 367 1.36 -4.37 -38.09
N GLN A 368 0.10 -3.95 -37.92
CA GLN A 368 -0.76 -4.50 -36.88
C GLN A 368 -0.89 -6.00 -37.13
N LEU A 369 -1.06 -6.36 -38.41
CA LEU A 369 -1.19 -7.77 -38.79
C LEU A 369 0.17 -8.47 -38.86
N GLY A 370 1.24 -7.71 -38.67
CA GLY A 370 2.56 -8.29 -38.72
C GLY A 370 2.99 -8.63 -40.14
N LYS A 371 2.28 -8.07 -41.11
CA LYS A 371 2.59 -8.30 -42.52
C LYS A 371 3.07 -7.03 -43.19
N TYR A 372 3.82 -6.22 -42.44
CA TYR A 372 4.35 -4.98 -42.96
C TYR A 372 5.64 -5.26 -43.72
N LYS A 373 5.78 -4.62 -44.87
CA LYS A 373 6.97 -4.77 -45.70
C LYS A 373 7.64 -3.42 -45.81
N ARG A 374 8.85 -3.30 -45.27
CA ARG A 374 9.58 -2.03 -45.30
C ARG A 374 9.84 -1.55 -46.73
N SER A 375 9.66 -2.42 -47.72
CA SER A 375 9.87 -2.08 -49.12
C SER A 375 8.79 -1.13 -49.63
N ASP A 376 7.54 -1.51 -49.39
CA ASP A 376 6.39 -0.73 -49.83
C ASP A 376 6.31 0.63 -49.16
N ASP A 377 7.24 0.90 -48.25
CA ASP A 377 7.24 2.16 -47.53
C ASP A 377 8.43 3.03 -47.96
N ASP A 378 8.50 4.22 -47.39
CA ASP A 378 9.56 5.17 -47.69
C ASP A 378 10.94 4.58 -47.41
N ALA A 379 11.95 5.09 -48.12
CA ALA A 379 13.32 4.64 -47.95
C ALA A 379 14.03 5.53 -46.95
N SER A 380 13.29 6.50 -46.42
CA SER A 380 13.84 7.43 -45.45
C SER A 380 12.71 8.15 -44.70
N SER A 381 12.97 8.49 -43.44
CA SER A 381 11.99 9.18 -42.60
C SER A 381 12.70 9.91 -41.48
N SER A 382 12.47 11.22 -41.38
CA SER A 382 13.10 12.04 -40.35
C SER A 382 12.41 11.96 -39.00
N SER A 383 13.18 12.17 -37.94
CA SER A 383 12.67 12.13 -36.57
C SER A 383 11.50 13.09 -36.39
N LEU A 384 10.61 12.77 -35.46
CA LEU A 384 9.45 13.60 -35.18
C LEU A 384 9.55 14.12 -33.75
N TYR A 385 10.57 13.65 -33.03
CA TYR A 385 10.79 14.07 -31.66
C TYR A 385 10.88 15.58 -31.60
N VAL A 386 9.94 16.20 -30.90
CA VAL A 386 9.92 17.65 -30.77
C VAL A 386 11.11 18.11 -29.93
N MET B 21 -27.55 -3.30 -3.92
CA MET B 21 -28.70 -3.33 -2.97
C MET B 21 -28.75 -4.65 -2.19
N SER B 22 -27.84 -5.56 -2.51
CA SER B 22 -27.79 -6.85 -1.84
C SER B 22 -27.05 -6.74 -0.51
N ARG B 23 -27.58 -7.40 0.52
CA ARG B 23 -27.00 -7.37 1.85
C ARG B 23 -26.53 -8.76 2.30
N VAL B 24 -25.47 -8.81 3.11
CA VAL B 24 -24.92 -10.09 3.56
C VAL B 24 -24.44 -10.01 5.00
N THR B 25 -24.70 -11.06 5.75
CA THR B 25 -24.30 -11.13 7.15
C THR B 25 -22.90 -11.69 7.30
N VAL B 26 -22.00 -10.89 7.85
CA VAL B 26 -20.61 -11.34 8.03
C VAL B 26 -20.16 -11.23 9.47
N LEU B 27 -19.04 -11.88 9.77
CA LEU B 27 -18.48 -11.80 11.11
C LEU B 27 -17.88 -10.41 11.19
N GLN B 28 -18.24 -9.68 12.23
CA GLN B 28 -17.74 -8.34 12.43
C GLN B 28 -16.22 -8.34 12.26
N SER B 29 -15.58 -9.43 12.68
CA SER B 29 -14.14 -9.56 12.61
C SER B 29 -13.57 -9.71 11.20
N GLN B 30 -14.44 -9.79 10.19
CA GLN B 30 -14.01 -9.90 8.80
C GLN B 30 -14.02 -8.50 8.17
N LEU B 31 -14.45 -7.50 8.91
CA LEU B 31 -14.47 -6.12 8.42
C LEU B 31 -13.16 -5.41 8.77
N PRO B 32 -12.58 -4.68 7.81
CA PRO B 32 -11.31 -3.95 8.00
C PRO B 32 -11.21 -3.09 9.26
N ALA B 33 -12.28 -2.39 9.62
CA ALA B 33 -12.22 -1.51 10.78
C ALA B 33 -12.12 -2.23 12.12
N TYR B 34 -12.35 -3.54 12.12
CA TYR B 34 -12.31 -4.32 13.35
C TYR B 34 -11.13 -5.27 13.41
N ASN B 35 -9.95 -4.81 13.05
CA ASN B 35 -8.79 -5.69 13.09
C ASN B 35 -7.94 -5.61 14.37
N ARG B 36 -8.37 -4.81 15.35
CA ARG B 36 -7.58 -4.70 16.58
C ARG B 36 -7.41 -6.07 17.22
N LEU B 37 -6.18 -6.38 17.61
CA LEU B 37 -5.89 -7.67 18.23
C LEU B 37 -6.75 -7.91 19.48
N LYS B 38 -7.39 -9.06 19.55
CA LYS B 38 -8.18 -9.40 20.72
C LYS B 38 -7.46 -10.47 21.53
N THR B 39 -7.08 -10.12 22.76
CA THR B 39 -6.37 -11.05 23.65
C THR B 39 -6.83 -10.91 25.09
N PRO B 40 -6.80 -12.02 25.85
CA PRO B 40 -7.22 -11.98 27.25
C PRO B 40 -6.14 -11.41 28.17
N TYR B 41 -4.95 -11.17 27.61
CA TYR B 41 -3.83 -10.62 28.38
C TYR B 41 -3.76 -9.10 28.30
N GLU B 42 -4.70 -8.48 27.59
CA GLU B 42 -4.69 -7.03 27.43
C GLU B 42 -4.48 -6.28 28.74
N SER B 43 -5.40 -6.47 29.69
CA SER B 43 -5.28 -5.80 30.99
C SER B 43 -3.89 -5.97 31.60
N GLU B 44 -3.38 -7.20 31.53
CA GLU B 44 -2.07 -7.50 32.08
C GLU B 44 -0.94 -6.86 31.29
N LEU B 45 -1.03 -6.92 29.98
CA LEU B 45 0.00 -6.33 29.12
C LEU B 45 0.13 -4.86 29.49
N ILE B 46 -1.00 -4.23 29.76
CA ILE B 46 -1.01 -2.83 30.12
C ILE B 46 -0.38 -2.60 31.49
N ALA B 47 -0.64 -3.49 32.44
CA ALA B 47 -0.08 -3.36 33.78
C ALA B 47 1.44 -3.42 33.67
N THR B 48 1.91 -4.34 32.85
CA THR B 48 3.34 -4.52 32.62
C THR B 48 3.94 -3.24 32.05
N VAL B 49 3.21 -2.61 31.13
CA VAL B 49 3.67 -1.36 30.53
C VAL B 49 3.82 -0.29 31.62
N LYS B 50 2.89 -0.26 32.56
CA LYS B 50 2.94 0.70 33.66
C LYS B 50 4.27 0.59 34.38
N LYS B 51 4.65 -0.64 34.69
CA LYS B 51 5.90 -0.93 35.40
C LYS B 51 7.12 -0.58 34.58
N LEU B 52 7.11 -0.94 33.31
CA LEU B 52 8.25 -0.65 32.44
C LEU B 52 8.39 0.83 32.12
N THR B 53 7.40 1.63 32.52
CA THR B 53 7.45 3.08 32.28
C THR B 53 7.39 3.85 33.60
N THR B 54 8.01 3.28 34.63
CA THR B 54 8.07 3.88 35.96
C THR B 54 9.00 5.08 35.95
N PRO B 55 8.55 6.20 36.54
CA PRO B 55 9.36 7.42 36.59
C PRO B 55 10.78 7.15 37.06
N GLY B 56 11.75 7.72 36.35
CA GLY B 56 13.14 7.56 36.73
C GLY B 56 13.72 6.18 36.51
N LYS B 57 12.91 5.23 36.07
CA LYS B 57 13.41 3.88 35.84
C LYS B 57 13.55 3.54 34.37
N GLY B 58 14.66 2.90 34.03
CA GLY B 58 14.90 2.49 32.66
C GLY B 58 14.93 0.98 32.55
N LEU B 59 15.59 0.46 31.52
CA LEU B 59 15.65 -0.99 31.33
C LEU B 59 17.07 -1.46 31.08
N LEU B 60 17.45 -2.52 31.78
CA LEU B 60 18.76 -3.10 31.60
C LEU B 60 18.64 -4.12 30.48
N ALA B 61 19.60 -4.12 29.56
CA ALA B 61 19.62 -5.04 28.45
C ALA B 61 20.78 -6.01 28.62
N ALA B 62 20.47 -7.21 29.12
CA ALA B 62 21.48 -8.24 29.33
C ALA B 62 21.12 -9.44 28.47
N ASP B 63 20.88 -9.19 27.19
CA ASP B 63 20.49 -10.23 26.25
C ASP B 63 21.49 -10.46 25.12
N GLU B 64 22.74 -10.06 25.33
CA GLU B 64 23.76 -10.26 24.31
C GLU B 64 23.83 -11.74 23.96
N SER B 65 24.02 -12.05 22.69
CA SER B 65 24.10 -13.44 22.26
C SER B 65 25.37 -14.06 22.84
N ILE B 66 25.39 -15.38 22.98
CA ILE B 66 26.57 -16.06 23.51
C ILE B 66 27.79 -15.64 22.69
N GLY B 67 27.61 -15.53 21.38
CA GLY B 67 28.69 -15.12 20.51
C GLY B 67 29.09 -13.68 20.77
N SER B 68 28.20 -12.91 21.37
CA SER B 68 28.48 -11.51 21.67
C SER B 68 29.16 -11.37 23.04
N CYS B 69 29.22 -12.48 23.77
CA CYS B 69 29.88 -12.48 25.07
C CYS B 69 31.38 -12.59 24.83
N THR B 70 31.73 -13.36 23.81
CA THR B 70 33.13 -13.53 23.43
C THR B 70 33.61 -12.21 22.83
N LYS B 71 32.69 -11.52 22.17
CA LYS B 71 32.99 -10.24 21.55
C LYS B 71 32.83 -9.11 22.56
N ARG B 72 33.14 -9.41 23.82
CA ARG B 72 33.02 -8.41 24.89
C ARG B 72 33.86 -8.83 26.10
N PHE B 73 34.29 -10.08 26.10
CA PHE B 73 35.11 -10.61 27.18
C PHE B 73 36.59 -10.57 26.80
N GLN B 74 36.87 -10.45 25.50
CA GLN B 74 38.25 -10.41 25.01
C GLN B 74 39.12 -9.38 25.70
N PRO B 75 38.71 -8.10 25.67
CA PRO B 75 39.51 -7.07 26.31
C PRO B 75 39.78 -7.34 27.79
N ILE B 76 38.74 -7.76 28.51
CA ILE B 76 38.87 -8.06 29.93
C ILE B 76 39.44 -9.46 30.16
N GLY B 77 39.77 -10.14 29.07
CA GLY B 77 40.32 -11.49 29.18
C GLY B 77 39.51 -12.37 30.13
N LEU B 78 38.42 -12.93 29.61
CA LEU B 78 37.55 -13.78 30.42
C LEU B 78 36.97 -14.92 29.59
N SER B 79 37.30 -16.16 29.98
CA SER B 79 36.80 -17.32 29.27
C SER B 79 35.28 -17.31 29.19
N ASN B 80 34.74 -17.52 27.99
CA ASN B 80 33.30 -17.54 27.80
C ASN B 80 32.74 -18.93 28.07
N THR B 81 31.95 -19.04 29.14
CA THR B 81 31.32 -20.30 29.54
C THR B 81 29.96 -20.03 30.15
N GLU B 82 29.11 -21.06 30.19
CA GLU B 82 27.78 -20.89 30.74
C GLU B 82 27.84 -20.37 32.18
N GLU B 83 28.81 -20.86 32.96
CA GLU B 83 28.96 -20.43 34.34
C GLU B 83 29.45 -19.00 34.45
N HIS B 84 30.51 -18.66 33.72
CA HIS B 84 31.04 -17.30 33.75
C HIS B 84 30.01 -16.32 33.18
N ARG B 85 29.27 -16.76 32.18
CA ARG B 85 28.24 -15.92 31.59
C ARG B 85 27.18 -15.68 32.64
N ARG B 86 26.89 -16.73 33.43
CA ARG B 86 25.89 -16.63 34.47
C ARG B 86 26.34 -15.57 35.47
N GLN B 87 27.64 -15.49 35.69
CA GLN B 87 28.22 -14.52 36.63
C GLN B 87 28.14 -13.12 36.02
N TYR B 88 28.32 -13.05 34.70
CA TYR B 88 28.25 -11.79 33.98
C TYR B 88 26.90 -11.16 34.32
N ARG B 89 25.85 -11.97 34.20
CA ARG B 89 24.49 -11.53 34.50
C ARG B 89 24.31 -11.36 36.01
N ALA B 90 24.84 -12.31 36.78
CA ALA B 90 24.73 -12.28 38.24
C ALA B 90 25.27 -10.96 38.77
N LEU B 91 26.35 -10.49 38.17
CA LEU B 91 26.97 -9.25 38.58
C LEU B 91 25.94 -8.16 38.84
N MET B 92 25.15 -7.82 37.83
CA MET B 92 24.14 -6.78 37.97
C MET B 92 22.75 -7.24 38.40
N LEU B 93 22.34 -8.43 38.00
CA LEU B 93 21.02 -8.91 38.40
C LEU B 93 20.95 -9.14 39.91
N GLU B 94 22.10 -9.25 40.55
CA GLU B 94 22.12 -9.47 41.98
C GLU B 94 22.66 -8.26 42.74
N ALA B 95 23.24 -7.32 41.99
CA ALA B 95 23.79 -6.10 42.59
C ALA B 95 22.70 -5.51 43.48
N GLU B 96 23.02 -5.30 44.75
CA GLU B 96 22.07 -4.76 45.70
C GLU B 96 21.66 -3.32 45.37
N GLY B 97 20.36 -3.06 45.40
CA GLY B 97 19.84 -1.73 45.15
C GLY B 97 19.82 -1.23 43.72
N PHE B 98 19.69 -2.13 42.75
CA PHE B 98 19.65 -1.73 41.35
C PHE B 98 18.20 -1.53 40.94
N GLU B 99 17.30 -2.04 41.77
CA GLU B 99 15.86 -1.96 41.54
C GLU B 99 15.28 -0.57 41.64
N GLN B 100 16.12 0.42 41.94
CA GLN B 100 15.63 1.79 42.04
C GLN B 100 15.85 2.49 40.71
N TYR B 101 16.50 1.78 39.79
CA TYR B 101 16.76 2.30 38.46
C TYR B 101 16.14 1.36 37.42
N ILE B 102 16.76 0.21 37.23
CA ILE B 102 16.30 -0.79 36.27
C ILE B 102 14.94 -1.38 36.63
N SER B 103 13.92 -1.08 35.82
CA SER B 103 12.56 -1.58 36.05
C SER B 103 12.30 -2.90 35.33
N GLY B 104 13.20 -3.25 34.42
CA GLY B 104 13.05 -4.48 33.69
C GLY B 104 14.36 -4.92 33.08
N VAL B 105 14.49 -6.22 32.83
CA VAL B 105 15.72 -6.72 32.24
C VAL B 105 15.41 -7.59 31.03
N ILE B 106 16.09 -7.31 29.93
CA ILE B 106 15.89 -8.10 28.74
C ILE B 106 16.89 -9.24 28.89
N LEU B 107 16.39 -10.44 29.14
CA LEU B 107 17.27 -11.58 29.31
C LEU B 107 17.53 -12.35 28.03
N HIS B 108 18.59 -13.15 28.03
CA HIS B 108 18.92 -13.96 26.89
C HIS B 108 18.19 -15.28 27.15
N ASP B 109 18.12 -16.14 26.16
CA ASP B 109 17.42 -17.40 26.33
C ASP B 109 18.02 -18.20 27.49
N GLU B 110 19.30 -18.50 27.38
CA GLU B 110 20.03 -19.25 28.40
C GLU B 110 19.82 -18.70 29.82
N THR B 111 20.00 -17.40 29.97
CA THR B 111 19.85 -16.73 31.26
C THR B 111 18.49 -16.95 31.92
N VAL B 112 17.49 -17.33 31.14
CA VAL B 112 16.16 -17.57 31.69
C VAL B 112 16.15 -18.86 32.49
N GLY B 113 16.99 -19.80 32.08
CA GLY B 113 17.06 -21.09 32.74
C GLY B 113 17.94 -21.09 33.98
N GLN B 114 19.03 -20.33 33.92
CA GLN B 114 19.98 -20.25 35.02
C GLN B 114 19.32 -19.78 36.32
N LYS B 115 20.00 -20.05 37.44
CA LYS B 115 19.48 -19.68 38.76
C LYS B 115 20.35 -18.68 39.49
N ALA B 116 19.75 -18.06 40.50
CA ALA B 116 20.44 -17.10 41.35
C ALA B 116 20.83 -17.87 42.60
N SER B 117 21.82 -17.36 43.34
CA SER B 117 22.30 -18.02 44.55
C SER B 117 21.18 -18.58 45.42
N ASN B 118 20.18 -17.76 45.70
CA ASN B 118 19.05 -18.17 46.54
C ASN B 118 18.35 -19.44 46.05
N GLY B 119 18.70 -19.88 44.84
CA GLY B 119 18.08 -21.06 44.28
C GLY B 119 17.04 -20.77 43.21
N GLN B 120 16.36 -19.62 43.33
CA GLN B 120 15.34 -19.22 42.36
C GLN B 120 15.98 -18.84 41.03
N THR B 121 15.27 -19.09 39.93
CA THR B 121 15.76 -18.75 38.60
C THR B 121 15.71 -17.24 38.48
N PHE B 122 16.60 -16.66 37.66
CA PHE B 122 16.62 -15.21 37.49
C PHE B 122 15.22 -14.60 37.35
N PRO B 123 14.36 -15.20 36.51
CA PRO B 123 13.01 -14.66 36.35
C PRO B 123 12.30 -14.60 37.71
N GLU B 124 12.34 -15.72 38.43
CA GLU B 124 11.73 -15.85 39.75
C GLU B 124 12.31 -14.82 40.70
N TYR B 125 13.61 -14.59 40.57
CA TYR B 125 14.33 -13.64 41.41
C TYR B 125 13.79 -12.24 41.19
N LEU B 126 13.99 -11.75 39.97
CA LEU B 126 13.55 -10.43 39.58
C LEU B 126 12.12 -10.13 40.02
N THR B 127 11.21 -11.05 39.72
CA THR B 127 9.81 -10.85 40.10
C THR B 127 9.69 -10.54 41.58
N ALA B 128 10.47 -11.24 42.41
CA ALA B 128 10.46 -11.02 43.85
C ALA B 128 11.00 -9.63 44.17
N ARG B 129 12.02 -9.22 43.40
CA ARG B 129 12.63 -7.91 43.59
C ARG B 129 11.92 -6.84 42.77
N GLY B 130 10.68 -7.13 42.38
CA GLY B 130 9.89 -6.18 41.61
C GLY B 130 10.29 -6.00 40.16
N VAL B 131 11.56 -6.22 39.82
CA VAL B 131 12.05 -6.07 38.46
C VAL B 131 11.37 -7.04 37.47
N VAL B 132 10.74 -6.50 36.44
CA VAL B 132 10.05 -7.31 35.44
C VAL B 132 11.02 -8.06 34.53
N PRO B 133 10.85 -9.39 34.42
CA PRO B 133 11.73 -10.19 33.56
C PRO B 133 11.25 -10.22 32.10
N GLY B 134 12.17 -9.97 31.18
CA GLY B 134 11.87 -9.96 29.75
C GLY B 134 12.77 -10.92 28.99
N ILE B 135 12.50 -11.10 27.69
CA ILE B 135 13.30 -12.03 26.90
C ILE B 135 13.48 -11.65 25.43
N LYS B 136 14.70 -11.82 24.92
CA LYS B 136 14.96 -11.53 23.52
C LYS B 136 14.43 -12.71 22.73
N THR B 137 13.35 -12.48 21.98
CA THR B 137 12.73 -13.57 21.21
C THR B 137 13.08 -13.73 19.74
N ASP B 138 13.76 -12.76 19.13
CA ASP B 138 14.09 -12.92 17.72
C ASP B 138 15.16 -13.98 17.56
N MET B 139 15.38 -14.44 16.33
CA MET B 139 16.37 -15.46 16.09
C MET B 139 17.53 -15.02 15.19
N GLY B 140 18.03 -13.81 15.41
CA GLY B 140 19.17 -13.34 14.64
C GLY B 140 18.97 -12.75 13.24
N LEU B 141 19.97 -11.97 12.83
CA LEU B 141 19.97 -11.31 11.53
C LEU B 141 20.38 -12.29 10.44
N CYS B 142 19.82 -12.07 9.25
CA CYS B 142 20.11 -12.90 8.09
C CYS B 142 20.11 -12.03 6.85
N PRO B 143 20.60 -12.56 5.73
CA PRO B 143 20.62 -11.77 4.50
C PRO B 143 19.19 -11.51 4.05
N LEU B 144 18.88 -10.24 3.78
CA LEU B 144 17.54 -9.89 3.33
C LEU B 144 17.24 -10.57 2.00
N LEU B 145 18.25 -10.70 1.15
CA LEU B 145 18.12 -11.33 -0.17
C LEU B 145 17.18 -10.57 -1.10
N GLU B 146 17.03 -9.28 -0.84
CA GLU B 146 16.20 -8.40 -1.63
C GLU B 146 16.79 -7.03 -1.34
N GLY B 147 16.72 -6.11 -2.29
CA GLY B 147 17.27 -4.80 -2.05
C GLY B 147 18.77 -4.69 -2.25
N ALA B 148 19.38 -3.81 -1.46
CA ALA B 148 20.81 -3.56 -1.56
C ALA B 148 21.62 -4.56 -0.77
N GLU B 149 22.86 -4.75 -1.19
CA GLU B 149 23.77 -5.66 -0.53
C GLU B 149 24.03 -5.14 0.88
N GLY B 150 24.09 -6.05 1.84
CA GLY B 150 24.34 -5.64 3.20
C GLY B 150 23.12 -5.50 4.07
N GLU B 151 21.95 -5.32 3.46
CA GLU B 151 20.72 -5.19 4.23
C GLU B 151 20.33 -6.53 4.82
N GLN B 152 19.76 -6.51 6.02
CA GLN B 152 19.41 -7.74 6.72
C GLN B 152 17.98 -7.84 7.25
N MET B 153 17.47 -9.06 7.28
CA MET B 153 16.15 -9.36 7.80
C MET B 153 16.38 -9.97 9.18
N THR B 154 15.30 -10.33 9.87
CA THR B 154 15.40 -10.97 11.18
C THR B 154 14.43 -12.14 11.22
N GLU B 155 14.94 -13.33 11.55
CA GLU B 155 14.13 -14.55 11.63
C GLU B 155 13.54 -14.81 13.02
N GLY B 156 12.64 -15.80 13.10
CA GLY B 156 12.07 -16.15 14.40
C GLY B 156 10.57 -16.22 14.53
N LEU B 157 9.83 -15.90 13.47
CA LEU B 157 8.38 -15.93 13.51
C LEU B 157 7.79 -17.34 13.52
N ASP B 158 8.50 -18.29 12.94
CA ASP B 158 7.97 -19.66 12.91
C ASP B 158 7.95 -20.28 14.31
N GLY B 159 6.79 -20.79 14.72
CA GLY B 159 6.66 -21.40 16.02
C GLY B 159 6.89 -20.41 17.15
N TYR B 160 6.66 -19.13 16.87
CA TYR B 160 6.88 -18.09 17.85
C TYR B 160 6.00 -18.19 19.10
N VAL B 161 4.69 -18.34 18.91
CA VAL B 161 3.79 -18.42 20.03
C VAL B 161 4.20 -19.53 21.00
N LYS B 162 4.62 -20.67 20.45
CA LYS B 162 5.03 -21.78 21.28
C LYS B 162 6.19 -21.38 22.20
N ARG B 163 7.16 -20.65 21.65
CA ARG B 163 8.31 -20.21 22.43
C ARG B 163 7.92 -19.17 23.46
N ALA B 164 7.12 -18.20 23.04
CA ALA B 164 6.67 -17.11 23.89
C ALA B 164 5.94 -17.60 25.12
N SER B 165 5.00 -18.50 24.93
CA SER B 165 4.20 -19.06 26.02
C SER B 165 5.06 -19.85 27.01
N ALA B 166 6.19 -20.37 26.53
CA ALA B 166 7.08 -21.13 27.39
C ALA B 166 7.77 -20.10 28.28
N TYR B 167 8.12 -18.96 27.68
CA TYR B 167 8.77 -17.90 28.44
C TYR B 167 7.82 -17.28 29.43
N TYR B 168 6.55 -17.19 29.05
CA TYR B 168 5.53 -16.64 29.94
C TYR B 168 5.45 -17.50 31.20
N LYS B 169 5.45 -18.82 31.01
CA LYS B 169 5.36 -19.74 32.13
C LYS B 169 6.51 -19.58 33.10
N LYS B 170 7.71 -19.33 32.58
CA LYS B 170 8.88 -19.16 33.42
C LYS B 170 8.90 -17.80 34.13
N GLY B 171 7.87 -16.99 33.89
CA GLY B 171 7.81 -15.70 34.55
C GLY B 171 8.04 -14.47 33.68
N CYS B 172 8.38 -14.67 32.41
CA CYS B 172 8.61 -13.53 31.53
C CYS B 172 7.32 -12.78 31.23
N ARG B 173 7.40 -11.45 31.22
CA ARG B 173 6.22 -10.64 30.95
C ARG B 173 6.34 -9.70 29.76
N PHE B 174 7.53 -9.64 29.17
CA PHE B 174 7.72 -8.82 27.98
C PHE B 174 8.84 -9.44 27.17
N CYS B 175 9.08 -8.93 25.98
CA CYS B 175 10.11 -9.49 25.11
C CYS B 175 10.65 -8.45 24.16
N LYS B 176 11.71 -8.80 23.43
CA LYS B 176 12.30 -7.86 22.49
C LYS B 176 12.72 -8.56 21.22
N TRP B 177 12.53 -7.86 20.11
CA TRP B 177 12.87 -8.37 18.78
C TRP B 177 13.49 -7.17 18.06
N ARG B 178 14.61 -7.40 17.39
CA ARG B 178 15.25 -6.30 16.71
C ARG B 178 15.62 -6.51 15.25
N ASN B 179 15.20 -5.55 14.43
CA ASN B 179 15.49 -5.55 13.01
C ASN B 179 16.41 -4.36 12.79
N VAL B 180 17.34 -4.49 11.85
CA VAL B 180 18.29 -3.43 11.58
C VAL B 180 18.19 -2.89 10.16
N TYR B 181 18.51 -1.61 10.01
CA TYR B 181 18.50 -0.94 8.72
C TYR B 181 19.85 -0.26 8.56
N LYS B 182 20.47 -0.48 7.40
CA LYS B 182 21.80 0.06 7.13
C LYS B 182 21.76 1.25 6.16
N ILE B 183 22.17 2.42 6.63
CA ILE B 183 22.22 3.59 5.77
C ILE B 183 23.44 3.44 4.88
N GLN B 184 23.21 3.24 3.59
CA GLN B 184 24.31 3.11 2.64
C GLN B 184 24.06 4.11 1.52
N ASN B 185 25.03 5.00 1.31
CA ASN B 185 24.88 6.02 0.28
C ASN B 185 23.77 6.98 0.70
N GLY B 186 23.61 7.15 2.00
CA GLY B 186 22.60 8.03 2.55
C GLY B 186 21.16 7.54 2.43
N THR B 187 20.98 6.26 2.14
CA THR B 187 19.64 5.72 1.98
C THR B 187 19.54 4.22 2.27
N VAL B 188 18.32 3.71 2.15
CA VAL B 188 18.00 2.30 2.36
C VAL B 188 16.99 1.93 1.28
N SER B 189 16.80 0.64 1.03
CA SER B 189 15.85 0.23 0.01
C SER B 189 14.47 -0.05 0.60
N GLU B 190 13.44 0.23 -0.19
CA GLU B 190 12.06 0.03 0.22
C GLU B 190 11.84 -1.45 0.52
N SER B 191 12.62 -2.30 -0.14
CA SER B 191 12.52 -3.73 0.09
C SER B 191 12.70 -3.94 1.59
N ALA B 192 13.70 -3.28 2.15
CA ALA B 192 14.01 -3.39 3.56
C ALA B 192 13.00 -2.64 4.42
N VAL B 193 12.70 -1.40 4.05
CA VAL B 193 11.75 -0.59 4.80
C VAL B 193 10.43 -1.33 4.96
N ARG B 194 9.97 -1.96 3.89
CA ARG B 194 8.71 -2.68 3.92
C ARG B 194 8.77 -4.02 4.62
N PHE B 195 9.75 -4.86 4.25
CA PHE B 195 9.85 -6.19 4.86
C PHE B 195 10.12 -6.23 6.35
N ASN B 196 11.08 -5.44 6.82
CA ASN B 196 11.39 -5.47 8.24
C ASN B 196 10.25 -4.86 9.06
N ALA B 197 9.51 -3.92 8.46
CA ALA B 197 8.38 -3.31 9.15
C ALA B 197 7.27 -4.36 9.36
N GLU B 198 7.02 -5.15 8.34
CA GLU B 198 6.02 -6.22 8.42
C GLU B 198 6.47 -7.32 9.40
N THR B 199 7.78 -7.58 9.45
CA THR B 199 8.30 -8.61 10.37
C THR B 199 8.05 -8.15 11.80
N LEU B 200 8.45 -6.90 12.08
CA LEU B 200 8.27 -6.32 13.39
C LEU B 200 6.80 -6.25 13.81
N ALA B 201 5.93 -5.86 12.88
CA ALA B 201 4.51 -5.76 13.19
C ALA B 201 3.88 -7.10 13.53
N ARG B 202 4.29 -8.12 12.79
CA ARG B 202 3.77 -9.47 12.99
C ARG B 202 4.28 -9.96 14.36
N TYR B 203 5.54 -9.71 14.63
CA TYR B 203 6.16 -10.10 15.89
C TYR B 203 5.41 -9.51 17.08
N ALA B 204 4.94 -8.27 16.94
CA ALA B 204 4.23 -7.61 18.00
C ALA B 204 2.91 -8.31 18.30
N ILE B 205 2.17 -8.63 17.25
CA ILE B 205 0.91 -9.31 17.39
C ILE B 205 1.08 -10.68 18.04
N LEU B 206 2.03 -11.46 17.54
CA LEU B 206 2.26 -12.78 18.10
C LEU B 206 2.70 -12.72 19.56
N SER B 207 3.41 -11.65 19.93
CA SER B 207 3.88 -11.48 21.31
C SER B 207 2.68 -11.18 22.23
N GLN B 208 1.88 -10.18 21.87
CA GLN B 208 0.72 -9.82 22.67
C GLN B 208 -0.24 -10.99 22.84
N MET B 209 -0.43 -11.80 21.79
CA MET B 209 -1.31 -12.96 21.87
C MET B 209 -0.70 -13.98 22.84
N SER B 210 0.60 -13.87 23.08
CA SER B 210 1.29 -14.79 23.98
C SER B 210 1.52 -14.22 25.37
N GLY B 211 0.87 -13.10 25.67
CA GLY B 211 1.02 -12.49 26.99
C GLY B 211 2.30 -11.72 27.25
N LEU B 212 3.09 -11.50 26.20
CA LEU B 212 4.33 -10.76 26.37
C LEU B 212 4.27 -9.37 25.73
N VAL B 213 4.58 -8.34 26.51
CA VAL B 213 4.60 -6.96 26.04
C VAL B 213 5.76 -6.83 25.06
N PRO B 214 5.45 -6.57 23.78
CA PRO B 214 6.54 -6.45 22.80
C PRO B 214 7.25 -5.11 22.74
N ILE B 215 8.57 -5.18 22.66
CA ILE B 215 9.42 -4.01 22.52
C ILE B 215 9.90 -4.09 21.09
N VAL B 216 9.36 -3.22 20.24
CA VAL B 216 9.70 -3.18 18.82
C VAL B 216 10.99 -2.39 18.59
N GLU B 217 12.02 -3.07 18.06
CA GLU B 217 13.29 -2.42 17.81
C GLU B 217 13.65 -2.21 16.36
N PRO B 218 13.25 -1.05 15.80
CA PRO B 218 13.55 -0.71 14.41
C PRO B 218 14.80 0.14 14.45
N GLU B 219 15.96 -0.50 14.46
CA GLU B 219 17.22 0.22 14.56
C GLU B 219 17.94 0.67 13.29
N VAL B 220 18.11 1.97 13.17
CA VAL B 220 18.83 2.52 12.03
C VAL B 220 20.27 2.52 12.57
N MET B 221 21.09 1.62 12.06
CA MET B 221 22.47 1.51 12.52
C MET B 221 23.32 2.77 12.37
N ILE B 222 24.20 3.00 13.35
CA ILE B 222 25.07 4.17 13.34
C ILE B 222 26.28 3.99 12.42
N ASP B 223 26.42 2.78 11.87
CA ASP B 223 27.51 2.48 10.95
C ASP B 223 27.43 3.41 9.75
N GLY B 224 28.57 3.84 9.24
CA GLY B 224 28.56 4.72 8.09
C GLY B 224 29.10 6.12 8.34
N LYS B 225 29.27 6.88 7.27
CA LYS B 225 29.81 8.24 7.35
C LYS B 225 28.69 9.28 7.24
N HIS B 226 27.44 8.84 7.21
CA HIS B 226 26.31 9.75 7.10
C HIS B 226 26.24 10.77 8.24
N ASP B 227 25.78 11.97 7.92
CA ASP B 227 25.64 13.03 8.91
C ASP B 227 24.33 12.85 9.66
N ILE B 228 24.01 13.78 10.56
CA ILE B 228 22.79 13.70 11.34
C ILE B 228 21.50 13.85 10.52
N ASP B 229 21.48 14.75 9.55
CA ASP B 229 20.29 14.93 8.73
C ASP B 229 19.93 13.64 8.00
N THR B 230 20.93 12.97 7.44
CA THR B 230 20.68 11.72 6.73
C THR B 230 20.09 10.65 7.67
N CYS B 231 20.46 10.71 8.95
CA CYS B 231 19.93 9.74 9.89
C CYS B 231 18.50 10.15 10.27
N GLN B 232 18.25 11.45 10.25
CA GLN B 232 16.94 11.98 10.56
C GLN B 232 15.95 11.51 9.50
N ARG B 233 16.32 11.67 8.24
CA ARG B 233 15.49 11.28 7.09
C ARG B 233 15.18 9.79 7.06
N VAL B 234 16.24 8.98 7.15
CA VAL B 234 16.07 7.53 7.11
C VAL B 234 15.26 7.02 8.30
N SER B 235 15.58 7.53 9.48
CA SER B 235 14.88 7.12 10.68
C SER B 235 13.41 7.47 10.60
N GLU B 236 13.10 8.63 10.06
CA GLU B 236 11.71 9.04 9.93
C GLU B 236 11.03 8.12 8.92
N HIS B 237 11.75 7.76 7.87
CA HIS B 237 11.22 6.90 6.82
C HIS B 237 11.00 5.47 7.29
N VAL B 238 11.95 4.95 8.05
CA VAL B 238 11.86 3.59 8.56
C VAL B 238 10.73 3.44 9.58
N TRP B 239 10.70 4.36 10.54
CA TRP B 239 9.69 4.34 11.59
C TRP B 239 8.26 4.54 11.07
N ARG B 240 8.13 5.27 9.96
CA ARG B 240 6.83 5.52 9.35
C ARG B 240 6.20 4.18 9.02
N GLU B 241 6.95 3.37 8.28
CA GLU B 241 6.48 2.07 7.86
C GLU B 241 6.24 1.10 9.00
N VAL B 242 7.04 1.19 10.06
CA VAL B 242 6.84 0.30 11.19
C VAL B 242 5.43 0.60 11.75
N VAL B 243 5.14 1.87 11.95
CA VAL B 243 3.85 2.29 12.48
C VAL B 243 2.72 1.85 11.53
N ALA B 244 2.93 2.05 10.24
CA ALA B 244 1.95 1.67 9.24
C ALA B 244 1.69 0.16 9.30
N ALA B 245 2.75 -0.63 9.39
CA ALA B 245 2.59 -2.08 9.44
C ALA B 245 1.89 -2.49 10.73
N LEU B 246 2.12 -1.74 11.81
CA LEU B 246 1.51 -2.05 13.09
C LEU B 246 0.02 -1.77 13.08
N GLN B 247 -0.39 -0.75 12.32
CA GLN B 247 -1.81 -0.40 12.21
C GLN B 247 -2.51 -1.49 11.41
N ARG B 248 -1.86 -1.99 10.35
CA ARG B 248 -2.44 -3.04 9.52
C ARG B 248 -2.64 -4.34 10.31
N HIS B 249 -1.65 -4.70 11.12
CA HIS B 249 -1.72 -5.92 11.92
C HIS B 249 -2.54 -5.81 13.19
N GLY B 250 -3.03 -4.61 13.49
CA GLY B 250 -3.87 -4.37 14.65
C GLY B 250 -3.28 -4.48 16.05
N VAL B 251 -2.07 -3.98 16.24
CA VAL B 251 -1.42 -4.03 17.55
C VAL B 251 -2.19 -3.25 18.60
N ILE B 252 -2.07 -3.68 19.85
CA ILE B 252 -2.70 -2.96 20.94
C ILE B 252 -1.64 -1.94 21.35
N TRP B 253 -1.79 -0.69 20.91
CA TRP B 253 -0.81 0.34 21.22
C TRP B 253 -0.57 0.52 22.71
N GLU B 254 -1.63 0.47 23.50
CA GLU B 254 -1.48 0.65 24.94
C GLU B 254 -0.63 -0.46 25.54
N GLY B 255 -0.34 -1.48 24.76
CA GLY B 255 0.45 -2.58 25.29
C GLY B 255 1.77 -2.92 24.62
N CYS B 256 2.46 -1.93 24.07
CA CYS B 256 3.76 -2.18 23.44
C CYS B 256 4.72 -1.01 23.69
N LEU B 257 6.00 -1.21 23.34
CA LEU B 257 7.04 -0.18 23.53
C LEU B 257 7.93 -0.14 22.30
N LEU B 258 8.67 0.96 22.14
CA LEU B 258 9.57 1.12 21.02
C LEU B 258 11.01 1.32 21.51
N LYS B 259 11.93 0.56 20.94
CA LYS B 259 13.34 0.68 21.30
C LYS B 259 14.05 1.11 20.04
N PRO B 260 14.05 2.42 19.76
CA PRO B 260 14.68 2.95 18.57
C PRO B 260 16.06 3.52 18.86
N ASN B 261 16.78 3.83 17.78
CA ASN B 261 18.10 4.41 17.88
C ASN B 261 17.88 5.90 18.01
N MET B 262 18.88 6.63 18.48
CA MET B 262 18.77 8.06 18.58
C MET B 262 19.22 8.60 17.22
N VAL B 263 18.78 9.80 16.86
CA VAL B 263 19.19 10.37 15.59
C VAL B 263 20.52 11.10 15.82
N VAL B 264 21.60 10.39 15.56
CA VAL B 264 22.95 10.91 15.74
C VAL B 264 23.71 10.76 14.42
N PRO B 265 24.78 11.54 14.24
CA PRO B 265 25.54 11.44 13.00
C PRO B 265 26.29 10.12 12.92
N GLY B 266 26.62 9.69 11.71
CA GLY B 266 27.31 8.42 11.52
C GLY B 266 28.58 8.24 12.34
N ALA B 267 28.92 6.99 12.62
CA ALA B 267 30.11 6.65 13.39
C ALA B 267 31.38 7.17 12.71
N GLU B 268 31.45 7.01 11.40
CA GLU B 268 32.61 7.47 10.64
C GLU B 268 32.31 8.81 9.99
N SER B 269 31.31 9.51 10.52
CA SER B 269 30.92 10.80 9.97
C SER B 269 32.00 11.85 10.17
N GLY B 270 32.87 11.63 11.15
CA GLY B 270 33.92 12.59 11.41
C GLY B 270 33.32 13.82 12.06
N LYS B 271 32.30 13.59 12.87
CA LYS B 271 31.61 14.66 13.57
C LYS B 271 31.14 14.19 14.94
N THR B 272 30.18 14.91 15.50
CA THR B 272 29.61 14.60 16.80
C THR B 272 28.56 15.65 17.06
N ALA B 273 27.38 15.22 17.49
CA ALA B 273 26.30 16.14 17.76
C ALA B 273 26.19 16.44 19.24
N ALA B 274 25.89 17.70 19.56
CA ALA B 274 25.73 18.13 20.93
C ALA B 274 24.40 17.59 21.45
N PRO B 275 24.29 17.38 22.77
CA PRO B 275 23.07 16.87 23.41
C PRO B 275 21.80 17.63 23.03
N GLU B 276 21.95 18.85 22.51
CA GLU B 276 20.81 19.68 22.12
C GLU B 276 20.32 19.30 20.73
N GLN B 277 21.28 19.06 19.83
CA GLN B 277 20.97 18.69 18.46
C GLN B 277 20.39 17.29 18.45
N VAL B 278 20.97 16.39 19.25
CA VAL B 278 20.51 15.01 19.33
C VAL B 278 19.10 14.94 19.88
N ALA B 279 18.78 15.77 20.88
CA ALA B 279 17.45 15.76 21.44
C ALA B 279 16.43 16.25 20.42
N HIS B 280 16.69 17.42 19.84
CA HIS B 280 15.80 18.01 18.85
C HIS B 280 15.48 17.03 17.73
N TYR B 281 16.51 16.65 16.99
CA TYR B 281 16.39 15.72 15.88
C TYR B 281 15.69 14.40 16.26
N THR B 282 15.94 13.90 17.46
CA THR B 282 15.34 12.64 17.90
C THR B 282 13.88 12.75 18.30
N VAL B 283 13.56 13.69 19.19
CA VAL B 283 12.19 13.89 19.65
C VAL B 283 11.28 14.36 18.51
N MET B 284 11.86 15.06 17.54
CA MET B 284 11.11 15.56 16.39
C MET B 284 10.75 14.39 15.48
N THR B 285 11.71 13.50 15.24
CA THR B 285 11.48 12.35 14.37
C THR B 285 10.48 11.35 14.97
N LEU B 286 10.38 11.31 16.29
CA LEU B 286 9.44 10.42 16.95
C LEU B 286 8.02 11.00 16.82
N ALA B 287 7.88 12.27 17.18
CA ALA B 287 6.60 12.96 17.12
C ALA B 287 5.99 12.93 15.72
N ARG B 288 6.84 12.95 14.71
CA ARG B 288 6.38 12.94 13.34
C ARG B 288 5.93 11.60 12.79
N THR B 289 6.19 10.51 13.52
CA THR B 289 5.81 9.18 13.03
C THR B 289 5.13 8.27 14.05
N MET B 290 5.32 8.53 15.34
CA MET B 290 4.72 7.70 16.37
C MET B 290 3.35 8.18 16.84
N PRO B 291 2.38 7.26 16.97
CA PRO B 291 1.03 7.60 17.43
C PRO B 291 1.15 8.13 18.85
N ALA B 292 0.36 9.12 19.20
CA ALA B 292 0.43 9.71 20.53
C ALA B 292 0.09 8.72 21.66
N MET B 293 -0.40 7.54 21.29
CA MET B 293 -0.77 6.53 22.28
C MET B 293 0.38 5.61 22.69
N LEU B 294 1.48 5.61 21.92
CA LEU B 294 2.63 4.77 22.25
C LEU B 294 3.07 5.03 23.71
N PRO B 295 3.01 3.99 24.57
CA PRO B 295 3.38 4.08 25.99
C PRO B 295 4.76 4.65 26.28
N GLY B 296 5.79 4.10 25.66
CA GLY B 296 7.12 4.60 25.91
C GLY B 296 8.15 4.25 24.88
N VAL B 297 9.27 4.96 24.96
CA VAL B 297 10.39 4.76 24.05
C VAL B 297 11.63 4.50 24.91
N MET B 298 12.16 3.28 24.83
CA MET B 298 13.35 2.93 25.58
C MET B 298 14.48 2.91 24.55
N PHE B 299 15.36 3.91 24.62
CA PHE B 299 16.46 4.01 23.67
C PHE B 299 17.55 2.95 23.82
N LEU B 300 18.35 2.83 22.77
CA LEU B 300 19.46 1.90 22.72
C LEU B 300 20.75 2.72 22.65
N SER B 301 21.86 2.20 23.14
CA SER B 301 23.13 2.93 23.10
C SER B 301 23.73 2.87 21.69
N GLY B 302 23.67 1.70 21.07
CA GLY B 302 24.18 1.54 19.72
C GLY B 302 25.67 1.68 19.49
N GLY B 303 26.31 2.58 20.21
CA GLY B 303 27.73 2.77 20.03
C GLY B 303 28.22 4.02 20.73
N LEU B 304 27.28 4.72 21.35
CA LEU B 304 27.59 5.94 22.08
C LEU B 304 28.34 5.60 23.35
N SER B 305 29.14 6.54 23.85
CA SER B 305 29.90 6.32 25.07
C SER B 305 28.90 6.19 26.19
N GLU B 306 29.36 5.78 27.37
CA GLU B 306 28.47 5.62 28.51
C GLU B 306 27.90 6.96 28.98
N VAL B 307 28.59 8.05 28.66
CA VAL B 307 28.14 9.37 29.08
C VAL B 307 27.14 9.98 28.11
N GLN B 308 27.44 9.90 26.82
CA GLN B 308 26.55 10.43 25.79
C GLN B 308 25.15 9.84 26.00
N ALA B 309 25.11 8.53 26.20
CA ALA B 309 23.87 7.81 26.41
C ALA B 309 23.08 8.43 27.55
N SER B 310 23.81 9.04 28.49
CA SER B 310 23.16 9.67 29.62
C SER B 310 22.86 11.13 29.31
N GLU B 311 23.80 11.79 28.62
CA GLU B 311 23.61 13.19 28.24
C GLU B 311 22.41 13.29 27.32
N TYR B 312 22.53 12.66 26.17
CA TYR B 312 21.47 12.66 25.16
C TYR B 312 20.10 12.35 25.75
N LEU B 313 20.00 11.30 26.56
CA LEU B 313 18.72 10.97 27.16
C LEU B 313 18.24 12.16 27.97
N ASN B 314 19.12 12.64 28.84
CA ASN B 314 18.81 13.79 29.68
C ASN B 314 18.27 14.95 28.84
N ALA B 315 18.96 15.25 27.75
CA ALA B 315 18.57 16.33 26.85
C ALA B 315 17.23 15.98 26.21
N ILE B 316 17.14 14.76 25.69
CA ILE B 316 15.90 14.31 25.08
C ILE B 316 14.79 14.61 26.07
N ASN B 317 15.07 14.43 27.36
CA ASN B 317 14.08 14.69 28.40
C ASN B 317 14.03 16.15 28.84
N ASN B 318 14.60 17.03 28.03
CA ASN B 318 14.59 18.46 28.29
C ASN B 318 14.15 19.16 27.00
N SER B 319 13.56 18.39 26.09
CA SER B 319 13.10 18.96 24.82
C SER B 319 11.74 19.60 24.96
N PRO B 320 11.57 20.80 24.39
CA PRO B 320 10.30 21.51 24.46
C PRO B 320 9.31 20.94 23.43
N LEU B 321 9.82 20.13 22.50
CA LEU B 321 8.99 19.51 21.46
C LEU B 321 7.99 18.52 22.05
N PRO B 322 6.88 18.27 21.33
CA PRO B 322 5.86 17.32 21.81
C PRO B 322 6.44 15.92 22.01
N ARG B 323 6.04 15.27 23.08
CA ARG B 323 6.50 13.93 23.41
C ARG B 323 5.67 13.41 24.57
N PRO B 324 4.49 12.85 24.28
CA PRO B 324 3.60 12.32 25.32
C PRO B 324 4.06 10.98 25.87
N TYR B 325 5.00 10.34 25.18
CA TYR B 325 5.49 9.04 25.62
C TYR B 325 6.63 9.10 26.62
N PHE B 326 6.67 8.10 27.49
CA PHE B 326 7.71 7.97 28.51
C PHE B 326 9.01 7.80 27.73
N LEU B 327 9.96 8.72 27.91
CA LEU B 327 11.24 8.64 27.23
C LEU B 327 12.31 8.17 28.20
N SER B 328 12.68 6.89 28.11
CA SER B 328 13.66 6.33 29.00
C SER B 328 14.73 5.56 28.22
N PHE B 329 15.32 4.56 28.85
CA PHE B 329 16.37 3.78 28.21
C PHE B 329 16.22 2.26 28.31
N SER B 330 16.98 1.59 27.44
CA SER B 330 17.03 0.14 27.38
C SER B 330 18.44 -0.10 26.91
N TYR B 331 19.39 0.19 27.78
CA TYR B 331 20.81 0.04 27.46
C TYR B 331 21.42 -1.28 27.87
N ALA B 332 22.57 -1.55 27.27
CA ALA B 332 23.36 -2.73 27.55
C ALA B 332 24.78 -2.23 27.75
N ARG B 333 25.47 -1.99 26.63
CA ARG B 333 26.85 -1.51 26.65
C ARG B 333 27.03 -0.26 27.48
N ALA B 334 26.28 0.78 27.17
CA ALA B 334 26.38 2.02 27.93
C ALA B 334 25.86 1.86 29.35
N LEU B 335 25.87 0.64 29.85
CA LEU B 335 25.40 0.35 31.21
C LEU B 335 26.23 -0.76 31.84
N GLN B 336 27.04 -1.43 31.02
CA GLN B 336 27.87 -2.53 31.50
C GLN B 336 29.35 -2.30 31.25
N SER B 337 29.66 -1.61 30.16
CA SER B 337 31.04 -1.33 29.79
C SER B 337 31.98 -1.18 30.97
N SER B 338 31.86 -0.09 31.73
CA SER B 338 32.72 0.13 32.88
C SER B 338 32.55 -0.96 33.93
N ALA B 339 31.31 -1.21 34.32
CA ALA B 339 31.02 -2.24 35.32
C ALA B 339 31.65 -3.57 34.92
N LEU B 340 32.10 -3.66 33.67
CA LEU B 340 32.73 -4.87 33.14
C LEU B 340 34.24 -4.84 33.36
N LYS B 341 34.86 -3.73 32.98
CA LYS B 341 36.30 -3.54 33.11
C LYS B 341 36.74 -3.64 34.57
N ALA B 342 35.92 -3.09 35.47
CA ALA B 342 36.21 -3.11 36.89
C ALA B 342 35.70 -4.39 37.54
N TRP B 343 35.69 -5.47 36.78
CA TRP B 343 35.24 -6.75 37.29
C TRP B 343 36.21 -7.85 36.88
N GLY B 344 36.71 -7.76 35.65
CA GLY B 344 37.65 -8.74 35.16
C GLY B 344 37.05 -10.12 35.00
N GLY B 345 36.34 -10.58 36.04
CA GLY B 345 35.72 -11.89 35.99
C GLY B 345 35.78 -12.58 37.34
N LYS B 346 36.64 -12.10 38.22
CA LYS B 346 36.78 -12.70 39.55
C LYS B 346 35.74 -12.13 40.50
N GLU B 347 35.39 -12.91 41.52
CA GLU B 347 34.40 -12.48 42.50
C GLU B 347 34.93 -11.29 43.30
N SER B 348 36.23 -11.04 43.17
CA SER B 348 36.85 -9.92 43.87
C SER B 348 36.38 -8.61 43.23
N GLY B 349 36.27 -8.61 41.90
CA GLY B 349 35.85 -7.44 41.19
C GLY B 349 34.35 -7.19 41.29
N LEU B 350 33.69 -7.95 42.13
CA LEU B 350 32.25 -7.80 42.31
C LEU B 350 31.98 -6.49 43.05
N ALA B 351 33.05 -5.88 43.55
CA ALA B 351 32.94 -4.63 44.27
C ALA B 351 32.93 -3.48 43.27
N ALA B 352 34.05 -3.30 42.57
CA ALA B 352 34.18 -2.25 41.58
C ALA B 352 33.16 -2.46 40.47
N GLY B 353 32.94 -3.73 40.13
CA GLY B 353 31.97 -4.05 39.09
C GLY B 353 30.63 -3.46 39.47
N ARG B 354 30.00 -4.04 40.48
CA ARG B 354 28.70 -3.55 40.93
C ARG B 354 28.77 -2.08 41.33
N ARG B 355 30.00 -1.59 41.51
CA ARG B 355 30.20 -0.20 41.88
C ARG B 355 29.93 0.68 40.67
N ALA B 356 30.45 0.27 39.52
CA ALA B 356 30.27 1.00 38.29
C ALA B 356 28.82 0.91 37.81
N PHE B 357 28.34 -0.31 37.61
CA PHE B 357 26.98 -0.53 37.16
C PHE B 357 26.00 0.37 37.87
N LEU B 358 25.92 0.24 39.19
CA LEU B 358 25.00 1.04 39.98
C LEU B 358 25.18 2.53 39.77
N HIS B 359 26.31 2.94 39.21
CA HIS B 359 26.56 4.36 38.96
C HIS B 359 25.88 4.76 37.65
N ARG B 360 26.29 4.11 36.57
CA ARG B 360 25.71 4.38 35.26
C ARG B 360 24.20 4.35 35.37
N ALA B 361 23.70 3.33 36.07
CA ALA B 361 22.27 3.17 36.28
C ALA B 361 21.67 4.35 37.03
N ARG B 362 22.48 4.95 37.90
CA ARG B 362 22.03 6.11 38.68
C ARG B 362 21.98 7.34 37.81
N MET B 363 22.91 7.45 36.88
CA MET B 363 22.97 8.58 35.98
C MET B 363 21.77 8.61 35.04
N ASN B 364 21.56 7.50 34.32
CA ASN B 364 20.44 7.41 33.38
C ASN B 364 19.12 7.63 34.09
N SER B 365 19.02 7.19 35.33
CA SER B 365 17.79 7.38 36.10
C SER B 365 17.58 8.88 36.25
N MET B 366 18.69 9.62 36.36
CA MET B 366 18.63 11.07 36.51
C MET B 366 18.21 11.66 35.17
N ALA B 367 18.96 11.29 34.13
CA ALA B 367 18.67 11.76 32.78
C ALA B 367 17.21 11.51 32.44
N GLN B 368 16.72 10.32 32.77
CA GLN B 368 15.33 9.97 32.51
C GLN B 368 14.47 11.10 33.04
N LEU B 369 14.85 11.61 34.21
CA LEU B 369 14.12 12.70 34.86
C LEU B 369 14.59 14.08 34.39
N GLY B 370 15.57 14.09 33.49
CA GLY B 370 16.07 15.35 32.96
C GLY B 370 16.87 16.16 33.96
N LYS B 371 17.42 15.49 34.97
CA LYS B 371 18.22 16.16 35.99
C LYS B 371 19.55 15.46 36.16
N TYR B 372 20.26 15.27 35.05
CA TYR B 372 21.56 14.63 35.03
C TYR B 372 22.67 15.67 35.02
N LYS B 373 23.66 15.48 35.89
CA LYS B 373 24.79 16.40 35.99
C LYS B 373 26.03 15.79 35.35
N ARG B 374 26.50 16.40 34.27
CA ARG B 374 27.69 15.89 33.58
C ARG B 374 28.93 15.93 34.44
N SER B 375 28.90 16.72 35.50
CA SER B 375 30.05 16.85 36.40
C SER B 375 30.19 15.58 37.24
N ASP B 376 29.12 14.79 37.31
CA ASP B 376 29.11 13.55 38.09
C ASP B 376 29.83 12.42 37.37
N ASP B 377 29.85 12.46 36.04
CA ASP B 377 30.52 11.44 35.25
C ASP B 377 31.95 11.84 34.92
N ASP B 378 32.71 10.90 34.40
CA ASP B 378 34.10 11.13 34.04
C ASP B 378 34.28 11.95 32.77
N ALA B 379 35.47 12.53 32.60
CA ALA B 379 35.77 13.35 31.43
C ALA B 379 36.61 12.56 30.44
N SER B 380 36.48 11.23 30.49
CA SER B 380 37.21 10.34 29.61
C SER B 380 36.40 9.09 29.29
N SER B 381 35.37 9.26 28.46
CA SER B 381 34.50 8.15 28.08
C SER B 381 34.64 7.85 26.59
N SER B 382 35.30 6.74 26.28
CA SER B 382 35.50 6.34 24.90
C SER B 382 34.23 5.73 24.30
N SER B 383 34.18 5.70 22.97
CA SER B 383 33.03 5.15 22.26
C SER B 383 32.93 3.65 22.45
N LEU B 384 31.70 3.18 22.71
CA LEU B 384 31.46 1.75 22.89
C LEU B 384 31.21 1.13 21.52
N TYR B 385 31.47 1.90 20.48
CA TYR B 385 31.26 1.44 19.12
C TYR B 385 32.11 0.23 18.79
N VAL B 386 31.60 -0.61 17.90
CA VAL B 386 32.31 -1.82 17.48
C VAL B 386 32.22 -1.95 15.96
N MET C 21 28.44 -3.64 -7.73
CA MET C 21 27.71 -3.84 -9.02
C MET C 21 27.60 -2.53 -9.79
N SER C 22 26.49 -1.83 -9.59
CA SER C 22 26.25 -0.56 -10.28
C SER C 22 25.80 0.52 -9.30
N ARG C 23 26.28 1.75 -9.52
CA ARG C 23 25.93 2.87 -8.67
C ARG C 23 25.49 4.00 -9.58
N VAL C 24 24.35 4.62 -9.27
CA VAL C 24 23.83 5.70 -10.11
C VAL C 24 23.77 7.01 -9.34
N THR C 25 23.76 8.12 -10.08
CA THR C 25 23.67 9.43 -9.47
C THR C 25 22.27 9.95 -9.70
N VAL C 26 21.50 10.13 -8.63
CA VAL C 26 20.13 10.60 -8.75
C VAL C 26 19.85 11.86 -7.96
N LEU C 27 18.69 12.46 -8.22
CA LEU C 27 18.27 13.65 -7.51
C LEU C 27 17.82 13.18 -6.14
N GLN C 28 18.28 13.85 -5.09
CA GLN C 28 17.91 13.47 -3.73
C GLN C 28 16.37 13.46 -3.59
N SER C 29 15.70 14.29 -4.37
CA SER C 29 14.26 14.38 -4.33
C SER C 29 13.56 13.20 -5.02
N GLN C 30 14.34 12.27 -5.56
CA GLN C 30 13.78 11.10 -6.22
C GLN C 30 13.81 9.91 -5.26
N LEU C 31 14.45 10.10 -4.12
CA LEU C 31 14.52 9.04 -3.11
C LEU C 31 13.28 9.16 -2.23
N PRO C 32 12.68 8.00 -1.87
CA PRO C 32 11.48 7.98 -1.02
C PRO C 32 11.59 8.73 0.30
N ALA C 33 12.69 8.53 1.03
CA ALA C 33 12.87 9.19 2.32
C ALA C 33 13.00 10.70 2.28
N TYR C 34 13.05 11.29 1.10
CA TYR C 34 13.17 12.73 0.98
C TYR C 34 11.95 13.35 0.31
N ASN C 35 10.78 12.83 0.69
CA ASN C 35 9.52 13.28 0.11
C ASN C 35 8.88 14.42 0.89
N ARG C 36 9.47 14.80 2.03
CA ARG C 36 8.90 15.89 2.81
C ARG C 36 8.75 17.12 1.92
N LEU C 37 7.62 17.81 2.09
CA LEU C 37 7.30 19.00 1.30
C LEU C 37 8.25 20.16 1.58
N LYS C 38 8.75 20.77 0.51
CA LYS C 38 9.65 21.91 0.65
C LYS C 38 8.96 23.16 0.14
N THR C 39 8.70 24.11 1.04
CA THR C 39 8.07 25.36 0.64
C THR C 39 8.67 26.52 1.43
N PRO C 40 8.92 27.64 0.76
CA PRO C 40 9.49 28.82 1.42
C PRO C 40 8.51 29.42 2.43
N TYR C 41 7.30 28.87 2.47
CA TYR C 41 6.27 29.35 3.39
C TYR C 41 6.29 28.63 4.72
N GLU C 42 7.17 27.64 4.87
CA GLU C 42 7.20 26.87 6.11
C GLU C 42 7.20 27.69 7.39
N SER C 43 8.17 28.59 7.53
CA SER C 43 8.26 29.40 8.73
C SER C 43 6.94 30.14 9.05
N GLU C 44 6.26 30.59 8.01
CA GLU C 44 5.00 31.32 8.18
C GLU C 44 3.83 30.42 8.56
N LEU C 45 3.79 29.22 7.98
CA LEU C 45 2.71 28.29 8.30
C LEU C 45 2.78 27.93 9.78
N ILE C 46 4.00 27.81 10.31
CA ILE C 46 4.18 27.47 11.72
C ILE C 46 3.80 28.63 12.62
N ALA C 47 4.04 29.85 12.15
CA ALA C 47 3.68 31.02 12.95
C ALA C 47 2.16 31.10 12.99
N THR C 48 1.52 30.68 11.90
CA THR C 48 0.06 30.71 11.82
C THR C 48 -0.51 29.62 12.71
N VAL C 49 0.10 28.44 12.67
CA VAL C 49 -0.35 27.35 13.51
C VAL C 49 -0.30 27.81 14.97
N LYS C 50 0.79 28.47 15.34
CA LYS C 50 0.93 28.97 16.71
C LYS C 50 -0.22 29.90 17.07
N LYS C 51 -0.56 30.80 16.16
CA LYS C 51 -1.67 31.72 16.41
C LYS C 51 -2.98 30.96 16.58
N LEU C 52 -3.17 29.91 15.77
CA LEU C 52 -4.39 29.11 15.83
C LEU C 52 -4.48 28.16 17.03
N THR C 53 -3.36 27.92 17.71
CA THR C 53 -3.38 27.05 18.88
C THR C 53 -3.07 27.87 20.13
N THR C 54 -3.82 28.96 20.29
CA THR C 54 -3.66 29.85 21.43
C THR C 54 -4.59 29.42 22.55
N PRO C 55 -4.03 29.14 23.75
CA PRO C 55 -4.81 28.71 24.91
C PRO C 55 -6.05 29.56 25.10
N GLY C 56 -7.19 28.91 25.33
CA GLY C 56 -8.44 29.63 25.53
C GLY C 56 -9.13 30.16 24.27
N LYS C 57 -8.56 29.87 23.11
CA LYS C 57 -9.16 30.33 21.86
C LYS C 57 -9.47 29.18 20.91
N GLY C 58 -10.42 29.43 20.01
CA GLY C 58 -10.81 28.42 19.03
C GLY C 58 -11.17 29.09 17.71
N LEU C 59 -11.62 28.29 16.74
CA LEU C 59 -11.98 28.82 15.44
C LEU C 59 -13.49 28.94 15.27
N LEU C 60 -13.91 30.05 14.68
CA LEU C 60 -15.32 30.28 14.39
C LEU C 60 -15.50 29.85 12.95
N ALA C 61 -16.34 28.84 12.72
CA ALA C 61 -16.57 28.41 11.34
C ALA C 61 -17.74 29.20 10.80
N ALA C 62 -17.49 30.03 9.79
CA ALA C 62 -18.55 30.84 9.19
C ALA C 62 -18.57 30.64 7.68
N ASP C 63 -18.10 29.45 7.26
CA ASP C 63 -17.99 29.11 5.85
C ASP C 63 -19.18 28.44 5.14
N GLU C 64 -20.35 28.48 5.77
CA GLU C 64 -21.56 27.87 5.19
C GLU C 64 -21.88 28.29 3.76
N SER C 65 -22.25 27.28 2.96
CA SER C 65 -22.62 27.49 1.56
C SER C 65 -23.90 28.30 1.48
N ILE C 66 -24.17 28.86 0.31
CA ILE C 66 -25.38 29.66 0.11
C ILE C 66 -26.59 28.79 0.41
N GLY C 67 -26.47 27.50 0.13
CA GLY C 67 -27.57 26.57 0.38
C GLY C 67 -27.77 26.29 1.86
N SER C 68 -26.66 26.22 2.61
CA SER C 68 -26.75 25.98 4.06
C SER C 68 -27.29 27.23 4.74
N CYS C 69 -26.96 28.40 4.19
CA CYS C 69 -27.46 29.64 4.75
C CYS C 69 -28.99 29.58 4.74
N THR C 70 -29.56 29.12 3.62
CA THR C 70 -31.01 29.00 3.47
C THR C 70 -31.61 28.28 4.66
N LYS C 71 -30.91 27.25 5.13
CA LYS C 71 -31.38 26.46 6.27
C LYS C 71 -31.23 27.22 7.58
N ARG C 72 -30.60 28.39 7.52
CA ARG C 72 -30.43 29.21 8.71
C ARG C 72 -31.36 30.40 8.61
N PHE C 73 -31.34 31.06 7.45
CA PHE C 73 -32.18 32.22 7.22
C PHE C 73 -33.67 31.92 7.18
N GLN C 74 -34.02 30.65 6.98
CA GLN C 74 -35.41 30.25 6.90
C GLN C 74 -36.14 30.32 8.24
N PRO C 75 -35.55 29.72 9.32
CA PRO C 75 -36.21 29.77 10.61
C PRO C 75 -36.25 31.15 11.29
N ILE C 76 -35.91 32.20 10.56
CA ILE C 76 -35.94 33.53 11.14
C ILE C 76 -36.53 34.50 10.13
N GLY C 77 -37.19 33.94 9.12
CA GLY C 77 -37.79 34.75 8.08
C GLY C 77 -36.84 35.69 7.40
N LEU C 78 -35.60 35.25 7.17
CA LEU C 78 -34.62 36.10 6.50
C LEU C 78 -34.40 35.65 5.06
N SER C 79 -34.80 36.47 4.11
CA SER C 79 -34.61 36.12 2.71
C SER C 79 -33.12 35.85 2.51
N ASN C 80 -32.78 34.69 1.97
CA ASN C 80 -31.37 34.36 1.75
C ASN C 80 -30.81 35.19 0.59
N THR C 81 -30.26 36.36 0.90
CA THR C 81 -29.70 37.19 -0.14
C THR C 81 -28.24 37.53 0.12
N GLU C 82 -27.56 38.00 -0.91
CA GLU C 82 -26.15 38.35 -0.82
C GLU C 82 -25.90 39.36 0.29
N GLU C 83 -26.77 40.36 0.38
CA GLU C 83 -26.61 41.39 1.41
C GLU C 83 -26.92 40.85 2.79
N HIS C 84 -27.94 40.00 2.90
CA HIS C 84 -28.31 39.43 4.18
C HIS C 84 -27.26 38.44 4.66
N ARG C 85 -26.53 37.85 3.71
CA ARG C 85 -25.49 36.91 4.07
C ARG C 85 -24.34 37.67 4.71
N ARG C 86 -24.03 38.84 4.16
CA ARG C 86 -22.96 39.66 4.70
C ARG C 86 -23.34 40.11 6.11
N GLN C 87 -24.62 40.41 6.33
CA GLN C 87 -25.09 40.84 7.64
C GLN C 87 -24.99 39.71 8.65
N TYR C 88 -25.22 38.49 8.17
CA TYR C 88 -25.15 37.29 9.00
C TYR C 88 -23.74 37.09 9.54
N ARG C 89 -22.74 37.32 8.68
CA ARG C 89 -21.34 37.20 9.08
C ARG C 89 -20.99 38.40 9.95
N ALA C 90 -21.37 39.58 9.49
CA ALA C 90 -21.11 40.81 10.23
C ALA C 90 -21.62 40.68 11.66
N LEU C 91 -22.76 40.04 11.84
CA LEU C 91 -23.33 39.85 13.17
C LEU C 91 -22.28 39.32 14.13
N MET C 92 -21.45 38.42 13.63
CA MET C 92 -20.43 37.78 14.45
C MET C 92 -19.05 38.41 14.36
N LEU C 93 -18.59 38.61 13.12
CA LEU C 93 -17.27 39.18 12.91
C LEU C 93 -17.11 40.59 13.48
N GLU C 94 -18.20 41.34 13.54
CA GLU C 94 -18.15 42.70 14.08
C GLU C 94 -18.74 42.74 15.50
N ALA C 95 -18.67 41.61 16.19
CA ALA C 95 -19.17 41.53 17.54
C ALA C 95 -17.95 41.78 18.41
N GLU C 96 -17.53 43.05 18.48
CA GLU C 96 -16.35 43.40 19.26
C GLU C 96 -16.29 42.65 20.59
N GLY C 97 -15.19 41.94 20.80
CA GLY C 97 -15.04 41.17 22.02
C GLY C 97 -14.91 39.68 21.75
N PHE C 98 -15.37 39.23 20.59
CA PHE C 98 -15.26 37.80 20.29
C PHE C 98 -13.81 37.41 20.01
N GLU C 99 -12.97 38.38 19.66
CA GLU C 99 -11.57 38.09 19.37
C GLU C 99 -10.87 37.41 20.53
N GLN C 100 -11.35 37.66 21.75
CA GLN C 100 -10.75 37.08 22.95
C GLN C 100 -10.89 35.55 22.98
N TYR C 101 -11.87 35.03 22.25
CA TYR C 101 -12.12 33.60 22.23
C TYR C 101 -11.88 32.96 20.86
N ILE C 102 -11.88 33.79 19.82
CA ILE C 102 -11.69 33.33 18.45
C ILE C 102 -10.35 33.76 17.88
N SER C 103 -9.48 32.78 17.61
CA SER C 103 -8.16 33.06 17.06
C SER C 103 -8.16 33.02 15.53
N GLY C 104 -9.22 32.45 14.98
CA GLY C 104 -9.32 32.36 13.53
C GLY C 104 -10.75 32.16 13.07
N VAL C 105 -11.06 32.68 11.88
CA VAL C 105 -12.38 32.57 11.29
C VAL C 105 -12.30 31.94 9.90
N ILE C 106 -12.97 30.82 9.72
CA ILE C 106 -12.99 30.15 8.44
C ILE C 106 -14.08 30.82 7.62
N LEU C 107 -13.67 31.54 6.58
CA LEU C 107 -14.59 32.30 5.74
C LEU C 107 -15.06 31.61 4.48
N HIS C 108 -16.25 31.98 4.03
CA HIS C 108 -16.78 31.43 2.80
C HIS C 108 -16.24 32.31 1.69
N ASP C 109 -15.98 31.73 0.54
CA ASP C 109 -15.44 32.44 -0.60
C ASP C 109 -16.12 33.79 -0.86
N GLU C 110 -17.44 33.83 -0.69
CA GLU C 110 -18.19 35.06 -0.90
C GLU C 110 -17.76 36.16 0.09
N THR C 111 -17.71 35.82 1.36
CA THR C 111 -17.35 36.75 2.41
C THR C 111 -15.94 37.36 2.29
N VAL C 112 -14.98 36.57 1.81
CA VAL C 112 -13.61 37.05 1.66
C VAL C 112 -13.56 38.38 0.91
N GLY C 113 -14.52 38.58 0.01
CA GLY C 113 -14.57 39.79 -0.79
C GLY C 113 -15.54 40.85 -0.31
N GLN C 114 -16.24 40.60 0.80
CA GLN C 114 -17.18 41.57 1.34
C GLN C 114 -16.48 42.47 2.37
N LYS C 115 -16.98 43.69 2.52
CA LYS C 115 -16.42 44.66 3.44
C LYS C 115 -17.15 44.73 4.77
N ALA C 116 -16.44 45.17 5.81
CA ALA C 116 -17.03 45.33 7.14
C ALA C 116 -17.70 46.71 7.15
N SER C 117 -18.19 47.14 8.31
CA SER C 117 -18.84 48.44 8.41
C SER C 117 -17.89 49.60 8.16
N ASN C 118 -16.61 49.39 8.46
CA ASN C 118 -15.62 50.43 8.29
C ASN C 118 -14.96 50.44 6.91
N GLY C 119 -15.56 49.74 5.96
CA GLY C 119 -15.00 49.72 4.62
C GLY C 119 -13.88 48.73 4.39
N GLN C 120 -13.38 48.10 5.45
CA GLN C 120 -12.30 47.11 5.30
C GLN C 120 -12.88 45.77 4.84
N THR C 121 -12.15 45.02 4.01
CA THR C 121 -12.65 43.71 3.63
C THR C 121 -12.55 42.93 4.93
N PHE C 122 -13.31 41.85 5.05
CA PHE C 122 -13.29 41.06 6.28
C PHE C 122 -11.91 40.51 6.62
N PRO C 123 -11.11 40.14 5.60
CA PRO C 123 -9.80 39.62 5.97
C PRO C 123 -8.97 40.75 6.61
N GLU C 124 -9.08 41.95 6.05
CA GLU C 124 -8.38 43.11 6.59
C GLU C 124 -8.90 43.42 7.98
N TYR C 125 -10.22 43.44 8.12
CA TYR C 125 -10.86 43.73 9.39
C TYR C 125 -10.43 42.78 10.50
N LEU C 126 -10.42 41.48 10.18
CA LEU C 126 -10.03 40.44 11.14
C LEU C 126 -8.55 40.54 11.49
N THR C 127 -7.71 40.68 10.47
CA THR C 127 -6.28 40.78 10.69
C THR C 127 -5.94 42.00 11.55
N ALA C 128 -6.45 43.16 11.13
CA ALA C 128 -6.22 44.39 11.86
C ALA C 128 -6.69 44.27 13.31
N ARG C 129 -7.63 43.36 13.56
CA ARG C 129 -8.14 43.18 14.91
C ARG C 129 -7.58 41.94 15.60
N GLY C 130 -6.48 41.40 15.06
CA GLY C 130 -5.84 40.24 15.65
C GLY C 130 -6.42 38.85 15.45
N VAL C 131 -7.23 38.65 14.41
CA VAL C 131 -7.82 37.34 14.15
C VAL C 131 -7.37 36.83 12.78
N VAL C 132 -6.88 35.60 12.71
CA VAL C 132 -6.42 35.07 11.43
C VAL C 132 -7.59 34.69 10.53
N PRO C 133 -7.59 35.18 9.27
CA PRO C 133 -8.69 34.86 8.36
C PRO C 133 -8.43 33.53 7.65
N GLY C 134 -9.45 32.68 7.56
CA GLY C 134 -9.30 31.40 6.89
C GLY C 134 -10.28 31.28 5.76
N ILE C 135 -10.10 30.27 4.90
CA ILE C 135 -10.98 30.08 3.76
C ILE C 135 -11.33 28.62 3.43
N LYS C 136 -12.62 28.34 3.21
CA LYS C 136 -13.05 27.00 2.81
C LYS C 136 -12.71 26.86 1.33
N THR C 137 -11.79 25.96 1.02
CA THR C 137 -11.35 25.77 -0.36
C THR C 137 -11.86 24.55 -1.13
N ASP C 138 -12.61 23.65 -0.50
CA ASP C 138 -13.11 22.49 -1.26
C ASP C 138 -14.27 22.96 -2.12
N MET C 139 -14.58 22.19 -3.16
CA MET C 139 -15.66 22.55 -4.07
C MET C 139 -16.93 21.70 -3.94
N GLY C 140 -17.17 21.17 -2.73
CA GLY C 140 -18.38 20.42 -2.52
C GLY C 140 -18.30 18.90 -2.63
N LEU C 141 -19.35 18.27 -2.10
CA LEU C 141 -19.44 16.81 -2.07
C LEU C 141 -20.13 16.28 -3.33
N CYS C 142 -19.69 15.11 -3.79
CA CYS C 142 -20.26 14.45 -4.96
C CYS C 142 -20.29 12.96 -4.68
N PRO C 143 -21.13 12.21 -5.41
CA PRO C 143 -21.26 10.77 -5.23
C PRO C 143 -19.88 10.13 -5.46
N LEU C 144 -19.51 9.18 -4.61
CA LEU C 144 -18.23 8.53 -4.74
C LEU C 144 -18.12 7.76 -6.06
N LEU C 145 -19.22 7.09 -6.44
CA LEU C 145 -19.30 6.30 -7.67
C LEU C 145 -18.47 5.03 -7.57
N GLU C 146 -18.08 4.69 -6.35
CA GLU C 146 -17.35 3.48 -6.03
C GLU C 146 -17.87 3.19 -4.65
N GLY C 147 -17.56 2.01 -4.12
CA GLY C 147 -18.01 1.68 -2.78
C GLY C 147 -19.50 1.48 -2.61
N ALA C 148 -20.02 1.92 -1.47
CA ALA C 148 -21.44 1.76 -1.18
C ALA C 148 -22.25 2.97 -1.54
N GLU C 149 -23.53 2.71 -1.79
CA GLU C 149 -24.50 3.75 -2.13
C GLU C 149 -24.51 4.71 -0.94
N GLY C 150 -24.54 6.00 -1.22
CA GLY C 150 -24.57 6.96 -0.14
C GLY C 150 -23.23 7.59 0.23
N GLU C 151 -22.14 6.95 -0.17
CA GLU C 151 -20.81 7.47 0.13
C GLU C 151 -20.47 8.59 -0.86
N GLN C 152 -19.74 9.60 -0.38
CA GLN C 152 -19.42 10.74 -1.22
C GLN C 152 -17.96 11.17 -1.16
N MET C 153 -17.46 11.68 -2.29
CA MET C 153 -16.10 12.18 -2.35
C MET C 153 -16.19 13.72 -2.33
N THR C 154 -15.05 14.40 -2.34
CA THR C 154 -15.06 15.86 -2.33
C THR C 154 -14.24 16.38 -3.50
N GLU C 155 -14.79 17.31 -4.28
CA GLU C 155 -14.06 17.87 -5.42
C GLU C 155 -13.34 19.16 -5.02
N GLY C 156 -12.42 19.60 -5.87
CA GLY C 156 -11.70 20.85 -5.60
C GLY C 156 -10.23 20.93 -5.95
N LEU C 157 -9.58 19.80 -6.18
CA LEU C 157 -8.15 19.81 -6.49
C LEU C 157 -7.72 20.50 -7.78
N ASP C 158 -8.52 20.42 -8.85
CA ASP C 158 -8.15 21.08 -10.12
C ASP C 158 -8.10 22.59 -9.95
N GLY C 159 -6.97 23.19 -10.30
CA GLY C 159 -6.80 24.63 -10.18
C GLY C 159 -6.74 25.14 -8.75
N TYR C 160 -6.42 24.25 -7.82
CA TYR C 160 -6.36 24.61 -6.42
C TYR C 160 -5.31 25.66 -6.11
N VAL C 161 -4.09 25.44 -6.59
CA VAL C 161 -3.00 26.38 -6.32
C VAL C 161 -3.31 27.79 -6.77
N LYS C 162 -4.01 27.91 -7.89
CA LYS C 162 -4.37 29.21 -8.39
C LYS C 162 -5.40 29.86 -7.47
N ARG C 163 -6.39 29.07 -7.02
CA ARG C 163 -7.41 29.62 -6.12
C ARG C 163 -6.82 30.02 -4.78
N ALA C 164 -5.98 29.15 -4.22
CA ALA C 164 -5.35 29.39 -2.92
C ALA C 164 -4.40 30.58 -2.90
N SER C 165 -3.64 30.75 -3.98
CA SER C 165 -2.70 31.86 -4.07
C SER C 165 -3.47 33.17 -4.06
N ALA C 166 -4.63 33.18 -4.69
CA ALA C 166 -5.44 34.38 -4.73
C ALA C 166 -5.99 34.68 -3.34
N TYR C 167 -6.37 33.65 -2.59
CA TYR C 167 -6.88 33.87 -1.24
C TYR C 167 -5.77 34.42 -0.37
N TYR C 168 -4.56 33.87 -0.56
CA TYR C 168 -3.41 34.29 0.20
C TYR C 168 -3.21 35.80 0.03
N LYS C 169 -3.14 36.24 -1.23
CA LYS C 169 -2.97 37.66 -1.53
C LYS C 169 -4.05 38.50 -0.88
N LYS C 170 -5.24 37.93 -0.70
CA LYS C 170 -6.31 38.69 -0.07
C LYS C 170 -6.23 38.77 1.45
N GLY C 171 -5.41 37.93 2.07
CA GLY C 171 -5.29 38.00 3.51
C GLY C 171 -5.46 36.71 4.30
N CYS C 172 -5.97 35.66 3.65
CA CYS C 172 -6.17 34.38 4.33
C CYS C 172 -4.83 33.70 4.54
N ARG C 173 -4.71 32.99 5.67
CA ARG C 173 -3.47 32.28 6.00
C ARG C 173 -3.69 30.82 6.39
N PHE C 174 -4.91 30.35 6.24
CA PHE C 174 -5.22 28.96 6.52
C PHE C 174 -6.51 28.65 5.78
N CYS C 175 -6.76 27.37 5.54
CA CYS C 175 -7.95 26.98 4.80
C CYS C 175 -8.58 25.74 5.38
N LYS C 176 -9.71 25.33 4.83
CA LYS C 176 -10.40 24.16 5.32
C LYS C 176 -11.02 23.39 4.16
N TRP C 177 -10.84 22.08 4.21
CA TRP C 177 -11.36 21.17 3.21
C TRP C 177 -12.03 20.05 3.98
N ARG C 178 -13.22 19.66 3.56
CA ARG C 178 -13.93 18.61 4.26
C ARG C 178 -14.36 17.41 3.44
N ASN C 179 -14.04 16.21 3.95
CA ASN C 179 -14.43 14.95 3.32
C ASN C 179 -15.36 14.29 4.35
N VAL C 180 -16.35 13.53 3.88
CA VAL C 180 -17.27 12.89 4.82
C VAL C 180 -17.33 11.38 4.63
N TYR C 181 -17.53 10.70 5.74
CA TYR C 181 -17.63 9.26 5.75
C TYR C 181 -18.97 8.96 6.40
N LYS C 182 -19.74 8.08 5.75
CA LYS C 182 -21.07 7.72 6.24
C LYS C 182 -21.16 6.29 6.74
N ILE C 183 -21.29 6.13 8.05
CA ILE C 183 -21.40 4.83 8.67
C ILE C 183 -22.74 4.16 8.30
N GLN C 184 -22.67 3.08 7.54
CA GLN C 184 -23.88 2.38 7.15
C GLN C 184 -23.70 0.92 7.47
N ASN C 185 -24.61 0.37 8.28
CA ASN C 185 -24.51 -1.03 8.64
C ASN C 185 -23.26 -1.28 9.49
N GLY C 186 -22.91 -0.31 10.33
CA GLY C 186 -21.76 -0.45 11.21
C GLY C 186 -20.38 -0.41 10.55
N THR C 187 -20.32 0.00 9.30
CA THR C 187 -19.03 0.06 8.62
C THR C 187 -19.03 1.07 7.48
N VAL C 188 -17.91 1.16 6.77
CA VAL C 188 -17.76 2.09 5.66
C VAL C 188 -16.85 1.40 4.67
N SER C 189 -17.03 1.64 3.37
CA SER C 189 -16.21 0.94 2.37
C SER C 189 -14.75 1.38 2.28
N GLU C 190 -13.88 0.44 1.90
CA GLU C 190 -12.47 0.74 1.74
C GLU C 190 -12.27 1.74 0.60
N SER C 191 -13.12 1.66 -0.43
CA SER C 191 -13.03 2.61 -1.53
C SER C 191 -13.11 4.02 -0.94
N ALA C 192 -14.08 4.23 -0.07
CA ALA C 192 -14.29 5.53 0.57
C ALA C 192 -13.15 5.90 1.52
N VAL C 193 -12.68 4.90 2.27
CA VAL C 193 -11.60 5.08 3.23
C VAL C 193 -10.30 5.51 2.56
N ARG C 194 -9.94 4.83 1.48
CA ARG C 194 -8.71 5.14 0.75
C ARG C 194 -8.81 6.42 -0.05
N PHE C 195 -9.80 6.49 -0.93
CA PHE C 195 -9.95 7.66 -1.79
C PHE C 195 -10.02 9.01 -1.08
N ASN C 196 -10.95 9.13 -0.13
CA ASN C 196 -11.12 10.39 0.62
C ASN C 196 -9.86 10.79 1.41
N ALA C 197 -9.06 9.82 1.81
CA ALA C 197 -7.83 10.10 2.54
C ALA C 197 -6.81 10.67 1.55
N GLU C 198 -6.74 10.11 0.36
CA GLU C 198 -5.83 10.60 -0.66
C GLU C 198 -6.23 12.00 -1.09
N THR C 199 -7.53 12.26 -1.07
CA THR C 199 -7.99 13.59 -1.47
C THR C 199 -7.54 14.60 -0.41
N LEU C 200 -7.79 14.27 0.86
CA LEU C 200 -7.40 15.14 1.97
C LEU C 200 -5.88 15.41 1.99
N ALA C 201 -5.08 14.38 1.78
CA ALA C 201 -3.63 14.52 1.78
C ALA C 201 -3.13 15.42 0.66
N ARG C 202 -3.62 15.20 -0.56
CA ARG C 202 -3.19 16.01 -1.70
C ARG C 202 -3.58 17.46 -1.44
N TYR C 203 -4.77 17.64 -0.86
CA TYR C 203 -5.28 18.96 -0.54
C TYR C 203 -4.37 19.70 0.45
N ALA C 204 -3.87 18.98 1.45
CA ALA C 204 -3.01 19.59 2.45
C ALA C 204 -1.69 20.03 1.85
N ILE C 205 -1.15 19.22 0.95
CA ILE C 205 0.10 19.57 0.31
C ILE C 205 -0.02 20.81 -0.56
N LEU C 206 -1.05 20.85 -1.41
CA LEU C 206 -1.22 22.01 -2.27
C LEU C 206 -1.50 23.26 -1.42
N SER C 207 -2.12 23.07 -0.25
CA SER C 207 -2.42 24.19 0.63
C SER C 207 -1.13 24.80 1.18
N GLN C 208 -0.23 23.94 1.65
CA GLN C 208 1.02 24.42 2.20
C GLN C 208 1.87 25.06 1.11
N MET C 209 1.83 24.49 -0.09
CA MET C 209 2.61 25.06 -1.19
C MET C 209 2.11 26.46 -1.55
N SER C 210 0.89 26.80 -1.09
CA SER C 210 0.29 28.09 -1.39
C SER C 210 0.36 29.08 -0.23
N GLY C 211 0.94 28.65 0.88
CA GLY C 211 1.05 29.52 2.02
C GLY C 211 -0.16 29.51 2.93
N LEU C 212 -0.99 28.48 2.79
CA LEU C 212 -2.17 28.38 3.63
C LEU C 212 -2.09 27.16 4.53
N VAL C 213 -2.29 27.36 5.84
CA VAL C 213 -2.28 26.26 6.78
C VAL C 213 -3.55 25.47 6.50
N PRO C 214 -3.41 24.17 6.19
CA PRO C 214 -4.57 23.31 5.90
C PRO C 214 -5.23 22.69 7.11
N ILE C 215 -6.55 22.86 7.21
CA ILE C 215 -7.31 22.26 8.29
C ILE C 215 -7.92 21.05 7.59
N VAL C 216 -7.40 19.87 7.92
CA VAL C 216 -7.86 18.62 7.35
C VAL C 216 -9.08 18.11 8.11
N GLU C 217 -10.23 18.08 7.44
CA GLU C 217 -11.45 17.62 8.09
C GLU C 217 -12.00 16.30 7.56
N PRO C 218 -11.68 15.19 8.24
CA PRO C 218 -12.18 13.88 7.82
C PRO C 218 -13.33 13.54 8.78
N GLU C 219 -14.52 14.05 8.45
CA GLU C 219 -15.69 13.86 9.30
C GLU C 219 -16.47 12.56 9.16
N VAL C 220 -16.45 11.76 10.22
CA VAL C 220 -17.23 10.52 10.27
C VAL C 220 -18.54 11.06 10.82
N MET C 221 -19.51 11.20 9.93
CA MET C 221 -20.82 11.75 10.28
C MET C 221 -21.55 11.06 11.41
N ILE C 222 -22.40 11.84 12.08
CA ILE C 222 -23.17 11.35 13.21
C ILE C 222 -24.49 10.70 12.78
N ASP C 223 -24.86 10.87 11.53
CA ASP C 223 -26.10 10.31 11.01
C ASP C 223 -26.11 8.80 11.15
N GLY C 224 -27.25 8.24 11.56
CA GLY C 224 -27.34 6.80 11.70
C GLY C 224 -27.76 6.33 13.07
N LYS C 225 -27.91 5.01 13.19
CA LYS C 225 -28.34 4.37 14.44
C LYS C 225 -27.20 3.70 15.21
N HIS C 226 -25.99 3.75 14.66
CA HIS C 226 -24.82 3.15 15.32
C HIS C 226 -24.62 3.70 16.73
N ASP C 227 -23.89 2.94 17.56
CA ASP C 227 -23.61 3.37 18.93
C ASP C 227 -22.21 3.97 18.95
N ILE C 228 -21.76 4.43 20.13
CA ILE C 228 -20.45 5.06 20.24
C ILE C 228 -19.27 4.13 19.93
N ASP C 229 -19.43 2.83 20.18
CA ASP C 229 -18.34 1.89 19.89
C ASP C 229 -18.10 1.78 18.38
N THR C 230 -19.19 1.78 17.62
CA THR C 230 -19.10 1.69 16.17
C THR C 230 -18.45 2.97 15.65
N CYS C 231 -18.84 4.10 16.22
CA CYS C 231 -18.24 5.38 15.82
C CYS C 231 -16.74 5.35 16.10
N GLN C 232 -16.36 4.76 17.24
CA GLN C 232 -14.97 4.68 17.64
C GLN C 232 -14.13 3.87 16.64
N ARG C 233 -14.64 2.71 16.26
CA ARG C 233 -13.98 1.82 15.31
C ARG C 233 -13.83 2.46 13.93
N VAL C 234 -14.92 3.02 13.41
CA VAL C 234 -14.88 3.64 12.10
C VAL C 234 -13.99 4.89 12.16
N SER C 235 -14.14 5.68 13.23
CA SER C 235 -13.32 6.88 13.36
C SER C 235 -11.83 6.51 13.32
N GLU C 236 -11.45 5.51 14.11
CA GLU C 236 -10.07 5.08 14.13
C GLU C 236 -9.60 4.61 12.75
N HIS C 237 -10.40 3.77 12.11
CA HIS C 237 -10.07 3.24 10.80
C HIS C 237 -9.94 4.34 9.73
N VAL C 238 -10.90 5.26 9.72
CA VAL C 238 -10.90 6.37 8.77
C VAL C 238 -9.69 7.28 8.98
N TRP C 239 -9.46 7.65 10.24
CA TRP C 239 -8.37 8.56 10.58
C TRP C 239 -6.97 8.04 10.34
N ARG C 240 -6.73 6.76 10.64
CA ARG C 240 -5.41 6.18 10.43
C ARG C 240 -5.04 6.21 8.95
N GLU C 241 -6.00 5.94 8.06
CA GLU C 241 -5.66 5.97 6.63
C GLU C 241 -5.39 7.40 6.21
N VAL C 242 -6.08 8.37 6.81
CA VAL C 242 -5.84 9.78 6.49
C VAL C 242 -4.39 10.12 6.84
N VAL C 243 -3.90 9.61 7.97
CA VAL C 243 -2.52 9.86 8.39
C VAL C 243 -1.52 9.23 7.44
N ALA C 244 -1.80 8.00 7.01
CA ALA C 244 -0.92 7.30 6.09
C ALA C 244 -0.86 8.09 4.77
N ALA C 245 -2.00 8.54 4.28
CA ALA C 245 -2.01 9.34 3.04
C ALA C 245 -1.15 10.58 3.27
N LEU C 246 -1.31 11.21 4.43
CA LEU C 246 -0.52 12.39 4.73
C LEU C 246 0.98 12.10 4.72
N GLN C 247 1.39 10.97 5.30
CA GLN C 247 2.80 10.59 5.32
C GLN C 247 3.24 10.36 3.88
N ARG C 248 2.42 9.65 3.13
CA ARG C 248 2.70 9.34 1.73
C ARG C 248 2.96 10.58 0.86
N HIS C 249 2.26 11.68 1.16
CA HIS C 249 2.41 12.91 0.40
C HIS C 249 3.43 13.92 0.96
N GLY C 250 4.13 13.50 2.02
CA GLY C 250 5.14 14.34 2.64
C GLY C 250 4.67 15.66 3.23
N VAL C 251 3.59 15.62 4.00
CA VAL C 251 3.04 16.82 4.60
C VAL C 251 3.96 17.36 5.70
N ILE C 252 3.93 18.67 5.90
CA ILE C 252 4.74 19.26 6.95
C ILE C 252 3.80 19.20 8.16
N TRP C 253 4.07 18.25 9.05
CA TRP C 253 3.23 18.06 10.22
C TRP C 253 3.06 19.26 11.10
N GLU C 254 4.14 20.00 11.34
CA GLU C 254 4.05 21.17 12.20
C GLU C 254 3.28 22.32 11.55
N GLY C 255 2.80 22.10 10.34
CA GLY C 255 2.06 23.14 9.64
C GLY C 255 0.63 22.82 9.25
N CYS C 256 -0.04 21.95 10.00
CA CYS C 256 -1.43 21.62 9.68
C CYS C 256 -2.29 21.38 10.91
N LEU C 257 -3.60 21.29 10.68
CA LEU C 257 -4.55 21.07 11.77
C LEU C 257 -5.57 20.00 11.35
N LEU C 258 -6.15 19.36 12.35
CA LEU C 258 -7.15 18.32 12.14
C LEU C 258 -8.47 18.86 12.67
N LYS C 259 -9.54 18.67 11.90
CA LYS C 259 -10.88 19.07 12.33
C LYS C 259 -11.72 17.81 12.24
N PRO C 260 -11.70 16.98 13.30
CA PRO C 260 -12.47 15.74 13.29
C PRO C 260 -13.76 15.83 14.07
N ASN C 261 -14.50 14.75 13.99
CA ASN C 261 -15.76 14.64 14.73
C ASN C 261 -15.32 14.08 16.09
N MET C 262 -16.12 14.33 17.12
CA MET C 262 -15.79 13.75 18.42
C MET C 262 -16.38 12.36 18.25
N VAL C 263 -15.96 11.44 19.10
CA VAL C 263 -16.49 10.08 19.04
C VAL C 263 -17.70 10.03 19.94
N VAL C 264 -18.88 9.94 19.31
CA VAL C 264 -20.14 9.89 20.02
C VAL C 264 -21.11 8.95 19.31
N PRO C 265 -22.25 8.65 19.94
CA PRO C 265 -23.24 7.77 19.32
C PRO C 265 -23.98 8.52 18.21
N GLY C 266 -24.65 7.77 17.34
CA GLY C 266 -25.37 8.37 16.22
C GLY C 266 -26.65 9.08 16.60
N ALA C 267 -27.04 10.05 15.79
CA ALA C 267 -28.24 10.85 16.03
C ALA C 267 -29.54 10.06 16.16
N GLU C 268 -29.59 8.85 15.58
CA GLU C 268 -30.78 8.02 15.66
C GLU C 268 -30.59 6.80 16.54
N SER C 269 -29.55 6.82 17.36
CA SER C 269 -29.31 5.69 18.25
C SER C 269 -30.23 5.78 19.47
N GLY C 270 -30.85 6.93 19.67
CA GLY C 270 -31.72 7.10 20.82
C GLY C 270 -30.92 7.02 22.11
N LYS C 271 -29.61 6.83 21.99
CA LYS C 271 -28.71 6.74 23.13
C LYS C 271 -27.86 7.99 23.26
N THR C 272 -27.51 8.35 24.49
CA THR C 272 -26.67 9.51 24.71
C THR C 272 -25.44 9.07 25.49
N ALA C 273 -24.42 9.91 25.53
CA ALA C 273 -23.19 9.56 26.22
C ALA C 273 -22.78 10.68 27.17
N ALA C 274 -22.08 10.32 28.23
CA ALA C 274 -21.61 11.28 29.22
C ALA C 274 -20.35 12.01 28.75
N PRO C 275 -20.19 13.27 29.14
CA PRO C 275 -19.01 14.03 28.73
C PRO C 275 -17.69 13.26 28.87
N GLU C 276 -17.51 12.60 30.00
CA GLU C 276 -16.30 11.84 30.25
C GLU C 276 -16.13 10.66 29.30
N GLN C 277 -17.23 10.02 28.92
CA GLN C 277 -17.14 8.89 28.02
C GLN C 277 -16.72 9.37 26.62
N VAL C 278 -17.38 10.42 26.14
CA VAL C 278 -17.03 10.97 24.84
C VAL C 278 -15.55 11.37 24.88
N ALA C 279 -15.14 11.97 25.99
CA ALA C 279 -13.75 12.40 26.13
C ALA C 279 -12.79 11.22 26.03
N HIS C 280 -13.15 10.13 26.72
CA HIS C 280 -12.33 8.94 26.72
C HIS C 280 -12.19 8.35 25.31
N TYR C 281 -13.32 8.16 24.65
CA TYR C 281 -13.31 7.58 23.30
C TYR C 281 -12.64 8.49 22.27
N THR C 282 -12.93 9.78 22.32
CA THR C 282 -12.36 10.72 21.38
C THR C 282 -10.85 10.86 21.55
N VAL C 283 -10.42 11.16 22.77
CA VAL C 283 -8.99 11.32 23.06
C VAL C 283 -8.18 10.05 22.75
N MET C 284 -8.76 8.90 23.07
CA MET C 284 -8.12 7.61 22.83
C MET C 284 -7.95 7.31 21.33
N THR C 285 -8.98 7.64 20.55
CA THR C 285 -8.94 7.38 19.11
C THR C 285 -7.93 8.29 18.42
N LEU C 286 -7.91 9.55 18.79
CA LEU C 286 -6.94 10.48 18.24
C LEU C 286 -5.54 9.96 18.56
N ALA C 287 -5.32 9.63 19.83
CA ALA C 287 -4.02 9.12 20.29
C ALA C 287 -3.55 7.87 19.56
N ARG C 288 -4.49 6.99 19.25
CA ARG C 288 -4.15 5.75 18.54
C ARG C 288 -3.88 5.93 17.04
N THR C 289 -4.22 7.09 16.49
CA THR C 289 -4.05 7.36 15.06
C THR C 289 -3.17 8.55 14.66
N MET C 290 -3.25 9.64 15.42
CA MET C 290 -2.49 10.84 15.12
C MET C 290 -1.05 10.84 15.64
N PRO C 291 -0.10 11.37 14.85
CA PRO C 291 1.32 11.44 15.23
C PRO C 291 1.42 12.53 16.29
N ALA C 292 2.25 12.32 17.30
CA ALA C 292 2.42 13.30 18.39
C ALA C 292 2.72 14.72 17.92
N MET C 293 3.30 14.84 16.74
CA MET C 293 3.64 16.14 16.18
C MET C 293 2.45 16.99 15.76
N LEU C 294 1.32 16.37 15.41
CA LEU C 294 0.14 17.13 15.01
C LEU C 294 -0.08 18.27 16.01
N PRO C 295 -0.01 19.54 15.56
CA PRO C 295 -0.17 20.77 16.34
C PRO C 295 -1.50 20.97 17.08
N GLY C 296 -2.61 20.67 16.42
CA GLY C 296 -3.89 20.87 17.07
C GLY C 296 -5.04 20.09 16.46
N VAL C 297 -6.10 19.95 17.25
CA VAL C 297 -7.30 19.25 16.85
C VAL C 297 -8.48 20.13 17.19
N MET C 298 -9.02 20.79 16.17
CA MET C 298 -10.16 21.69 16.34
C MET C 298 -11.42 20.93 15.95
N PHE C 299 -12.14 20.44 16.95
CA PHE C 299 -13.35 19.66 16.71
C PHE C 299 -14.47 20.41 16.01
N LEU C 300 -15.29 19.65 15.28
CA LEU C 300 -16.46 20.19 14.59
C LEU C 300 -17.62 19.79 15.52
N SER C 301 -18.68 20.58 15.54
CA SER C 301 -19.82 20.26 16.41
C SER C 301 -20.77 19.31 15.70
N GLY C 302 -21.09 19.67 14.46
CA GLY C 302 -21.96 18.89 13.60
C GLY C 302 -22.93 17.89 14.16
N GLY C 303 -24.07 18.36 14.63
CA GLY C 303 -25.07 17.45 15.18
C GLY C 303 -25.27 17.60 16.67
N LEU C 304 -24.20 17.85 17.39
CA LEU C 304 -24.29 18.02 18.83
C LEU C 304 -24.94 19.37 19.13
N SER C 305 -25.58 19.46 20.29
CA SER C 305 -26.25 20.68 20.72
C SER C 305 -25.21 21.67 21.22
N GLU C 306 -25.57 22.95 21.29
CA GLU C 306 -24.65 23.97 21.75
C GLU C 306 -24.01 23.61 23.09
N VAL C 307 -24.81 23.15 24.04
CA VAL C 307 -24.30 22.77 25.34
C VAL C 307 -23.41 21.53 25.31
N GLN C 308 -23.82 20.51 24.58
CA GLN C 308 -23.03 19.28 24.48
C GLN C 308 -21.66 19.59 23.88
N ALA C 309 -21.65 20.51 22.92
CA ALA C 309 -20.41 20.90 22.25
C ALA C 309 -19.40 21.42 23.28
N SER C 310 -19.88 22.20 24.24
CA SER C 310 -19.00 22.75 25.28
C SER C 310 -18.74 21.72 26.37
N GLU C 311 -19.75 20.94 26.73
CA GLU C 311 -19.58 19.91 27.76
C GLU C 311 -18.52 18.90 27.35
N TYR C 312 -18.58 18.48 26.09
CA TYR C 312 -17.62 17.50 25.60
C TYR C 312 -16.21 18.03 25.47
N LEU C 313 -16.05 19.23 24.91
CA LEU C 313 -14.71 19.80 24.75
C LEU C 313 -14.05 19.98 26.11
N ASN C 314 -14.86 20.39 27.09
CA ASN C 314 -14.36 20.59 28.44
C ASN C 314 -13.79 19.28 28.96
N ALA C 315 -14.58 18.21 28.87
CA ALA C 315 -14.15 16.90 29.35
C ALA C 315 -12.91 16.40 28.61
N ILE C 316 -12.86 16.65 27.31
CA ILE C 316 -11.72 16.24 26.51
C ILE C 316 -10.47 16.89 27.09
N ASN C 317 -10.57 18.16 27.45
CA ASN C 317 -9.45 18.90 28.01
C ASN C 317 -9.14 18.62 29.47
N ASN C 318 -9.74 17.56 30.01
CA ASN C 318 -9.47 17.15 31.38
C ASN C 318 -9.06 15.70 31.34
N SER C 319 -9.07 15.12 30.14
CA SER C 319 -8.71 13.71 29.95
C SER C 319 -7.31 13.32 30.39
N PRO C 320 -7.20 12.21 31.12
CA PRO C 320 -5.95 11.66 31.64
C PRO C 320 -5.15 11.00 30.53
N LEU C 321 -5.81 10.71 29.42
CA LEU C 321 -5.14 10.06 28.30
C LEU C 321 -4.17 11.03 27.66
N PRO C 322 -3.15 10.50 26.95
CA PRO C 322 -2.14 11.34 26.28
C PRO C 322 -2.76 12.17 25.17
N ARG C 323 -2.25 13.38 25.02
CA ARG C 323 -2.77 14.32 24.03
C ARG C 323 -1.84 15.53 23.91
N PRO C 324 -0.71 15.36 23.20
CA PRO C 324 0.27 16.43 23.01
C PRO C 324 -0.27 17.62 22.22
N TYR C 325 -1.31 17.38 21.43
CA TYR C 325 -1.90 18.42 20.60
C TYR C 325 -2.88 19.34 21.32
N PHE C 326 -2.99 20.54 20.79
CA PHE C 326 -3.91 21.55 21.31
C PHE C 326 -5.29 20.99 20.95
N LEU C 327 -6.18 20.91 21.93
CA LEU C 327 -7.53 20.42 21.71
C LEU C 327 -8.50 21.58 21.92
N SER C 328 -9.09 22.05 20.83
CA SER C 328 -10.00 23.18 20.89
C SER C 328 -11.23 22.96 19.99
N PHE C 329 -11.83 24.06 19.53
CA PHE C 329 -13.02 23.96 18.70
C PHE C 329 -12.95 24.70 17.36
N SER C 330 -13.73 24.19 16.39
CA SER C 330 -13.86 24.78 15.07
C SER C 330 -15.33 24.60 14.79
N TYR C 331 -16.16 25.35 15.53
CA TYR C 331 -17.60 25.25 15.42
C TYR C 331 -18.31 26.27 14.57
N ALA C 332 -19.42 25.84 14.00
CA ALA C 332 -20.26 26.69 13.19
C ALA C 332 -21.57 26.76 13.97
N ARG C 333 -22.40 25.74 13.82
CA ARG C 333 -23.68 25.68 14.48
C ARG C 333 -23.65 25.90 15.98
N ALA C 334 -22.76 25.19 16.68
CA ALA C 334 -22.67 25.31 18.13
C ALA C 334 -22.35 26.72 18.66
N LEU C 335 -21.81 27.58 17.80
CA LEU C 335 -21.51 28.95 18.20
C LEU C 335 -22.54 29.94 17.63
N GLN C 336 -23.45 29.45 16.79
CA GLN C 336 -24.43 30.33 16.14
C GLN C 336 -25.91 30.15 16.42
N SER C 337 -26.33 28.92 16.69
CA SER C 337 -27.73 28.63 16.93
C SER C 337 -28.46 29.70 17.74
N SER C 338 -28.04 29.90 18.99
CA SER C 338 -28.67 30.91 19.85
C SER C 338 -28.55 32.34 19.31
N ALA C 339 -27.39 32.66 18.75
CA ALA C 339 -27.15 33.99 18.20
C ALA C 339 -28.16 34.38 17.12
N LEU C 340 -28.28 33.55 16.09
CA LEU C 340 -29.21 33.82 14.99
C LEU C 340 -30.64 34.04 15.48
N LYS C 341 -31.06 33.24 16.45
CA LYS C 341 -32.40 33.33 17.02
C LYS C 341 -32.60 34.71 17.63
N ALA C 342 -31.77 35.06 18.60
CA ALA C 342 -31.88 36.36 19.27
C ALA C 342 -31.76 37.45 18.23
N TRP C 343 -30.85 37.26 17.27
CA TRP C 343 -30.67 38.26 16.22
C TRP C 343 -31.95 38.44 15.42
N GLY C 344 -32.47 37.35 14.87
CA GLY C 344 -33.70 37.41 14.09
C GLY C 344 -33.57 38.13 12.77
N GLY C 345 -32.34 38.27 12.28
CA GLY C 345 -32.12 38.95 11.03
C GLY C 345 -32.44 40.42 11.08
N LYS C 346 -32.70 40.95 12.26
CA LYS C 346 -33.04 42.36 12.39
C LYS C 346 -31.98 43.20 13.10
N GLU C 347 -31.83 44.44 12.62
CA GLU C 347 -30.85 45.37 13.16
C GLU C 347 -31.14 45.63 14.64
N SER C 348 -32.40 45.54 15.02
CA SER C 348 -32.77 45.77 16.42
C SER C 348 -32.43 44.57 17.29
N GLY C 349 -31.88 43.53 16.67
CA GLY C 349 -31.54 42.33 17.43
C GLY C 349 -30.07 42.06 17.53
N LEU C 350 -29.26 42.87 16.84
CA LEU C 350 -27.81 42.69 16.86
C LEU C 350 -27.26 42.57 18.29
N ALA C 351 -27.75 43.42 19.17
CA ALA C 351 -27.30 43.41 20.57
C ALA C 351 -27.52 42.05 21.23
N ALA C 352 -28.74 41.54 21.11
CA ALA C 352 -29.09 40.26 21.70
C ALA C 352 -28.30 39.12 21.07
N GLY C 353 -28.28 39.08 19.75
CA GLY C 353 -27.57 38.05 19.04
C GLY C 353 -26.09 37.99 19.41
N ARG C 354 -25.46 39.16 19.49
CA ARG C 354 -24.05 39.21 19.82
C ARG C 354 -23.80 38.81 21.28
N ARG C 355 -24.76 39.10 22.14
CA ARG C 355 -24.66 38.74 23.54
C ARG C 355 -24.65 37.22 23.59
N ALA C 356 -25.61 36.61 22.90
CA ALA C 356 -25.76 35.16 22.84
C ALA C 356 -24.51 34.54 22.22
N PHE C 357 -24.00 35.14 21.15
CA PHE C 357 -22.82 34.65 20.49
C PHE C 357 -21.60 34.70 21.41
N LEU C 358 -21.37 35.86 22.03
CA LEU C 358 -20.23 36.00 22.94
C LEU C 358 -20.31 35.03 24.11
N HIS C 359 -21.51 34.75 24.58
CA HIS C 359 -21.68 33.81 25.69
C HIS C 359 -21.24 32.40 25.24
N ARG C 360 -21.71 31.97 24.08
CA ARG C 360 -21.35 30.66 23.57
C ARG C 360 -19.85 30.59 23.27
N ALA C 361 -19.30 31.67 22.74
CA ALA C 361 -17.88 31.71 22.43
C ALA C 361 -17.06 31.68 23.71
N ARG C 362 -17.59 32.30 24.76
CA ARG C 362 -16.89 32.31 26.05
C ARG C 362 -16.95 30.95 26.72
N MET C 363 -18.10 30.29 26.62
CA MET C 363 -18.26 28.98 27.24
C MET C 363 -17.25 27.99 26.65
N ASN C 364 -17.05 28.07 25.34
CA ASN C 364 -16.12 27.17 24.66
C ASN C 364 -14.68 27.53 24.91
N SER C 365 -14.43 28.82 25.13
CA SER C 365 -13.08 29.30 25.43
C SER C 365 -12.64 28.64 26.74
N MET C 366 -13.56 28.64 27.71
CA MET C 366 -13.28 28.05 29.01
C MET C 366 -13.25 26.53 28.93
N ALA C 367 -13.99 25.97 27.97
CA ALA C 367 -13.99 24.52 27.79
C ALA C 367 -12.61 24.10 27.29
N GLN C 368 -12.01 24.91 26.43
CA GLN C 368 -10.69 24.60 25.90
C GLN C 368 -9.72 24.57 27.07
N LEU C 369 -9.98 25.41 28.06
CA LEU C 369 -9.15 25.48 29.25
C LEU C 369 -9.51 24.39 30.25
N GLY C 370 -10.65 23.76 30.04
CA GLY C 370 -11.09 22.71 30.95
C GLY C 370 -11.74 23.29 32.20
N LYS C 371 -12.09 24.58 32.12
CA LYS C 371 -12.69 25.30 33.23
C LYS C 371 -14.17 25.59 33.03
N TYR C 372 -14.79 24.91 32.06
CA TYR C 372 -16.21 25.10 31.80
C TYR C 372 -17.07 24.56 32.93
N LYS C 373 -18.22 25.21 33.15
CA LYS C 373 -19.16 24.79 34.18
C LYS C 373 -20.57 24.84 33.65
N ARG C 374 -21.24 23.69 33.62
CA ARG C 374 -22.62 23.61 33.12
C ARG C 374 -23.51 24.65 33.76
N SER C 375 -23.15 25.08 34.96
CA SER C 375 -23.91 26.08 35.69
C SER C 375 -23.98 27.39 34.92
N ASP C 376 -22.88 27.75 34.26
CA ASP C 376 -22.82 28.98 33.48
C ASP C 376 -23.77 28.97 32.29
N ASP C 377 -24.36 27.80 32.00
CA ASP C 377 -25.30 27.67 30.90
C ASP C 377 -26.73 27.45 31.40
N ASP C 378 -26.91 27.68 32.71
CA ASP C 378 -28.22 27.52 33.35
C ASP C 378 -28.64 26.06 33.53
N MET D 21 21.31 21.34 -7.59
CA MET D 21 19.99 20.68 -7.43
C MET D 21 19.99 19.63 -6.32
N SER D 22 21.14 19.46 -5.67
CA SER D 22 21.31 18.50 -4.58
C SER D 22 21.17 17.05 -5.05
N ARG D 23 22.27 16.50 -5.55
CA ARG D 23 22.28 15.12 -6.04
C ARG D 23 22.92 14.17 -5.05
N VAL D 24 22.97 12.89 -5.39
CA VAL D 24 23.56 11.89 -4.53
C VAL D 24 23.74 10.59 -5.30
N THR D 25 24.85 9.91 -5.05
CA THR D 25 25.12 8.65 -5.74
C THR D 25 24.74 7.49 -4.83
N VAL D 26 23.88 6.63 -5.34
CA VAL D 26 23.39 5.49 -4.60
C VAL D 26 23.49 4.23 -5.43
N LEU D 27 23.25 3.09 -4.80
CA LEU D 27 23.28 1.81 -5.50
C LEU D 27 22.01 1.70 -6.31
N GLN D 28 22.16 1.19 -7.53
CA GLN D 28 21.02 1.01 -8.40
C GLN D 28 20.02 0.08 -7.73
N SER D 29 20.52 -0.81 -6.89
CA SER D 29 19.66 -1.77 -6.19
C SER D 29 18.85 -1.13 -5.09
N GLN D 30 19.18 0.11 -4.74
CA GLN D 30 18.45 0.83 -3.70
C GLN D 30 17.28 1.61 -4.31
N LEU D 31 17.17 1.58 -5.63
CA LEU D 31 16.09 2.27 -6.33
C LEU D 31 14.88 1.34 -6.59
N PRO D 32 13.67 1.77 -6.22
CA PRO D 32 12.42 1.02 -6.40
C PRO D 32 12.24 0.29 -7.72
N ALA D 33 12.43 0.99 -8.83
CA ALA D 33 12.28 0.39 -10.14
C ALA D 33 13.24 -0.76 -10.43
N TYR D 34 14.30 -0.89 -9.63
CA TYR D 34 15.27 -1.95 -9.85
C TYR D 34 15.24 -3.09 -8.84
N ASN D 35 14.05 -3.54 -8.47
CA ASN D 35 13.95 -4.61 -7.48
C ASN D 35 13.78 -6.02 -8.04
N ARG D 36 13.92 -6.21 -9.36
CA ARG D 36 13.76 -7.56 -9.91
C ARG D 36 14.83 -8.49 -9.33
N LEU D 37 14.41 -9.67 -8.92
CA LEU D 37 15.31 -10.64 -8.31
C LEU D 37 16.56 -10.90 -9.18
N LYS D 38 17.71 -11.07 -8.52
CA LYS D 38 18.97 -11.33 -9.22
C LYS D 38 19.53 -12.66 -8.74
N THR D 39 19.45 -13.67 -9.58
CA THR D 39 19.95 -14.99 -9.23
C THR D 39 20.67 -15.64 -10.41
N PRO D 40 21.78 -16.36 -10.13
CA PRO D 40 22.54 -17.03 -11.18
C PRO D 40 21.77 -18.23 -11.75
N TYR D 41 20.71 -18.62 -11.06
CA TYR D 41 19.89 -19.76 -11.47
C TYR D 41 18.87 -19.48 -12.58
N GLU D 42 18.66 -18.20 -12.89
CA GLU D 42 17.68 -17.79 -13.90
C GLU D 42 17.44 -18.73 -15.07
N SER D 43 18.43 -18.85 -15.96
CA SER D 43 18.27 -19.70 -17.12
C SER D 43 17.84 -21.11 -16.75
N GLU D 44 18.39 -21.65 -15.66
CA GLU D 44 18.01 -23.00 -15.22
C GLU D 44 16.53 -23.01 -14.81
N LEU D 45 16.11 -21.98 -14.06
CA LEU D 45 14.72 -21.88 -13.63
C LEU D 45 13.82 -21.88 -14.87
N ILE D 46 14.17 -21.07 -15.86
CA ILE D 46 13.39 -20.98 -17.07
C ILE D 46 13.39 -22.30 -17.86
N ALA D 47 14.49 -23.04 -17.76
CA ALA D 47 14.57 -24.33 -18.42
C ALA D 47 13.58 -25.28 -17.73
N THR D 48 13.59 -25.25 -16.40
CA THR D 48 12.69 -26.07 -15.59
C THR D 48 11.25 -25.72 -15.95
N VAL D 49 10.92 -24.43 -15.90
CA VAL D 49 9.59 -24.00 -16.25
C VAL D 49 9.23 -24.56 -17.62
N LYS D 50 10.16 -24.47 -18.55
CA LYS D 50 9.97 -24.97 -19.92
C LYS D 50 9.53 -26.43 -19.85
N LYS D 51 10.24 -27.22 -19.05
CA LYS D 51 9.94 -28.64 -18.86
C LYS D 51 8.52 -28.82 -18.29
N LEU D 52 8.25 -28.14 -17.18
CA LEU D 52 6.96 -28.23 -16.50
C LEU D 52 5.74 -27.79 -17.32
N THR D 53 5.94 -27.08 -18.42
CA THR D 53 4.82 -26.65 -19.26
C THR D 53 4.81 -27.37 -20.62
N THR D 54 5.21 -28.63 -20.61
CA THR D 54 5.23 -29.44 -21.83
C THR D 54 3.80 -29.79 -22.21
N PRO D 55 3.35 -29.36 -23.40
CA PRO D 55 1.97 -29.67 -23.79
C PRO D 55 1.63 -31.15 -23.67
N GLY D 56 0.44 -31.43 -23.15
CA GLY D 56 0.01 -32.80 -22.98
C GLY D 56 0.46 -33.39 -21.67
N LYS D 57 1.16 -32.61 -20.85
CA LYS D 57 1.62 -33.11 -19.56
C LYS D 57 1.25 -32.21 -18.39
N GLY D 58 1.31 -32.78 -17.19
CA GLY D 58 1.00 -32.04 -15.98
C GLY D 58 1.78 -32.61 -14.81
N LEU D 59 1.54 -32.09 -13.63
CA LEU D 59 2.27 -32.57 -12.46
C LEU D 59 1.48 -33.52 -11.61
N LEU D 60 2.19 -34.49 -11.05
CA LEU D 60 1.58 -35.45 -10.15
C LEU D 60 1.91 -34.87 -8.80
N ALA D 61 0.90 -34.61 -7.97
CA ALA D 61 1.14 -34.09 -6.64
C ALA D 61 1.14 -35.31 -5.72
N ALA D 62 2.29 -35.61 -5.13
CA ALA D 62 2.40 -36.76 -4.23
C ALA D 62 3.06 -36.36 -2.91
N ASP D 63 2.81 -35.13 -2.49
CA ASP D 63 3.40 -34.63 -1.25
C ASP D 63 2.49 -34.62 -0.03
N GLU D 64 1.55 -35.56 0.02
CA GLU D 64 0.63 -35.65 1.16
C GLU D 64 1.39 -35.90 2.45
N SER D 65 0.99 -35.20 3.50
CA SER D 65 1.62 -35.33 4.81
C SER D 65 1.32 -36.70 5.37
N ILE D 66 2.01 -37.06 6.45
CA ILE D 66 1.82 -38.34 7.10
C ILE D 66 0.39 -38.41 7.59
N GLY D 67 -0.14 -37.28 8.03
CA GLY D 67 -1.51 -37.23 8.51
C GLY D 67 -2.51 -37.45 7.39
N SER D 68 -2.21 -36.93 6.21
CA SER D 68 -3.10 -37.10 5.07
C SER D 68 -3.01 -38.51 4.53
N CYS D 69 -1.86 -39.15 4.69
CA CYS D 69 -1.71 -40.51 4.21
C CYS D 69 -2.64 -41.43 4.99
N THR D 70 -2.70 -41.25 6.31
CA THR D 70 -3.57 -42.06 7.14
C THR D 70 -4.99 -42.00 6.58
N LYS D 71 -5.38 -40.82 6.11
CA LYS D 71 -6.71 -40.64 5.57
C LYS D 71 -6.98 -41.46 4.30
N ARG D 72 -5.92 -41.89 3.62
CA ARG D 72 -6.13 -42.67 2.42
C ARG D 72 -5.84 -44.15 2.56
N PHE D 73 -4.90 -44.48 3.45
CA PHE D 73 -4.55 -45.87 3.72
C PHE D 73 -5.67 -46.55 4.49
N GLN D 74 -6.55 -45.73 5.07
CA GLN D 74 -7.68 -46.23 5.86
C GLN D 74 -8.68 -47.05 5.02
N PRO D 75 -9.22 -46.47 3.94
CA PRO D 75 -10.19 -47.20 3.10
C PRO D 75 -9.60 -48.38 2.30
N ILE D 76 -8.46 -48.90 2.74
CA ILE D 76 -7.82 -50.05 2.07
C ILE D 76 -7.07 -50.87 3.11
N GLY D 77 -7.13 -50.41 4.36
CA GLY D 77 -6.47 -51.13 5.44
C GLY D 77 -4.96 -51.27 5.37
N LEU D 78 -4.26 -50.15 5.16
CA LEU D 78 -2.80 -50.21 5.10
C LEU D 78 -2.24 -49.42 6.28
N SER D 79 -1.39 -50.06 7.09
CA SER D 79 -0.81 -49.39 8.24
C SER D 79 0.06 -48.21 7.77
N ASN D 80 -0.26 -47.01 8.26
CA ASN D 80 0.50 -45.84 7.85
C ASN D 80 1.94 -45.91 8.35
N THR D 81 2.79 -46.60 7.60
CA THR D 81 4.19 -46.76 7.98
C THR D 81 5.13 -46.19 6.92
N GLU D 82 6.37 -45.95 7.33
CA GLU D 82 7.36 -45.41 6.42
C GLU D 82 7.50 -46.29 5.18
N GLU D 83 7.63 -47.60 5.39
CA GLU D 83 7.75 -48.54 4.28
C GLU D 83 6.49 -48.60 3.40
N HIS D 84 5.33 -48.36 4.00
CA HIS D 84 4.07 -48.42 3.26
C HIS D 84 3.80 -47.13 2.47
N ARG D 85 4.31 -46.02 2.96
CA ARG D 85 4.14 -44.75 2.27
C ARG D 85 5.12 -44.76 1.10
N ARG D 86 6.26 -45.42 1.29
CA ARG D 86 7.26 -45.51 0.23
C ARG D 86 6.57 -46.27 -0.90
N GLN D 87 5.98 -47.41 -0.55
CA GLN D 87 5.27 -48.23 -1.51
C GLN D 87 4.14 -47.46 -2.20
N TYR D 88 3.49 -46.58 -1.45
CA TYR D 88 2.40 -45.76 -1.98
C TYR D 88 2.91 -44.87 -3.12
N ARG D 89 4.06 -44.25 -2.93
CA ARG D 89 4.65 -43.42 -3.96
C ARG D 89 5.14 -44.32 -5.10
N ALA D 90 5.77 -45.43 -4.75
CA ALA D 90 6.31 -46.38 -5.74
C ALA D 90 5.23 -46.84 -6.72
N LEU D 91 4.02 -47.04 -6.22
CA LEU D 91 2.91 -47.45 -7.09
C LEU D 91 2.81 -46.48 -8.26
N MET D 92 2.77 -45.19 -7.96
CA MET D 92 2.67 -44.15 -8.99
C MET D 92 3.91 -43.99 -9.82
N LEU D 93 5.02 -43.69 -9.16
CA LEU D 93 6.28 -43.48 -9.85
C LEU D 93 6.76 -44.66 -10.70
N GLU D 94 7.00 -45.81 -10.07
CA GLU D 94 7.46 -46.97 -10.83
C GLU D 94 6.43 -47.53 -11.81
N ALA D 95 5.49 -46.69 -12.25
CA ALA D 95 4.51 -47.12 -13.23
C ALA D 95 5.18 -46.81 -14.55
N GLU D 96 5.61 -47.84 -15.27
CA GLU D 96 6.32 -47.63 -16.53
C GLU D 96 5.50 -46.86 -17.57
N GLY D 97 6.11 -45.81 -18.12
CA GLY D 97 5.45 -45.01 -19.13
C GLY D 97 4.68 -43.79 -18.64
N PHE D 98 4.75 -43.49 -17.34
CA PHE D 98 4.02 -42.34 -16.80
C PHE D 98 4.68 -41.02 -17.21
N GLU D 99 5.98 -41.03 -17.48
CA GLU D 99 6.67 -39.82 -17.91
C GLU D 99 6.02 -39.28 -19.18
N GLN D 100 5.11 -40.05 -19.76
CA GLN D 100 4.42 -39.64 -20.97
C GLN D 100 3.37 -38.56 -20.71
N TYR D 101 2.73 -38.58 -19.53
CA TYR D 101 1.71 -37.60 -19.19
C TYR D 101 2.12 -36.69 -18.04
N ILE D 102 3.16 -37.10 -17.30
CA ILE D 102 3.64 -36.35 -16.15
C ILE D 102 4.99 -35.69 -16.42
N SER D 103 5.06 -34.37 -16.29
CA SER D 103 6.31 -33.65 -16.51
C SER D 103 7.05 -33.42 -15.21
N GLY D 104 6.30 -33.39 -14.11
CA GLY D 104 6.92 -33.18 -12.82
C GLY D 104 6.20 -33.84 -11.68
N VAL D 105 6.94 -34.14 -10.62
CA VAL D 105 6.37 -34.77 -9.43
C VAL D 105 6.69 -33.97 -8.16
N ILE D 106 5.65 -33.57 -7.43
CA ILE D 106 5.82 -32.82 -6.19
C ILE D 106 6.04 -33.86 -5.09
N LEU D 107 7.24 -33.92 -4.55
CA LEU D 107 7.55 -34.91 -3.51
C LEU D 107 7.44 -34.40 -2.08
N HIS D 108 7.26 -35.33 -1.16
CA HIS D 108 7.16 -35.02 0.25
C HIS D 108 8.58 -35.18 0.79
N ASP D 109 8.94 -34.38 1.79
CA ASP D 109 10.27 -34.44 2.39
C ASP D 109 10.78 -35.86 2.65
N GLU D 110 9.88 -36.73 3.09
CA GLU D 110 10.23 -38.13 3.39
C GLU D 110 10.67 -38.89 2.14
N THR D 111 9.88 -38.76 1.09
CA THR D 111 10.12 -39.43 -0.18
C THR D 111 11.46 -39.04 -0.83
N VAL D 112 11.83 -37.78 -0.72
CA VAL D 112 13.08 -37.29 -1.29
C VAL D 112 14.26 -38.20 -0.92
N GLY D 113 14.24 -38.71 0.30
CA GLY D 113 15.31 -39.56 0.78
C GLY D 113 15.04 -41.05 0.60
N GLN D 114 13.85 -41.41 0.17
CA GLN D 114 13.52 -42.82 -0.04
C GLN D 114 14.06 -43.32 -1.38
N LYS D 115 14.11 -44.64 -1.52
CA LYS D 115 14.63 -45.26 -2.73
C LYS D 115 13.61 -46.13 -3.48
N ALA D 116 13.65 -46.09 -4.81
CA ALA D 116 12.77 -46.92 -5.60
C ALA D 116 13.40 -48.31 -5.50
N SER D 117 12.72 -49.34 -6.01
CA SER D 117 13.22 -50.70 -5.93
C SER D 117 14.60 -50.93 -6.59
N ASN D 118 14.93 -50.13 -7.61
CA ASN D 118 16.22 -50.30 -8.28
C ASN D 118 17.37 -49.64 -7.52
N GLY D 119 17.10 -49.14 -6.32
CA GLY D 119 18.15 -48.51 -5.55
C GLY D 119 18.32 -47.02 -5.75
N GLN D 120 17.78 -46.49 -6.85
CA GLN D 120 17.87 -45.05 -7.13
C GLN D 120 16.95 -44.36 -6.12
N THR D 121 17.33 -43.15 -5.69
CA THR D 121 16.47 -42.39 -4.78
C THR D 121 15.36 -41.89 -5.70
N PHE D 122 14.17 -41.64 -5.16
CA PHE D 122 13.08 -41.20 -6.00
C PHE D 122 13.44 -40.02 -6.88
N PRO D 123 14.23 -39.05 -6.36
CA PRO D 123 14.61 -37.93 -7.20
C PRO D 123 15.50 -38.41 -8.36
N GLU D 124 16.43 -39.32 -8.08
CA GLU D 124 17.30 -39.85 -9.12
C GLU D 124 16.46 -40.63 -10.14
N TYR D 125 15.50 -41.40 -9.64
CA TYR D 125 14.63 -42.20 -10.50
C TYR D 125 13.81 -41.32 -11.46
N LEU D 126 13.35 -40.18 -10.97
CA LEU D 126 12.55 -39.26 -11.79
C LEU D 126 13.41 -38.59 -12.84
N THR D 127 14.53 -38.02 -12.39
CA THR D 127 15.44 -37.34 -13.28
C THR D 127 15.82 -38.24 -14.46
N ALA D 128 16.25 -39.46 -14.15
CA ALA D 128 16.63 -40.44 -15.16
C ALA D 128 15.57 -40.60 -16.26
N ARG D 129 14.30 -40.57 -15.86
CA ARG D 129 13.17 -40.71 -16.78
C ARG D 129 12.71 -39.38 -17.40
N GLY D 130 13.48 -38.33 -17.15
CA GLY D 130 13.12 -37.02 -17.68
C GLY D 130 12.01 -36.27 -16.96
N VAL D 131 11.70 -36.67 -15.72
CA VAL D 131 10.67 -36.01 -14.94
C VAL D 131 11.33 -35.17 -13.84
N VAL D 132 10.95 -33.91 -13.76
CA VAL D 132 11.50 -33.00 -12.77
C VAL D 132 11.06 -33.34 -11.35
N PRO D 133 12.02 -33.46 -10.42
CA PRO D 133 11.68 -33.77 -9.03
C PRO D 133 11.28 -32.47 -8.33
N GLY D 134 10.17 -32.49 -7.62
CA GLY D 134 9.70 -31.32 -6.90
C GLY D 134 9.56 -31.57 -5.40
N ILE D 135 9.48 -30.51 -4.61
CA ILE D 135 9.37 -30.68 -3.17
C ILE D 135 8.43 -29.69 -2.47
N LYS D 136 7.61 -30.20 -1.57
CA LYS D 136 6.72 -29.34 -0.81
C LYS D 136 7.58 -28.73 0.30
N THR D 137 7.78 -27.42 0.23
CA THR D 137 8.62 -26.74 1.19
C THR D 137 7.94 -26.07 2.39
N ASP D 138 6.63 -25.81 2.31
CA ASP D 138 5.98 -25.16 3.45
C ASP D 138 6.00 -26.07 4.68
N MET D 139 5.68 -25.50 5.83
CA MET D 139 5.67 -26.26 7.08
C MET D 139 4.29 -26.32 7.72
N GLY D 140 3.26 -26.42 6.90
CA GLY D 140 1.91 -26.53 7.43
C GLY D 140 1.16 -25.27 7.82
N LEU D 141 -0.14 -25.44 8.02
CA LEU D 141 -1.02 -24.36 8.41
C LEU D 141 -1.04 -24.19 9.92
N CYS D 142 -1.29 -22.96 10.34
CA CYS D 142 -1.38 -22.58 11.75
C CYS D 142 -2.41 -21.47 11.79
N PRO D 143 -3.05 -21.26 12.95
CA PRO D 143 -4.05 -20.21 13.07
C PRO D 143 -3.45 -18.87 12.65
N LEU D 144 -4.23 -18.04 11.95
CA LEU D 144 -3.73 -16.76 11.50
C LEU D 144 -3.43 -15.84 12.68
N LEU D 145 -4.31 -15.89 13.67
CA LEU D 145 -4.16 -15.07 14.86
C LEU D 145 -4.40 -13.60 14.55
N GLU D 146 -5.15 -13.37 13.49
CA GLU D 146 -5.55 -12.03 13.06
C GLU D 146 -6.80 -12.32 12.24
N GLY D 147 -7.57 -11.30 11.90
CA GLY D 147 -8.76 -11.54 11.10
C GLY D 147 -9.80 -12.39 11.79
N ALA D 148 -10.48 -13.24 11.02
CA ALA D 148 -11.55 -14.08 11.54
C ALA D 148 -11.19 -15.50 11.97
N GLU D 149 -12.02 -16.02 12.86
CA GLU D 149 -11.86 -17.37 13.39
C GLU D 149 -11.89 -18.31 12.20
N GLY D 150 -11.03 -19.31 12.22
CA GLY D 150 -10.99 -20.25 11.11
C GLY D 150 -9.99 -19.91 10.02
N GLU D 151 -9.39 -18.73 10.07
CA GLU D 151 -8.41 -18.37 9.06
C GLU D 151 -7.02 -18.90 9.45
N GLN D 152 -6.22 -19.27 8.45
CA GLN D 152 -4.92 -19.84 8.75
C GLN D 152 -3.79 -19.23 7.93
N MET D 153 -2.57 -19.30 8.48
CA MET D 153 -1.39 -18.82 7.80
C MET D 153 -0.53 -20.04 7.58
N THR D 154 0.59 -19.88 6.88
CA THR D 154 1.47 -21.01 6.60
C THR D 154 2.86 -20.68 7.08
N GLU D 155 3.43 -21.56 7.90
CA GLU D 155 4.77 -21.38 8.43
C GLU D 155 5.79 -22.05 7.52
N GLY D 156 7.06 -21.69 7.69
CA GLY D 156 8.11 -22.31 6.89
C GLY D 156 9.19 -21.40 6.35
N LEU D 157 9.02 -20.09 6.49
CA LEU D 157 10.00 -19.15 5.97
C LEU D 157 11.35 -19.11 6.69
N ASP D 158 11.36 -19.36 8.00
CA ASP D 158 12.61 -19.35 8.76
C ASP D 158 13.53 -20.48 8.31
N GLY D 159 14.77 -20.14 8.00
CA GLY D 159 15.74 -21.13 7.55
C GLY D 159 15.41 -21.76 6.21
N TYR D 160 14.57 -21.07 5.44
CA TYR D 160 14.15 -21.58 4.13
C TYR D 160 15.28 -21.84 3.13
N VAL D 161 16.16 -20.86 2.93
CA VAL D 161 17.24 -21.02 1.96
C VAL D 161 18.10 -22.25 2.23
N LYS D 162 18.42 -22.48 3.49
CA LYS D 162 19.22 -23.64 3.87
C LYS D 162 18.50 -24.93 3.44
N ARG D 163 17.21 -24.99 3.71
CA ARG D 163 16.42 -26.17 3.38
C ARG D 163 16.34 -26.39 1.87
N ALA D 164 16.02 -25.32 1.15
CA ALA D 164 15.88 -25.38 -0.29
C ALA D 164 17.18 -25.80 -0.98
N SER D 165 18.29 -25.28 -0.47
CA SER D 165 19.59 -25.59 -1.03
C SER D 165 19.88 -27.07 -0.86
N ALA D 166 19.49 -27.62 0.30
CA ALA D 166 19.72 -29.04 0.56
C ALA D 166 18.93 -29.90 -0.43
N TYR D 167 17.67 -29.52 -0.67
CA TYR D 167 16.82 -30.27 -1.59
C TYR D 167 17.36 -30.17 -3.02
N TYR D 168 17.87 -29.00 -3.36
CA TYR D 168 18.42 -28.76 -4.68
C TYR D 168 19.54 -29.78 -4.93
N LYS D 169 20.48 -29.84 -4.02
CA LYS D 169 21.61 -30.76 -4.13
C LYS D 169 21.14 -32.20 -4.21
N LYS D 170 19.87 -32.45 -3.87
CA LYS D 170 19.32 -33.80 -3.91
C LYS D 170 18.59 -34.09 -5.22
N GLY D 171 18.54 -33.11 -6.12
CA GLY D 171 17.87 -33.34 -7.38
C GLY D 171 16.62 -32.52 -7.63
N CYS D 172 16.06 -31.92 -6.58
CA CYS D 172 14.85 -31.13 -6.75
C CYS D 172 15.18 -29.85 -7.51
N ARG D 173 14.31 -29.47 -8.43
CA ARG D 173 14.52 -28.25 -9.21
C ARG D 173 13.33 -27.31 -9.15
N PHE D 174 12.28 -27.72 -8.43
CA PHE D 174 11.09 -26.88 -8.26
C PHE D 174 10.44 -27.24 -6.91
N CYS D 175 9.57 -26.37 -6.42
CA CYS D 175 8.93 -26.63 -5.13
C CYS D 175 7.50 -26.10 -5.05
N LYS D 176 6.81 -26.43 -3.96
CA LYS D 176 5.43 -25.98 -3.77
C LYS D 176 5.20 -25.54 -2.34
N TRP D 177 4.37 -24.52 -2.19
CA TRP D 177 4.02 -23.97 -0.89
C TRP D 177 2.55 -23.59 -0.95
N ARG D 178 1.79 -24.05 0.04
CA ARG D 178 0.36 -23.80 0.05
C ARG D 178 -0.21 -22.93 1.16
N ASN D 179 -0.93 -21.90 0.76
CA ASN D 179 -1.61 -20.99 1.68
C ASN D 179 -3.08 -21.18 1.36
N VAL D 180 -3.92 -21.13 2.38
CA VAL D 180 -5.34 -21.33 2.16
C VAL D 180 -6.19 -20.15 2.56
N TYR D 181 -7.37 -20.09 1.96
CA TYR D 181 -8.31 -19.04 2.24
C TYR D 181 -9.69 -19.71 2.40
N LYS D 182 -10.34 -19.43 3.53
CA LYS D 182 -11.62 -20.03 3.87
C LYS D 182 -12.75 -19.02 3.71
N ILE D 183 -13.63 -19.26 2.75
CA ILE D 183 -14.75 -18.36 2.52
C ILE D 183 -15.74 -18.57 3.64
N GLN D 184 -16.07 -17.51 4.35
CA GLN D 184 -17.04 -17.58 5.42
C GLN D 184 -17.92 -16.36 5.29
N ASN D 185 -19.22 -16.58 5.22
CA ASN D 185 -20.18 -15.49 5.08
C ASN D 185 -19.87 -14.73 3.79
N GLY D 186 -19.49 -15.46 2.75
CA GLY D 186 -19.20 -14.85 1.47
C GLY D 186 -18.00 -13.93 1.38
N THR D 187 -17.09 -14.05 2.35
CA THR D 187 -15.92 -13.19 2.36
C THR D 187 -14.76 -13.82 3.16
N VAL D 188 -13.66 -13.08 3.22
CA VAL D 188 -12.46 -13.48 3.94
C VAL D 188 -11.87 -12.17 4.42
N SER D 189 -11.13 -12.21 5.52
CA SER D 189 -10.57 -10.98 6.06
C SER D 189 -9.36 -10.43 5.31
N GLU D 190 -9.29 -9.10 5.26
CA GLU D 190 -8.17 -8.43 4.62
C GLU D 190 -6.89 -8.86 5.32
N SER D 191 -6.99 -9.22 6.59
CA SER D 191 -5.83 -9.68 7.34
C SER D 191 -5.30 -10.92 6.62
N ALA D 192 -6.21 -11.86 6.36
CA ALA D 192 -5.86 -13.09 5.68
C ALA D 192 -5.35 -12.80 4.26
N VAL D 193 -6.09 -11.97 3.52
CA VAL D 193 -5.73 -11.63 2.16
C VAL D 193 -4.35 -10.99 2.02
N ARG D 194 -4.02 -10.08 2.92
CA ARG D 194 -2.72 -9.43 2.83
C ARG D 194 -1.57 -10.31 3.33
N PHE D 195 -1.74 -10.90 4.49
CA PHE D 195 -0.68 -11.71 5.07
C PHE D 195 -0.30 -12.94 4.27
N ASN D 196 -1.28 -13.71 3.82
CA ASN D 196 -0.95 -14.90 3.06
C ASN D 196 -0.32 -14.56 1.71
N ALA D 197 -0.67 -13.39 1.17
CA ALA D 197 -0.10 -12.99 -0.11
C ALA D 197 1.38 -12.66 0.13
N GLU D 198 1.66 -11.94 1.21
CA GLU D 198 3.03 -11.59 1.55
C GLU D 198 3.83 -12.86 1.78
N THR D 199 3.23 -13.82 2.48
CA THR D 199 3.92 -15.08 2.74
C THR D 199 4.32 -15.81 1.44
N LEU D 200 3.37 -15.94 0.52
CA LEU D 200 3.64 -16.63 -0.74
C LEU D 200 4.71 -15.93 -1.54
N ALA D 201 4.66 -14.61 -1.53
CA ALA D 201 5.61 -13.77 -2.23
C ALA D 201 7.04 -13.96 -1.74
N ARG D 202 7.23 -13.96 -0.42
CA ARG D 202 8.56 -14.15 0.14
C ARG D 202 9.02 -15.55 -0.23
N TYR D 203 8.11 -16.51 -0.13
CA TYR D 203 8.38 -17.90 -0.46
C TYR D 203 8.95 -18.01 -1.86
N ALA D 204 8.30 -17.35 -2.83
CA ALA D 204 8.74 -17.41 -4.21
C ALA D 204 10.16 -16.89 -4.38
N ILE D 205 10.44 -15.73 -3.78
CA ILE D 205 11.76 -15.12 -3.86
C ILE D 205 12.85 -16.03 -3.26
N LEU D 206 12.64 -16.50 -2.03
CA LEU D 206 13.64 -17.35 -1.39
C LEU D 206 13.90 -18.61 -2.21
N SER D 207 12.85 -19.20 -2.77
CA SER D 207 12.98 -20.40 -3.58
C SER D 207 13.86 -20.15 -4.82
N GLN D 208 13.54 -19.11 -5.58
CA GLN D 208 14.29 -18.79 -6.78
C GLN D 208 15.75 -18.47 -6.45
N MET D 209 15.98 -17.91 -5.26
CA MET D 209 17.34 -17.61 -4.84
C MET D 209 18.05 -18.92 -4.48
N SER D 210 17.27 -20.00 -4.39
CA SER D 210 17.85 -21.29 -4.05
C SER D 210 17.89 -22.24 -5.22
N GLY D 211 17.38 -21.80 -6.36
CA GLY D 211 17.39 -22.63 -7.55
C GLY D 211 16.13 -23.47 -7.74
N LEU D 212 15.07 -23.17 -6.99
CA LEU D 212 13.83 -23.91 -7.13
C LEU D 212 12.73 -23.04 -7.73
N VAL D 213 12.05 -23.57 -8.74
CA VAL D 213 10.95 -22.86 -9.39
C VAL D 213 9.78 -22.94 -8.42
N PRO D 214 9.36 -21.81 -7.86
CA PRO D 214 8.23 -21.82 -6.92
C PRO D 214 6.87 -21.99 -7.54
N ILE D 215 6.11 -22.95 -7.04
CA ILE D 215 4.74 -23.16 -7.50
C ILE D 215 3.92 -22.49 -6.41
N VAL D 216 3.37 -21.32 -6.72
CA VAL D 216 2.58 -20.57 -5.76
C VAL D 216 1.14 -21.05 -5.68
N GLU D 217 0.78 -21.59 -4.51
CA GLU D 217 -0.57 -22.08 -4.33
C GLU D 217 -1.41 -21.25 -3.37
N PRO D 218 -2.23 -20.36 -3.91
CA PRO D 218 -3.11 -19.51 -3.10
C PRO D 218 -4.48 -20.15 -3.27
N GLU D 219 -4.78 -21.11 -2.40
CA GLU D 219 -6.05 -21.84 -2.50
C GLU D 219 -7.27 -21.28 -1.78
N VAL D 220 -8.28 -20.92 -2.56
CA VAL D 220 -9.54 -20.47 -2.03
C VAL D 220 -10.26 -21.81 -1.90
N MET D 221 -10.43 -22.27 -0.67
CA MET D 221 -11.05 -23.56 -0.43
C MET D 221 -12.47 -23.72 -0.91
N ILE D 222 -12.77 -24.94 -1.37
CA ILE D 222 -14.08 -25.28 -1.89
C ILE D 222 -15.10 -25.41 -0.76
N ASP D 223 -14.62 -25.75 0.43
CA ASP D 223 -15.46 -25.93 1.61
C ASP D 223 -16.39 -24.75 1.84
N GLY D 224 -17.66 -25.04 2.04
CA GLY D 224 -18.63 -23.98 2.26
C GLY D 224 -19.91 -24.12 1.46
N LYS D 225 -20.86 -23.25 1.75
CA LYS D 225 -22.15 -23.26 1.08
C LYS D 225 -22.25 -22.21 -0.01
N HIS D 226 -21.19 -21.41 -0.18
CA HIS D 226 -21.18 -20.34 -1.19
C HIS D 226 -21.43 -20.85 -2.61
N ASP D 227 -21.78 -19.94 -3.52
CA ASP D 227 -22.03 -20.32 -4.89
C ASP D 227 -20.86 -19.92 -5.78
N ILE D 228 -20.91 -20.32 -7.05
CA ILE D 228 -19.82 -20.02 -7.97
C ILE D 228 -19.48 -18.54 -8.08
N ASP D 229 -20.48 -17.67 -7.91
CA ASP D 229 -20.24 -16.23 -8.01
C ASP D 229 -19.42 -15.76 -6.83
N THR D 230 -19.68 -16.32 -5.67
CA THR D 230 -18.93 -15.95 -4.47
C THR D 230 -17.50 -16.43 -4.62
N CYS D 231 -17.31 -17.65 -5.13
CA CYS D 231 -15.98 -18.17 -5.32
C CYS D 231 -15.23 -17.26 -6.29
N GLN D 232 -15.93 -16.82 -7.34
CA GLN D 232 -15.34 -15.95 -8.35
C GLN D 232 -14.84 -14.64 -7.74
N ARG D 233 -15.68 -14.00 -6.93
CA ARG D 233 -15.33 -12.74 -6.27
C ARG D 233 -14.12 -12.89 -5.33
N VAL D 234 -14.19 -13.86 -4.41
CA VAL D 234 -13.11 -14.07 -3.46
C VAL D 234 -11.82 -14.48 -4.17
N SER D 235 -11.92 -15.38 -5.13
CA SER D 235 -10.74 -15.82 -5.87
C SER D 235 -10.02 -14.66 -6.55
N GLU D 236 -10.78 -13.79 -7.21
CA GLU D 236 -10.21 -12.63 -7.87
C GLU D 236 -9.57 -11.71 -6.84
N HIS D 237 -10.28 -11.48 -5.74
CA HIS D 237 -9.76 -10.61 -4.69
C HIS D 237 -8.48 -11.16 -4.06
N VAL D 238 -8.48 -12.45 -3.77
CA VAL D 238 -7.33 -13.13 -3.19
C VAL D 238 -6.16 -13.15 -4.19
N TRP D 239 -6.42 -13.59 -5.40
CA TRP D 239 -5.38 -13.70 -6.41
C TRP D 239 -4.67 -12.40 -6.80
N ARG D 240 -5.42 -11.31 -6.93
CA ARG D 240 -4.79 -10.06 -7.31
C ARG D 240 -3.85 -9.55 -6.21
N GLU D 241 -4.13 -9.91 -4.96
CA GLU D 241 -3.25 -9.45 -3.89
C GLU D 241 -1.98 -10.29 -3.91
N VAL D 242 -2.08 -11.55 -4.33
CA VAL D 242 -0.90 -12.40 -4.40
C VAL D 242 -0.02 -11.81 -5.50
N VAL D 243 -0.66 -11.41 -6.61
CA VAL D 243 0.09 -10.82 -7.71
C VAL D 243 0.80 -9.57 -7.23
N ALA D 244 0.07 -8.69 -6.56
CA ALA D 244 0.62 -7.42 -6.05
C ALA D 244 1.83 -7.61 -5.14
N ALA D 245 1.82 -8.68 -4.35
CA ALA D 245 2.93 -8.94 -3.44
C ALA D 245 4.12 -9.50 -4.22
N LEU D 246 3.84 -10.29 -5.24
CA LEU D 246 4.92 -10.85 -6.05
C LEU D 246 5.68 -9.71 -6.74
N GLN D 247 4.96 -8.65 -7.12
CA GLN D 247 5.59 -7.50 -7.76
C GLN D 247 6.42 -6.72 -6.74
N ARG D 248 5.86 -6.55 -5.53
CA ARG D 248 6.57 -5.84 -4.47
C ARG D 248 7.90 -6.50 -4.13
N HIS D 249 7.91 -7.83 -4.17
CA HIS D 249 9.13 -8.58 -3.85
C HIS D 249 9.98 -8.87 -5.08
N GLY D 250 9.57 -8.33 -6.22
CA GLY D 250 10.31 -8.53 -7.46
C GLY D 250 10.53 -9.95 -7.93
N VAL D 251 9.47 -10.75 -8.00
CA VAL D 251 9.60 -12.12 -8.47
C VAL D 251 10.01 -12.13 -9.94
N ILE D 252 10.66 -13.22 -10.36
CA ILE D 252 11.04 -13.36 -11.76
C ILE D 252 9.86 -14.10 -12.34
N TRP D 253 9.01 -13.36 -13.05
CA TRP D 253 7.81 -13.94 -13.62
C TRP D 253 8.03 -15.11 -14.55
N GLU D 254 9.09 -15.04 -15.34
CA GLU D 254 9.40 -16.12 -16.27
C GLU D 254 9.72 -17.43 -15.54
N GLY D 255 10.06 -17.33 -14.25
CA GLY D 255 10.41 -18.53 -13.50
C GLY D 255 9.53 -18.99 -12.34
N CYS D 256 8.22 -18.87 -12.47
CA CYS D 256 7.32 -19.33 -11.42
C CYS D 256 6.04 -19.90 -12.02
N LEU D 257 5.30 -20.65 -11.20
CA LEU D 257 4.05 -21.27 -11.64
C LEU D 257 2.98 -21.06 -10.58
N LEU D 258 1.73 -21.04 -11.02
CA LEU D 258 0.61 -20.87 -10.10
C LEU D 258 -0.17 -22.18 -10.02
N LYS D 259 -0.60 -22.53 -8.80
CA LYS D 259 -1.39 -23.73 -8.57
C LYS D 259 -2.64 -23.23 -7.84
N PRO D 260 -3.59 -22.66 -8.58
CA PRO D 260 -4.81 -22.13 -7.98
C PRO D 260 -5.93 -23.15 -7.93
N ASN D 261 -7.04 -22.74 -7.33
CA ASN D 261 -8.23 -23.57 -7.26
C ASN D 261 -9.05 -23.15 -8.50
N MET D 262 -9.90 -24.05 -9.01
CA MET D 262 -10.74 -23.69 -10.13
C MET D 262 -11.89 -22.92 -9.47
N VAL D 263 -12.58 -22.08 -10.23
CA VAL D 263 -13.69 -21.35 -9.65
C VAL D 263 -14.92 -22.24 -9.80
N VAL D 264 -15.39 -22.76 -8.67
CA VAL D 264 -16.55 -23.65 -8.67
C VAL D 264 -17.42 -23.38 -7.46
N PRO D 265 -18.62 -23.96 -7.44
CA PRO D 265 -19.53 -23.78 -6.30
C PRO D 265 -18.96 -24.45 -5.06
N GLY D 266 -19.38 -24.00 -3.88
CA GLY D 266 -18.90 -24.59 -2.65
C GLY D 266 -19.30 -26.05 -2.53
N ALA D 267 -18.48 -26.85 -1.87
CA ALA D 267 -18.76 -28.28 -1.71
C ALA D 267 -20.12 -28.59 -1.07
N GLU D 268 -20.56 -27.74 -0.15
CA GLU D 268 -21.84 -27.95 0.53
C GLU D 268 -22.93 -27.01 0.07
N SER D 269 -22.81 -26.43 -1.12
CA SER D 269 -23.83 -25.53 -1.63
C SER D 269 -24.97 -26.30 -2.30
N GLY D 270 -24.75 -27.58 -2.56
CA GLY D 270 -25.77 -28.39 -3.22
C GLY D 270 -25.97 -28.02 -4.69
N LYS D 271 -25.08 -27.18 -5.23
CA LYS D 271 -25.17 -26.77 -6.63
C LYS D 271 -24.07 -27.38 -7.49
N THR D 272 -24.32 -27.42 -8.79
CA THR D 272 -23.37 -27.98 -9.74
C THR D 272 -23.15 -26.98 -10.86
N ALA D 273 -21.94 -26.95 -11.41
CA ALA D 273 -21.62 -26.04 -12.50
C ALA D 273 -21.15 -26.86 -13.70
N ALA D 274 -21.62 -26.48 -14.88
CA ALA D 274 -21.25 -27.16 -16.10
C ALA D 274 -19.79 -26.87 -16.41
N PRO D 275 -19.06 -27.85 -16.96
CA PRO D 275 -17.65 -27.66 -17.30
C PRO D 275 -17.40 -26.34 -18.02
N GLU D 276 -18.35 -25.93 -18.86
CA GLU D 276 -18.24 -24.70 -19.61
C GLU D 276 -18.35 -23.47 -18.71
N GLN D 277 -19.15 -23.56 -17.66
CA GLN D 277 -19.31 -22.44 -16.74
C GLN D 277 -18.04 -22.33 -15.90
N VAL D 278 -17.56 -23.47 -15.43
CA VAL D 278 -16.34 -23.50 -14.64
C VAL D 278 -15.16 -22.94 -15.44
N ALA D 279 -15.11 -23.29 -16.72
CA ALA D 279 -14.02 -22.83 -17.59
C ALA D 279 -14.10 -21.32 -17.72
N HIS D 280 -15.31 -20.83 -17.99
CA HIS D 280 -15.55 -19.40 -18.15
C HIS D 280 -15.13 -18.60 -16.91
N TYR D 281 -15.64 -18.98 -15.74
CA TYR D 281 -15.30 -18.26 -14.51
C TYR D 281 -13.82 -18.38 -14.16
N THR D 282 -13.28 -19.58 -14.22
CA THR D 282 -11.87 -19.79 -13.91
C THR D 282 -10.92 -19.02 -14.84
N VAL D 283 -11.14 -19.14 -16.14
CA VAL D 283 -10.28 -18.44 -17.10
C VAL D 283 -10.47 -16.93 -17.00
N MET D 284 -11.69 -16.50 -16.69
CA MET D 284 -11.99 -15.08 -16.55
C MET D 284 -11.30 -14.46 -15.32
N THR D 285 -11.26 -15.23 -14.23
CA THR D 285 -10.65 -14.73 -13.01
C THR D 285 -9.13 -14.64 -13.17
N LEU D 286 -8.52 -15.72 -13.63
CA LEU D 286 -7.08 -15.72 -13.86
C LEU D 286 -6.69 -14.55 -14.75
N ALA D 287 -7.45 -14.34 -15.81
CA ALA D 287 -7.14 -13.25 -16.75
C ALA D 287 -7.23 -11.85 -16.15
N ARG D 288 -8.16 -11.66 -15.23
CA ARG D 288 -8.32 -10.35 -14.61
C ARG D 288 -7.28 -10.05 -13.55
N THR D 289 -6.55 -11.08 -13.10
CA THR D 289 -5.55 -10.91 -12.04
C THR D 289 -4.10 -11.25 -12.37
N MET D 290 -3.89 -12.28 -13.18
CA MET D 290 -2.54 -12.73 -13.53
C MET D 290 -1.88 -11.97 -14.68
N PRO D 291 -0.62 -11.53 -14.49
CA PRO D 291 0.06 -10.82 -15.58
C PRO D 291 0.27 -11.81 -16.73
N ALA D 292 0.29 -11.29 -17.94
CA ALA D 292 0.45 -12.12 -19.14
C ALA D 292 1.73 -12.96 -19.18
N MET D 293 2.77 -12.54 -18.47
CA MET D 293 4.02 -13.28 -18.47
C MET D 293 3.98 -14.59 -17.68
N LEU D 294 3.02 -14.72 -16.76
CA LEU D 294 2.90 -15.94 -15.97
C LEU D 294 3.00 -17.13 -16.92
N PRO D 295 4.00 -18.00 -16.70
CA PRO D 295 4.25 -19.20 -17.52
C PRO D 295 3.16 -20.24 -17.54
N GLY D 296 2.74 -20.69 -16.37
CA GLY D 296 1.71 -21.72 -16.31
C GLY D 296 0.84 -21.71 -15.07
N VAL D 297 -0.28 -22.42 -15.19
CA VAL D 297 -1.25 -22.54 -14.13
C VAL D 297 -1.55 -24.03 -14.04
N MET D 298 -1.17 -24.65 -12.93
CA MET D 298 -1.41 -26.08 -12.73
C MET D 298 -2.46 -26.22 -11.63
N PHE D 299 -3.71 -26.45 -12.04
CA PHE D 299 -4.84 -26.56 -11.12
C PHE D 299 -4.81 -27.66 -10.08
N LEU D 300 -5.38 -27.35 -8.92
CA LEU D 300 -5.48 -28.31 -7.84
C LEU D 300 -6.83 -28.98 -8.04
N SER D 301 -6.94 -30.24 -7.61
CA SER D 301 -8.20 -30.95 -7.77
C SER D 301 -9.08 -30.69 -6.55
N GLY D 302 -8.44 -30.72 -5.38
CA GLY D 302 -9.09 -30.49 -4.09
C GLY D 302 -10.59 -30.38 -4.04
N GLY D 303 -11.27 -31.49 -3.80
CA GLY D 303 -12.71 -31.49 -3.70
C GLY D 303 -13.39 -32.09 -4.91
N LEU D 304 -12.89 -31.77 -6.10
CA LEU D 304 -13.45 -32.28 -7.33
C LEU D 304 -13.20 -33.77 -7.48
N SER D 305 -14.11 -34.45 -8.15
CA SER D 305 -13.97 -35.89 -8.37
C SER D 305 -13.01 -36.11 -9.53
N GLU D 306 -12.48 -37.32 -9.64
CA GLU D 306 -11.54 -37.63 -10.71
C GLU D 306 -12.01 -37.17 -12.09
N VAL D 307 -13.29 -37.38 -12.40
CA VAL D 307 -13.81 -36.98 -13.71
C VAL D 307 -13.97 -35.48 -13.84
N GLN D 308 -14.54 -34.83 -12.84
CA GLN D 308 -14.73 -33.38 -12.90
C GLN D 308 -13.40 -32.69 -13.18
N ALA D 309 -12.35 -33.17 -12.52
CA ALA D 309 -11.03 -32.60 -12.71
C ALA D 309 -10.70 -32.62 -14.19
N SER D 310 -10.91 -33.78 -14.82
CA SER D 310 -10.63 -33.94 -16.24
C SER D 310 -11.55 -33.07 -17.09
N GLU D 311 -12.85 -33.18 -16.86
CA GLU D 311 -13.83 -32.40 -17.62
C GLU D 311 -13.57 -30.90 -17.54
N TYR D 312 -13.45 -30.37 -16.33
CA TYR D 312 -13.21 -28.94 -16.15
C TYR D 312 -11.92 -28.47 -16.80
N LEU D 313 -10.86 -29.25 -16.66
CA LEU D 313 -9.59 -28.87 -17.26
C LEU D 313 -9.76 -28.78 -18.77
N ASN D 314 -10.42 -29.79 -19.33
CA ASN D 314 -10.67 -29.84 -20.76
C ASN D 314 -11.47 -28.62 -21.21
N ALA D 315 -12.54 -28.31 -20.48
CA ALA D 315 -13.36 -27.16 -20.82
C ALA D 315 -12.51 -25.89 -20.80
N ILE D 316 -11.60 -25.80 -19.84
CA ILE D 316 -10.73 -24.64 -19.72
C ILE D 316 -9.79 -24.51 -20.92
N ASN D 317 -9.33 -25.63 -21.47
CA ASN D 317 -8.44 -25.58 -22.62
C ASN D 317 -9.22 -25.44 -23.94
N ASN D 318 -10.48 -25.01 -23.82
CA ASN D 318 -11.33 -24.79 -24.97
C ASN D 318 -12.07 -23.47 -24.80
N SER D 319 -11.65 -22.71 -23.79
CA SER D 319 -12.24 -21.42 -23.48
C SER D 319 -11.80 -20.43 -24.52
N PRO D 320 -12.74 -19.60 -25.00
CA PRO D 320 -12.39 -18.59 -26.02
C PRO D 320 -11.85 -17.31 -25.37
N LEU D 321 -11.66 -17.34 -24.06
CA LEU D 321 -11.16 -16.16 -23.35
C LEU D 321 -9.65 -16.09 -23.39
N PRO D 322 -9.08 -14.91 -23.13
CA PRO D 322 -7.63 -14.76 -23.14
C PRO D 322 -6.97 -15.63 -22.06
N ARG D 323 -5.93 -16.35 -22.46
CA ARG D 323 -5.21 -17.23 -21.56
C ARG D 323 -3.89 -17.60 -22.24
N PRO D 324 -2.86 -16.75 -22.09
CA PRO D 324 -1.53 -16.93 -22.67
C PRO D 324 -0.69 -17.97 -21.95
N TYR D 325 -1.07 -18.27 -20.71
CA TYR D 325 -0.33 -19.23 -19.92
C TYR D 325 -0.74 -20.67 -20.15
N PHE D 326 0.22 -21.55 -19.95
CA PHE D 326 -0.01 -22.98 -20.07
C PHE D 326 -1.05 -23.32 -18.99
N LEU D 327 -2.15 -23.97 -19.37
CA LEU D 327 -3.18 -24.35 -18.40
C LEU D 327 -3.21 -25.87 -18.28
N SER D 328 -2.67 -26.39 -17.18
CA SER D 328 -2.64 -27.82 -16.96
C SER D 328 -3.08 -28.21 -15.55
N PHE D 329 -2.56 -29.34 -15.07
CA PHE D 329 -2.95 -29.84 -13.77
C PHE D 329 -1.81 -30.07 -12.80
N SER D 330 -2.16 -30.20 -11.54
CA SER D 330 -1.24 -30.49 -10.46
C SER D 330 -2.14 -31.19 -9.47
N TYR D 331 -2.58 -32.40 -9.86
CA TYR D 331 -3.49 -33.20 -9.06
C TYR D 331 -2.83 -34.23 -8.18
N ALA D 332 -3.52 -34.55 -7.09
CA ALA D 332 -3.07 -35.56 -6.15
C ALA D 332 -4.23 -36.53 -6.13
N ARG D 333 -5.32 -36.12 -5.48
CA ARG D 333 -6.51 -36.96 -5.40
C ARG D 333 -7.03 -37.39 -6.75
N ALA D 334 -7.36 -36.41 -7.61
CA ALA D 334 -7.89 -36.68 -8.94
C ALA D 334 -7.04 -37.61 -9.79
N LEU D 335 -5.85 -37.93 -9.32
CA LEU D 335 -4.97 -38.84 -10.06
C LEU D 335 -4.67 -40.12 -9.31
N GLN D 336 -4.92 -40.14 -8.01
CA GLN D 336 -4.61 -41.31 -7.19
C GLN D 336 -5.80 -42.07 -6.64
N SER D 337 -6.97 -41.44 -6.59
CA SER D 337 -8.15 -42.10 -6.06
C SER D 337 -8.35 -43.50 -6.60
N SER D 338 -8.82 -43.60 -7.84
CA SER D 338 -9.07 -44.91 -8.46
C SER D 338 -7.87 -45.87 -8.40
N ALA D 339 -6.66 -45.34 -8.60
CA ALA D 339 -5.46 -46.17 -8.56
C ALA D 339 -5.34 -46.85 -7.20
N LEU D 340 -5.56 -46.09 -6.13
CA LEU D 340 -5.47 -46.63 -4.78
C LEU D 340 -6.51 -47.72 -4.55
N LYS D 341 -7.72 -47.48 -5.02
CA LYS D 341 -8.80 -48.45 -4.87
C LYS D 341 -8.45 -49.79 -5.51
N ALA D 342 -7.73 -49.75 -6.63
CA ALA D 342 -7.33 -50.96 -7.33
C ALA D 342 -6.08 -51.59 -6.72
N TRP D 343 -5.20 -50.76 -6.18
CA TRP D 343 -3.97 -51.26 -5.57
C TRP D 343 -4.25 -51.98 -4.25
N GLY D 344 -5.14 -51.42 -3.44
CA GLY D 344 -5.48 -52.02 -2.17
C GLY D 344 -4.31 -52.26 -1.24
N GLY D 345 -3.16 -51.68 -1.55
CA GLY D 345 -2.00 -51.88 -0.70
C GLY D 345 -1.35 -53.23 -0.89
N LYS D 346 -1.80 -53.98 -1.90
CA LYS D 346 -1.27 -55.31 -2.18
C LYS D 346 -0.21 -55.27 -3.29
N GLU D 347 0.83 -56.10 -3.17
CA GLU D 347 1.84 -56.13 -4.20
C GLU D 347 1.17 -56.74 -5.43
N SER D 348 0.14 -57.55 -5.17
CA SER D 348 -0.61 -58.21 -6.22
C SER D 348 -1.65 -57.29 -6.84
N GLY D 349 -1.57 -56.01 -6.50
CA GLY D 349 -2.52 -55.05 -7.03
C GLY D 349 -1.84 -53.92 -7.76
N LEU D 350 -0.52 -54.02 -7.91
CA LEU D 350 0.25 -53.00 -8.60
C LEU D 350 -0.18 -52.86 -10.05
N ALA D 351 -0.36 -54.00 -10.71
CA ALA D 351 -0.77 -54.01 -12.12
C ALA D 351 -2.02 -53.17 -12.35
N ALA D 352 -3.09 -53.51 -11.63
CA ALA D 352 -4.35 -52.79 -11.77
C ALA D 352 -4.24 -51.36 -11.25
N GLY D 353 -3.67 -51.21 -10.05
CA GLY D 353 -3.51 -49.87 -9.51
C GLY D 353 -2.84 -49.02 -10.57
N ARG D 354 -1.71 -49.51 -11.06
CA ARG D 354 -0.95 -48.79 -12.09
C ARG D 354 -1.76 -48.52 -13.34
N ARG D 355 -2.57 -49.47 -13.77
CA ARG D 355 -3.38 -49.24 -14.96
C ARG D 355 -4.33 -48.08 -14.70
N ALA D 356 -4.95 -48.09 -13.53
CA ALA D 356 -5.90 -47.06 -13.14
C ALA D 356 -5.26 -45.68 -13.16
N PHE D 357 -4.03 -45.61 -12.66
CA PHE D 357 -3.27 -44.36 -12.59
C PHE D 357 -3.00 -43.82 -13.99
N LEU D 358 -2.37 -44.63 -14.83
CA LEU D 358 -2.05 -44.20 -16.21
C LEU D 358 -3.30 -43.76 -16.95
N HIS D 359 -4.44 -44.41 -16.67
CA HIS D 359 -5.67 -44.04 -17.34
C HIS D 359 -5.99 -42.58 -17.03
N ARG D 360 -6.13 -42.28 -15.74
CA ARG D 360 -6.42 -40.92 -15.30
C ARG D 360 -5.38 -39.94 -15.81
N ALA D 361 -4.11 -40.29 -15.67
CA ALA D 361 -3.02 -39.44 -16.13
C ALA D 361 -3.19 -39.10 -17.61
N ARG D 362 -3.60 -40.11 -18.38
CA ARG D 362 -3.81 -39.96 -19.81
C ARG D 362 -5.02 -39.07 -20.10
N MET D 363 -6.09 -39.24 -19.33
CA MET D 363 -7.29 -38.43 -19.52
C MET D 363 -6.97 -36.95 -19.32
N ASN D 364 -6.31 -36.63 -18.21
CA ASN D 364 -5.94 -35.25 -17.92
C ASN D 364 -4.90 -34.75 -18.92
N SER D 365 -4.14 -35.67 -19.50
CA SER D 365 -3.16 -35.29 -20.50
C SER D 365 -3.94 -34.80 -21.71
N MET D 366 -4.99 -35.53 -22.06
CA MET D 366 -5.81 -35.14 -23.20
C MET D 366 -6.58 -33.87 -22.87
N ALA D 367 -6.95 -33.72 -21.60
CA ALA D 367 -7.67 -32.54 -21.14
C ALA D 367 -6.78 -31.31 -21.30
N GLN D 368 -5.49 -31.49 -20.99
CA GLN D 368 -4.55 -30.39 -21.12
C GLN D 368 -4.57 -29.98 -22.58
N LEU D 369 -4.72 -30.97 -23.46
CA LEU D 369 -4.75 -30.72 -24.90
C LEU D 369 -6.15 -30.34 -25.37
N GLY D 370 -7.12 -30.35 -24.45
CA GLY D 370 -8.48 -30.00 -24.81
C GLY D 370 -9.15 -31.04 -25.69
N LYS D 371 -8.62 -32.25 -25.68
CA LYS D 371 -9.18 -33.33 -26.48
C LYS D 371 -9.70 -34.44 -25.61
N TYR D 372 -10.16 -34.09 -24.41
CA TYR D 372 -10.71 -35.07 -23.49
C TYR D 372 -12.04 -35.56 -24.01
N LYS D 373 -12.26 -36.87 -23.89
CA LYS D 373 -13.49 -37.49 -24.35
C LYS D 373 -14.13 -38.17 -23.16
N ARG D 374 -15.29 -37.70 -22.73
CA ARG D 374 -15.95 -38.30 -21.58
C ARG D 374 -16.23 -39.79 -21.76
N SER D 375 -16.49 -40.21 -23.01
CA SER D 375 -16.79 -41.60 -23.29
C SER D 375 -15.67 -42.52 -22.78
N ASP D 376 -14.44 -42.02 -22.76
CA ASP D 376 -13.31 -42.81 -22.29
C ASP D 376 -13.42 -43.12 -20.80
N ASP D 377 -14.29 -42.38 -20.10
CA ASP D 377 -14.48 -42.61 -18.68
C ASP D 377 -15.80 -43.32 -18.40
N ASP D 378 -16.51 -43.70 -19.46
CA ASP D 378 -17.78 -44.41 -19.32
C ASP D 378 -17.52 -45.91 -19.29
#